data_1O4E
# 
_entry.id   1O4E 
# 
_audit_conform.dict_name       mmcif_pdbx.dic 
_audit_conform.dict_version    5.399 
_audit_conform.dict_location   http://mmcif.pdb.org/dictionaries/ascii/mmcif_pdbx.dic 
# 
loop_
_database_2.database_id 
_database_2.database_code 
_database_2.pdbx_database_accession 
_database_2.pdbx_DOI 
PDB   1O4E         pdb_00001o4e 10.2210/pdb1o4e/pdb 
RCSB  RCSB001789   ?            ?                   
WWPDB D_1000001789 ?            ?                   
# 
loop_
_pdbx_audit_revision_history.ordinal 
_pdbx_audit_revision_history.data_content_type 
_pdbx_audit_revision_history.major_revision 
_pdbx_audit_revision_history.minor_revision 
_pdbx_audit_revision_history.revision_date 
1 'Structure model' 1 0 2004-02-17 
2 'Structure model' 1 1 2008-04-26 
3 'Structure model' 1 2 2011-07-13 
4 'Structure model' 1 3 2023-08-16 
5 'Structure model' 1 4 2024-11-20 
# 
_pdbx_audit_revision_details.ordinal             1 
_pdbx_audit_revision_details.revision_ordinal    1 
_pdbx_audit_revision_details.data_content_type   'Structure model' 
_pdbx_audit_revision_details.provider            repository 
_pdbx_audit_revision_details.type                'Initial release' 
_pdbx_audit_revision_details.description         ? 
_pdbx_audit_revision_details.details             ? 
# 
loop_
_pdbx_audit_revision_group.ordinal 
_pdbx_audit_revision_group.revision_ordinal 
_pdbx_audit_revision_group.data_content_type 
_pdbx_audit_revision_group.group 
1 2 'Structure model' 'Version format compliance' 
2 3 'Structure model' 'Version format compliance' 
3 4 'Structure model' 'Data collection'           
4 4 'Structure model' 'Database references'       
5 4 'Structure model' 'Derived calculations'      
6 4 'Structure model' 'Refinement description'    
7 5 'Structure model' 'Structure summary'         
# 
loop_
_pdbx_audit_revision_category.ordinal 
_pdbx_audit_revision_category.revision_ordinal 
_pdbx_audit_revision_category.data_content_type 
_pdbx_audit_revision_category.category 
1 4 'Structure model' chem_comp_atom                
2 4 'Structure model' chem_comp_bond                
3 4 'Structure model' database_2                    
4 4 'Structure model' pdbx_initial_refinement_model 
5 4 'Structure model' struct_conn                   
6 4 'Structure model' struct_site                   
7 5 'Structure model' pdbx_entry_details            
8 5 'Structure model' pdbx_modification_feature     
# 
loop_
_pdbx_audit_revision_item.ordinal 
_pdbx_audit_revision_item.revision_ordinal 
_pdbx_audit_revision_item.data_content_type 
_pdbx_audit_revision_item.item 
1 4 'Structure model' '_database_2.pdbx_DOI'                
2 4 'Structure model' '_database_2.pdbx_database_accession' 
3 4 'Structure model' '_struct_conn.pdbx_leaving_atom_flag' 
4 4 'Structure model' '_struct_site.pdbx_auth_asym_id'      
5 4 'Structure model' '_struct_site.pdbx_auth_comp_id'      
6 4 'Structure model' '_struct_site.pdbx_auth_seq_id'       
# 
_pdbx_database_status.status_code                     REL 
_pdbx_database_status.entry_id                        1O4E 
_pdbx_database_status.recvd_initial_deposition_date   2003-06-15 
_pdbx_database_status.deposit_site                    RCSB 
_pdbx_database_status.process_site                    RCSB 
_pdbx_database_status.SG_entry                        . 
_pdbx_database_status.pdb_format_compatible           Y 
_pdbx_database_status.status_code_mr                  ? 
_pdbx_database_status.status_code_sf                  ? 
_pdbx_database_status.status_code_cs                  ? 
_pdbx_database_status.status_code_nmr_data            ? 
_pdbx_database_status.methods_development_category    ? 
# 
loop_
_audit_author.name 
_audit_author.pdbx_ordinal 
'Lange, G.'  1 
'Loenze, P.' 2 
'Liesum, A.' 3 
# 
_citation.id                        primary 
_citation.title                     
;Requirements for specific binding of low affinity inhibitor fragments to the SH2 domain of (pp60)Src are identical to those for high affinity binding of full length inhibitors.
;
_citation.journal_abbrev            J.Med.Chem. 
_citation.journal_volume            46 
_citation.page_first                5184 
_citation.page_last                 5195 
_citation.year                      2003 
_citation.journal_id_ASTM           JMCMAR 
_citation.country                   US 
_citation.journal_id_ISSN           0022-2623 
_citation.journal_id_CSD            0151 
_citation.book_publisher            ? 
_citation.pdbx_database_id_PubMed   14613321 
_citation.pdbx_database_id_DOI      10.1021/jm020970s 
# 
loop_
_citation_author.citation_id 
_citation_author.name 
_citation_author.ordinal 
_citation_author.identifier_ORCID 
primary 'Lange, G.'       1  ? 
primary 'Lesuisse, D.'    2  ? 
primary 'Deprez, P.'      3  ? 
primary 'Schoot, B.'      4  ? 
primary 'Loenze, P.'      5  ? 
primary 'Benard, D.'      6  ? 
primary 'Marquette, J.P.' 7  ? 
primary 'Broto, P.'       8  ? 
primary 'Sarubbi, E.'     9  ? 
primary 'Mandine, E.'     10 ? 
# 
loop_
_entity.id 
_entity.type 
_entity.src_method 
_entity.pdbx_description 
_entity.formula_weight 
_entity.pdbx_number_of_molecules 
_entity.pdbx_ec 
_entity.pdbx_mutation 
_entity.pdbx_fragment 
_entity.details 
1 polymer     man 'PROTO-ONCOGENE TYROSINE-PROTEIN KINASE SRC'       12374.964 1   2.7.1.112 ? 'SH2 DOMAIN' ? 
2 non-polymer syn '2,6-DIFORMYL-4-METHYLPHENYL DIHYDROGEN PHOSPHATE' 244.138   1   ?         ? ?            ? 
3 water       nat water                                              18.015    118 ?         ? ?            ? 
# 
_entity_name_com.entity_id   1 
_entity_name_com.name        'P60-SRC, C-SRC' 
# 
_entity_poly.entity_id                      1 
_entity_poly.type                           'polypeptide(L)' 
_entity_poly.nstd_linkage                   no 
_entity_poly.nstd_monomer                   no 
_entity_poly.pdbx_seq_one_letter_code       
;SIQAEEWYFGKITRRESERLLLNAENPRGTFLVRESETTKGAYCLSVSDFDNAKGLNVKHYKIRKLDSGGFYITSRTQFN
SLQQLVAYYSKHADGLCHRLTTVCPTSK
;
_entity_poly.pdbx_seq_one_letter_code_can   
;SIQAEEWYFGKITRRESERLLLNAENPRGTFLVRESETTKGAYCLSVSDFDNAKGLNVKHYKIRKLDSGGFYITSRTQFN
SLQQLVAYYSKHADGLCHRLTTVCPTSK
;
_entity_poly.pdbx_strand_id                 A 
_entity_poly.pdbx_target_identifier         ? 
# 
loop_
_pdbx_entity_nonpoly.entity_id 
_pdbx_entity_nonpoly.name 
_pdbx_entity_nonpoly.comp_id 
2 '2,6-DIFORMYL-4-METHYLPHENYL DIHYDROGEN PHOSPHATE' 299 
3 water                                              HOH 
# 
loop_
_entity_poly_seq.entity_id 
_entity_poly_seq.num 
_entity_poly_seq.mon_id 
_entity_poly_seq.hetero 
1 1   SER n 
1 2   ILE n 
1 3   GLN n 
1 4   ALA n 
1 5   GLU n 
1 6   GLU n 
1 7   TRP n 
1 8   TYR n 
1 9   PHE n 
1 10  GLY n 
1 11  LYS n 
1 12  ILE n 
1 13  THR n 
1 14  ARG n 
1 15  ARG n 
1 16  GLU n 
1 17  SER n 
1 18  GLU n 
1 19  ARG n 
1 20  LEU n 
1 21  LEU n 
1 22  LEU n 
1 23  ASN n 
1 24  ALA n 
1 25  GLU n 
1 26  ASN n 
1 27  PRO n 
1 28  ARG n 
1 29  GLY n 
1 30  THR n 
1 31  PHE n 
1 32  LEU n 
1 33  VAL n 
1 34  ARG n 
1 35  GLU n 
1 36  SER n 
1 37  GLU n 
1 38  THR n 
1 39  THR n 
1 40  LYS n 
1 41  GLY n 
1 42  ALA n 
1 43  TYR n 
1 44  CYS n 
1 45  LEU n 
1 46  SER n 
1 47  VAL n 
1 48  SER n 
1 49  ASP n 
1 50  PHE n 
1 51  ASP n 
1 52  ASN n 
1 53  ALA n 
1 54  LYS n 
1 55  GLY n 
1 56  LEU n 
1 57  ASN n 
1 58  VAL n 
1 59  LYS n 
1 60  HIS n 
1 61  TYR n 
1 62  LYS n 
1 63  ILE n 
1 64  ARG n 
1 65  LYS n 
1 66  LEU n 
1 67  ASP n 
1 68  SER n 
1 69  GLY n 
1 70  GLY n 
1 71  PHE n 
1 72  TYR n 
1 73  ILE n 
1 74  THR n 
1 75  SER n 
1 76  ARG n 
1 77  THR n 
1 78  GLN n 
1 79  PHE n 
1 80  ASN n 
1 81  SER n 
1 82  LEU n 
1 83  GLN n 
1 84  GLN n 
1 85  LEU n 
1 86  VAL n 
1 87  ALA n 
1 88  TYR n 
1 89  TYR n 
1 90  SER n 
1 91  LYS n 
1 92  HIS n 
1 93  ALA n 
1 94  ASP n 
1 95  GLY n 
1 96  LEU n 
1 97  CYS n 
1 98  HIS n 
1 99  ARG n 
1 100 LEU n 
1 101 THR n 
1 102 THR n 
1 103 VAL n 
1 104 CYS n 
1 105 PRO n 
1 106 THR n 
1 107 SER n 
1 108 LYS n 
# 
_entity_src_gen.entity_id                          1 
_entity_src_gen.pdbx_src_id                        1 
_entity_src_gen.pdbx_alt_source_flag               sample 
_entity_src_gen.pdbx_seq_type                      ? 
_entity_src_gen.pdbx_beg_seq_num                   ? 
_entity_src_gen.pdbx_end_seq_num                   ? 
_entity_src_gen.gene_src_common_name               human 
_entity_src_gen.gene_src_genus                     Homo 
_entity_src_gen.pdbx_gene_src_gene                 SRC 
_entity_src_gen.gene_src_species                   ? 
_entity_src_gen.gene_src_strain                    ? 
_entity_src_gen.gene_src_tissue                    ? 
_entity_src_gen.gene_src_tissue_fraction           ? 
_entity_src_gen.gene_src_details                   ? 
_entity_src_gen.pdbx_gene_src_fragment             ? 
_entity_src_gen.pdbx_gene_src_scientific_name      'Homo sapiens' 
_entity_src_gen.pdbx_gene_src_ncbi_taxonomy_id     9606 
_entity_src_gen.pdbx_gene_src_variant              ? 
_entity_src_gen.pdbx_gene_src_cell_line            ? 
_entity_src_gen.pdbx_gene_src_atcc                 ? 
_entity_src_gen.pdbx_gene_src_organ                ? 
_entity_src_gen.pdbx_gene_src_organelle            ? 
_entity_src_gen.pdbx_gene_src_cell                 ? 
_entity_src_gen.pdbx_gene_src_cellular_location    ? 
_entity_src_gen.host_org_common_name               ? 
_entity_src_gen.pdbx_host_org_scientific_name      'Escherichia coli' 
_entity_src_gen.pdbx_host_org_ncbi_taxonomy_id     562 
_entity_src_gen.host_org_genus                     Escherichia 
_entity_src_gen.pdbx_host_org_gene                 ? 
_entity_src_gen.pdbx_host_org_organ                ? 
_entity_src_gen.host_org_species                   ? 
_entity_src_gen.pdbx_host_org_tissue               ? 
_entity_src_gen.pdbx_host_org_tissue_fraction      ? 
_entity_src_gen.pdbx_host_org_strain               ? 
_entity_src_gen.pdbx_host_org_variant              ? 
_entity_src_gen.pdbx_host_org_cell_line            ? 
_entity_src_gen.pdbx_host_org_atcc                 ? 
_entity_src_gen.pdbx_host_org_culture_collection   ? 
_entity_src_gen.pdbx_host_org_cell                 ? 
_entity_src_gen.pdbx_host_org_organelle            ? 
_entity_src_gen.pdbx_host_org_cellular_location    ? 
_entity_src_gen.pdbx_host_org_vector_type          ? 
_entity_src_gen.pdbx_host_org_vector               ? 
_entity_src_gen.host_org_details                   ? 
_entity_src_gen.expression_system_id               ? 
_entity_src_gen.plasmid_name                       'BL21 (DE3)' 
_entity_src_gen.plasmid_details                    ? 
_entity_src_gen.pdbx_description                   ? 
# 
loop_
_chem_comp.id 
_chem_comp.type 
_chem_comp.mon_nstd_flag 
_chem_comp.name 
_chem_comp.pdbx_synonyms 
_chem_comp.formula 
_chem_comp.formula_weight 
299 non-polymer         . '2,6-DIFORMYL-4-METHYLPHENYL DIHYDROGEN PHOSPHATE' RU78299 'C9 H9 O6 P'     244.138 
ALA 'L-peptide linking' y ALANINE                                            ?       'C3 H7 N O2'     89.093  
ARG 'L-peptide linking' y ARGININE                                           ?       'C6 H15 N4 O2 1' 175.209 
ASN 'L-peptide linking' y ASPARAGINE                                         ?       'C4 H8 N2 O3'    132.118 
ASP 'L-peptide linking' y 'ASPARTIC ACID'                                    ?       'C4 H7 N O4'     133.103 
CYS 'L-peptide linking' y CYSTEINE                                           ?       'C3 H7 N O2 S'   121.158 
GLN 'L-peptide linking' y GLUTAMINE                                          ?       'C5 H10 N2 O3'   146.144 
GLU 'L-peptide linking' y 'GLUTAMIC ACID'                                    ?       'C5 H9 N O4'     147.129 
GLY 'peptide linking'   y GLYCINE                                            ?       'C2 H5 N O2'     75.067  
HIS 'L-peptide linking' y HISTIDINE                                          ?       'C6 H10 N3 O2 1' 156.162 
HOH non-polymer         . WATER                                              ?       'H2 O'           18.015  
ILE 'L-peptide linking' y ISOLEUCINE                                         ?       'C6 H13 N O2'    131.173 
LEU 'L-peptide linking' y LEUCINE                                            ?       'C6 H13 N O2'    131.173 
LYS 'L-peptide linking' y LYSINE                                             ?       'C6 H15 N2 O2 1' 147.195 
PHE 'L-peptide linking' y PHENYLALANINE                                      ?       'C9 H11 N O2'    165.189 
PRO 'L-peptide linking' y PROLINE                                            ?       'C5 H9 N O2'     115.130 
SER 'L-peptide linking' y SERINE                                             ?       'C3 H7 N O3'     105.093 
THR 'L-peptide linking' y THREONINE                                          ?       'C4 H9 N O3'     119.119 
TRP 'L-peptide linking' y TRYPTOPHAN                                         ?       'C11 H12 N2 O2'  204.225 
TYR 'L-peptide linking' y TYROSINE                                           ?       'C9 H11 N O3'    181.189 
VAL 'L-peptide linking' y VALINE                                             ?       'C5 H11 N O2'    117.146 
# 
loop_
_pdbx_poly_seq_scheme.asym_id 
_pdbx_poly_seq_scheme.entity_id 
_pdbx_poly_seq_scheme.seq_id 
_pdbx_poly_seq_scheme.mon_id 
_pdbx_poly_seq_scheme.ndb_seq_num 
_pdbx_poly_seq_scheme.pdb_seq_num 
_pdbx_poly_seq_scheme.auth_seq_num 
_pdbx_poly_seq_scheme.pdb_mon_id 
_pdbx_poly_seq_scheme.auth_mon_id 
_pdbx_poly_seq_scheme.pdb_strand_id 
_pdbx_poly_seq_scheme.pdb_ins_code 
_pdbx_poly_seq_scheme.hetero 
A 1 1   SER 1   1   1   SER SER A . n 
A 1 2   ILE 2   2   2   ILE ILE A . n 
A 1 3   GLN 3   3   3   GLN GLN A . n 
A 1 4   ALA 4   4   4   ALA ALA A . n 
A 1 5   GLU 5   5   5   GLU GLU A . n 
A 1 6   GLU 6   6   6   GLU GLU A . n 
A 1 7   TRP 7   7   7   TRP TRP A . n 
A 1 8   TYR 8   8   8   TYR TYR A . n 
A 1 9   PHE 9   9   9   PHE PHE A . n 
A 1 10  GLY 10  10  10  GLY GLY A . n 
A 1 11  LYS 11  11  11  LYS LYS A . n 
A 1 12  ILE 12  12  12  ILE ILE A . n 
A 1 13  THR 13  13  13  THR THR A . n 
A 1 14  ARG 14  14  14  ARG ARG A . n 
A 1 15  ARG 15  15  15  ARG ARG A . n 
A 1 16  GLU 16  16  16  GLU GLU A . n 
A 1 17  SER 17  17  17  SER SER A . n 
A 1 18  GLU 18  18  18  GLU GLU A . n 
A 1 19  ARG 19  19  19  ARG ARG A . n 
A 1 20  LEU 20  20  20  LEU LEU A . n 
A 1 21  LEU 21  21  21  LEU LEU A . n 
A 1 22  LEU 22  22  22  LEU LEU A . n 
A 1 23  ASN 23  23  23  ASN ASN A . n 
A 1 24  ALA 24  24  24  ALA ALA A . n 
A 1 25  GLU 25  25  25  GLU GLU A . n 
A 1 26  ASN 26  26  26  ASN ASN A . n 
A 1 27  PRO 27  27  27  PRO PRO A . n 
A 1 28  ARG 28  28  28  ARG ARG A . n 
A 1 29  GLY 29  29  29  GLY GLY A . n 
A 1 30  THR 30  30  30  THR THR A . n 
A 1 31  PHE 31  31  31  PHE PHE A . n 
A 1 32  LEU 32  32  32  LEU LEU A . n 
A 1 33  VAL 33  33  33  VAL VAL A . n 
A 1 34  ARG 34  34  34  ARG ARG A . n 
A 1 35  GLU 35  35  35  GLU GLU A . n 
A 1 36  SER 36  36  36  SER SER A . n 
A 1 37  GLU 37  37  37  GLU GLU A . n 
A 1 38  THR 38  38  38  THR THR A . n 
A 1 39  THR 39  39  39  THR THR A . n 
A 1 40  LYS 40  40  40  LYS LYS A . n 
A 1 41  GLY 41  41  41  GLY GLY A . n 
A 1 42  ALA 42  42  42  ALA ALA A . n 
A 1 43  TYR 43  43  43  TYR TYR A . n 
A 1 44  CYS 44  44  44  CYS CYS A . n 
A 1 45  LEU 45  45  45  LEU LEU A . n 
A 1 46  SER 46  46  46  SER SER A . n 
A 1 47  VAL 47  47  47  VAL VAL A . n 
A 1 48  SER 48  48  48  SER SER A . n 
A 1 49  ASP 49  49  49  ASP ASP A . n 
A 1 50  PHE 50  50  50  PHE PHE A . n 
A 1 51  ASP 51  51  51  ASP ASP A . n 
A 1 52  ASN 52  52  52  ASN ASN A . n 
A 1 53  ALA 53  53  53  ALA ALA A . n 
A 1 54  LYS 54  54  54  LYS LYS A . n 
A 1 55  GLY 55  55  55  GLY GLY A . n 
A 1 56  LEU 56  56  56  LEU LEU A . n 
A 1 57  ASN 57  57  57  ASN ASN A . n 
A 1 58  VAL 58  58  58  VAL VAL A . n 
A 1 59  LYS 59  59  59  LYS LYS A . n 
A 1 60  HIS 60  60  60  HIS HIS A . n 
A 1 61  TYR 61  61  61  TYR TYR A . n 
A 1 62  LYS 62  62  62  LYS LYS A . n 
A 1 63  ILE 63  63  63  ILE ILE A . n 
A 1 64  ARG 64  64  64  ARG ARG A . n 
A 1 65  LYS 65  65  65  LYS LYS A . n 
A 1 66  LEU 66  66  66  LEU LEU A . n 
A 1 67  ASP 67  67  67  ASP ASP A . n 
A 1 68  SER 68  68  68  SER SER A . n 
A 1 69  GLY 69  69  69  GLY GLY A . n 
A 1 70  GLY 70  70  70  GLY GLY A . n 
A 1 71  PHE 71  71  71  PHE PHE A . n 
A 1 72  TYR 72  72  72  TYR TYR A . n 
A 1 73  ILE 73  73  73  ILE ILE A . n 
A 1 74  THR 74  74  74  THR THR A . n 
A 1 75  SER 75  75  75  SER SER A . n 
A 1 76  ARG 76  76  76  ARG ARG A . n 
A 1 77  THR 77  77  77  THR THR A . n 
A 1 78  GLN 78  78  78  GLN GLN A . n 
A 1 79  PHE 79  79  79  PHE PHE A . n 
A 1 80  ASN 80  80  80  ASN ASN A . n 
A 1 81  SER 81  81  81  SER SER A . n 
A 1 82  LEU 82  82  82  LEU LEU A . n 
A 1 83  GLN 83  83  83  GLN GLN A . n 
A 1 84  GLN 84  84  84  GLN GLN A . n 
A 1 85  LEU 85  85  85  LEU LEU A . n 
A 1 86  VAL 86  86  86  VAL VAL A . n 
A 1 87  ALA 87  87  87  ALA ALA A . n 
A 1 88  TYR 88  88  88  TYR TYR A . n 
A 1 89  TYR 89  89  89  TYR TYR A . n 
A 1 90  SER 90  90  90  SER SER A . n 
A 1 91  LYS 91  91  91  LYS LYS A . n 
A 1 92  HIS 92  92  92  HIS HIS A . n 
A 1 93  ALA 93  93  93  ALA ALA A . n 
A 1 94  ASP 94  94  94  ASP ASP A . n 
A 1 95  GLY 95  95  95  GLY GLY A . n 
A 1 96  LEU 96  96  96  LEU LEU A . n 
A 1 97  CYS 97  97  97  CYS CYS A . n 
A 1 98  HIS 98  98  98  HIS HIS A . n 
A 1 99  ARG 99  99  99  ARG ARG A . n 
A 1 100 LEU 100 100 100 LEU LEU A . n 
A 1 101 THR 101 101 101 THR THR A . n 
A 1 102 THR 102 102 102 THR THR A . n 
A 1 103 VAL 103 103 103 VAL VAL A . n 
A 1 104 CYS 104 104 104 CYS CYS A . n 
A 1 105 PRO 105 105 105 PRO PRO A . n 
A 1 106 THR 106 106 106 THR THR A . n 
A 1 107 SER 107 107 ?   ?   ?   A . n 
A 1 108 LYS 108 108 ?   ?   ?   A . n 
# 
loop_
_pdbx_nonpoly_scheme.asym_id 
_pdbx_nonpoly_scheme.entity_id 
_pdbx_nonpoly_scheme.mon_id 
_pdbx_nonpoly_scheme.ndb_seq_num 
_pdbx_nonpoly_scheme.pdb_seq_num 
_pdbx_nonpoly_scheme.auth_seq_num 
_pdbx_nonpoly_scheme.pdb_mon_id 
_pdbx_nonpoly_scheme.auth_mon_id 
_pdbx_nonpoly_scheme.pdb_strand_id 
_pdbx_nonpoly_scheme.pdb_ins_code 
B 2 299 1   300 300 299 INH A . 
C 3 HOH 1   301 1   HOH HOH A . 
C 3 HOH 2   302 2   HOH HOH A . 
C 3 HOH 3   303 3   HOH HOH A . 
C 3 HOH 4   304 4   HOH HOH A . 
C 3 HOH 5   305 5   HOH HOH A . 
C 3 HOH 6   306 6   HOH HOH A . 
C 3 HOH 7   307 7   HOH HOH A . 
C 3 HOH 8   308 8   HOH HOH A . 
C 3 HOH 9   309 9   HOH HOH A . 
C 3 HOH 10  310 10  HOH HOH A . 
C 3 HOH 11  311 11  HOH HOH A . 
C 3 HOH 12  312 12  HOH HOH A . 
C 3 HOH 13  313 13  HOH HOH A . 
C 3 HOH 14  314 14  HOH HOH A . 
C 3 HOH 15  315 15  HOH HOH A . 
C 3 HOH 16  316 16  HOH HOH A . 
C 3 HOH 17  317 17  HOH HOH A . 
C 3 HOH 18  318 18  HOH HOH A . 
C 3 HOH 19  319 19  HOH HOH A . 
C 3 HOH 20  320 20  HOH HOH A . 
C 3 HOH 21  321 21  HOH HOH A . 
C 3 HOH 22  322 22  HOH HOH A . 
C 3 HOH 23  323 23  HOH HOH A . 
C 3 HOH 24  324 24  HOH HOH A . 
C 3 HOH 25  325 25  HOH HOH A . 
C 3 HOH 26  326 26  HOH HOH A . 
C 3 HOH 27  327 27  HOH HOH A . 
C 3 HOH 28  328 28  HOH HOH A . 
C 3 HOH 29  329 29  HOH HOH A . 
C 3 HOH 30  330 30  HOH HOH A . 
C 3 HOH 31  331 31  HOH HOH A . 
C 3 HOH 32  332 32  HOH HOH A . 
C 3 HOH 33  333 33  HOH HOH A . 
C 3 HOH 34  334 34  HOH HOH A . 
C 3 HOH 35  335 35  HOH HOH A . 
C 3 HOH 36  336 36  HOH HOH A . 
C 3 HOH 37  337 37  HOH HOH A . 
C 3 HOH 38  338 38  HOH HOH A . 
C 3 HOH 39  339 39  HOH HOH A . 
C 3 HOH 40  340 40  HOH HOH A . 
C 3 HOH 41  341 41  HOH HOH A . 
C 3 HOH 42  342 42  HOH HOH A . 
C 3 HOH 43  343 43  HOH HOH A . 
C 3 HOH 44  344 44  HOH HOH A . 
C 3 HOH 45  345 45  HOH HOH A . 
C 3 HOH 46  346 46  HOH HOH A . 
C 3 HOH 47  347 47  HOH HOH A . 
C 3 HOH 48  348 48  HOH HOH A . 
C 3 HOH 49  349 49  HOH HOH A . 
C 3 HOH 50  350 50  HOH HOH A . 
C 3 HOH 51  351 51  HOH HOH A . 
C 3 HOH 52  352 52  HOH HOH A . 
C 3 HOH 53  353 53  HOH HOH A . 
C 3 HOH 54  354 54  HOH HOH A . 
C 3 HOH 55  355 55  HOH HOH A . 
C 3 HOH 56  356 56  HOH HOH A . 
C 3 HOH 57  357 57  HOH HOH A . 
C 3 HOH 58  358 58  HOH HOH A . 
C 3 HOH 59  359 59  HOH HOH A . 
C 3 HOH 60  360 60  HOH HOH A . 
C 3 HOH 61  361 61  HOH HOH A . 
C 3 HOH 62  362 62  HOH HOH A . 
C 3 HOH 63  363 63  HOH HOH A . 
C 3 HOH 64  364 64  HOH HOH A . 
C 3 HOH 65  365 65  HOH HOH A . 
C 3 HOH 66  366 66  HOH HOH A . 
C 3 HOH 67  367 67  HOH HOH A . 
C 3 HOH 68  368 68  HOH HOH A . 
C 3 HOH 69  369 69  HOH HOH A . 
C 3 HOH 70  370 70  HOH HOH A . 
C 3 HOH 71  371 71  HOH HOH A . 
C 3 HOH 72  372 72  HOH HOH A . 
C 3 HOH 73  373 73  HOH HOH A . 
C 3 HOH 74  374 74  HOH HOH A . 
C 3 HOH 75  375 75  HOH HOH A . 
C 3 HOH 76  376 76  HOH HOH A . 
C 3 HOH 77  377 77  HOH HOH A . 
C 3 HOH 78  378 78  HOH HOH A . 
C 3 HOH 79  379 79  HOH HOH A . 
C 3 HOH 80  380 80  HOH HOH A . 
C 3 HOH 81  381 81  HOH HOH A . 
C 3 HOH 82  382 82  HOH HOH A . 
C 3 HOH 83  383 83  HOH HOH A . 
C 3 HOH 84  384 84  HOH HOH A . 
C 3 HOH 85  385 85  HOH HOH A . 
C 3 HOH 86  386 86  HOH HOH A . 
C 3 HOH 87  387 87  HOH HOH A . 
C 3 HOH 88  388 88  HOH HOH A . 
C 3 HOH 89  389 89  HOH HOH A . 
C 3 HOH 90  390 90  HOH HOH A . 
C 3 HOH 91  391 91  HOH HOH A . 
C 3 HOH 92  392 92  HOH HOH A . 
C 3 HOH 93  393 93  HOH HOH A . 
C 3 HOH 94  394 94  HOH HOH A . 
C 3 HOH 95  395 95  HOH HOH A . 
C 3 HOH 96  396 96  HOH HOH A . 
C 3 HOH 97  397 97  HOH HOH A . 
C 3 HOH 98  398 98  HOH HOH A . 
C 3 HOH 99  399 99  HOH HOH A . 
C 3 HOH 100 400 100 HOH HOH A . 
C 3 HOH 101 401 101 HOH HOH A . 
C 3 HOH 102 402 102 HOH HOH A . 
C 3 HOH 103 403 103 HOH HOH A . 
C 3 HOH 104 404 104 HOH HOH A . 
C 3 HOH 105 405 105 HOH HOH A . 
C 3 HOH 106 406 106 HOH HOH A . 
C 3 HOH 107 407 107 HOH HOH A . 
C 3 HOH 108 408 108 HOH HOH A . 
C 3 HOH 109 409 109 HOH HOH A . 
C 3 HOH 110 410 110 HOH HOH A . 
C 3 HOH 111 411 111 HOH HOH A . 
C 3 HOH 112 412 112 HOH HOH A . 
C 3 HOH 113 413 113 HOH HOH A . 
C 3 HOH 114 414 114 HOH HOH A . 
C 3 HOH 115 415 115 HOH HOH A . 
C 3 HOH 116 416 116 HOH HOH A . 
C 3 HOH 117 417 117 HOH HOH A . 
C 3 HOH 118 418 118 HOH HOH A . 
# 
loop_
_software.name 
_software.classification 
_software.version 
_software.citation_id 
_software.pdbx_ordinal 
XDS    'data scaling'   .     ? 1 
XDS    'data reduction' .     ? 2 
X-PLOR 'model building' 3.851 ? 3 
X-PLOR refinement       3.851 ? 4 
X-PLOR phasing          3.851 ? 5 
# 
_cell.entry_id           1O4E 
_cell.length_a           26.440 
_cell.length_b           59.166 
_cell.length_c           64.299 
_cell.angle_alpha        90.00 
_cell.angle_beta         90.00 
_cell.angle_gamma        90.00 
_cell.Z_PDB              4 
_cell.pdbx_unique_axis   ? 
# 
_symmetry.entry_id                         1O4E 
_symmetry.space_group_name_H-M             'P 21 21 21' 
_symmetry.pdbx_full_space_group_name_H-M   ? 
_symmetry.cell_setting                     ? 
_symmetry.Int_Tables_number                19 
# 
_exptl.entry_id          1O4E 
_exptl.method            'X-RAY DIFFRACTION' 
_exptl.crystals_number   1 
# 
_exptl_crystal.id                    1 
_exptl_crystal.density_meas          ? 
_exptl_crystal.density_Matthews      2.2 
_exptl_crystal.density_percent_sol   41.9 
_exptl_crystal.description           ? 
# 
_exptl_crystal_grow.crystal_id      1 
_exptl_crystal_grow.method          ? 
_exptl_crystal_grow.temp            ? 
_exptl_crystal_grow.temp_details    ? 
_exptl_crystal_grow.pH              5.50 
_exptl_crystal_grow.pdbx_pH_range   ? 
_exptl_crystal_grow.pdbx_details    'pH 5.50' 
# 
_diffrn.id                     1 
_diffrn.ambient_temp           100.0 
_diffrn.ambient_temp_details   ? 
_diffrn.crystal_id             1 
# 
_diffrn_detector.diffrn_id              1 
_diffrn_detector.detector               'IMAGE PLATE' 
_diffrn_detector.type                   'MAR scanner 345 mm plate' 
_diffrn_detector.pdbx_collection_date   1998-03-30 
_diffrn_detector.details                ? 
# 
_diffrn_radiation.diffrn_id                        1 
_diffrn_radiation.wavelength_id                    1 
_diffrn_radiation.pdbx_monochromatic_or_laue_m_l   M 
_diffrn_radiation.monochromator                    GRAPHITE 
_diffrn_radiation.pdbx_diffrn_protocol             'SINGLE WAVELENGTH' 
_diffrn_radiation.pdbx_scattering_type             x-ray 
# 
_diffrn_radiation_wavelength.id           1 
_diffrn_radiation_wavelength.wavelength   1.5418 
_diffrn_radiation_wavelength.wt           1.0 
# 
_diffrn_source.diffrn_id                   1 
_diffrn_source.source                      'ROTATING ANODE' 
_diffrn_source.type                        'ELLIOTT GX-21' 
_diffrn_source.pdbx_synchrotron_site       ? 
_diffrn_source.pdbx_synchrotron_beamline   ? 
_diffrn_source.pdbx_wavelength             1.5418 
_diffrn_source.pdbx_wavelength_list        ? 
# 
_reflns.entry_id                     1O4E 
_reflns.observed_criterion_sigma_I   -3.000 
_reflns.observed_criterion_sigma_F   ? 
_reflns.d_resolution_low             40.000 
_reflns.d_resolution_high            2.00 
_reflns.number_obs                   7266 
_reflns.number_all                   ? 
_reflns.percent_possible_obs         100.0 
_reflns.pdbx_Rmerge_I_obs            0.068 
_reflns.pdbx_Rsym_value              ? 
_reflns.pdbx_netI_over_sigmaI        23 
_reflns.B_iso_Wilson_estimate        ? 
_reflns.pdbx_redundancy              ? 
_reflns.pdbx_diffrn_id               1 
_reflns.pdbx_ordinal                 1 
# 
_reflns_shell.d_res_high             2.00 
_reflns_shell.d_res_low              2.05 
_reflns_shell.percent_possible_all   100 
_reflns_shell.Rmerge_I_obs           0.3 
_reflns_shell.pdbx_Rsym_value        ? 
_reflns_shell.meanI_over_sigI_obs    6 
_reflns_shell.pdbx_redundancy        ? 
_reflns_shell.pdbx_diffrn_id         ? 
_reflns_shell.pdbx_ordinal           1 
# 
_refine.entry_id                                 1O4E 
_refine.ls_number_reflns_obs                     7266 
_refine.ls_number_reflns_all                     ? 
_refine.pdbx_ls_sigma_I                          ? 
_refine.pdbx_ls_sigma_F                          ? 
_refine.pdbx_data_cutoff_high_absF               1000000.000 
_refine.pdbx_data_cutoff_low_absF                0.1000 
_refine.pdbx_data_cutoff_high_rms_absF           ? 
_refine.ls_d_res_low                             8.00 
_refine.ls_d_res_high                            2.00 
_refine.ls_percent_reflns_obs                    100 
_refine.ls_R_factor_obs                          0.185 
_refine.ls_R_factor_all                          ? 
_refine.ls_R_factor_R_work                       0.185 
_refine.ls_R_factor_R_free                       ? 
_refine.ls_R_factor_R_free_error                 ? 
_refine.ls_R_factor_R_free_error_details         ? 
_refine.ls_percent_reflns_R_free                 ? 
_refine.ls_number_reflns_R_free                  ? 
_refine.ls_number_parameters                     ? 
_refine.ls_number_restraints                     ? 
_refine.occupancy_min                            ? 
_refine.occupancy_max                            ? 
_refine.correlation_coeff_Fo_to_Fc               ? 
_refine.correlation_coeff_Fo_to_Fc_free          ? 
_refine.B_iso_mean                               26.4 
_refine.aniso_B[1][1]                            ? 
_refine.aniso_B[2][2]                            ? 
_refine.aniso_B[3][3]                            ? 
_refine.aniso_B[1][2]                            ? 
_refine.aniso_B[1][3]                            ? 
_refine.aniso_B[2][3]                            ? 
_refine.solvent_model_details                    ? 
_refine.solvent_model_param_ksol                 ? 
_refine.solvent_model_param_bsol                 ? 
_refine.pdbx_solvent_vdw_probe_radii             ? 
_refine.pdbx_solvent_ion_probe_radii             ? 
_refine.pdbx_solvent_shrinkage_radii             ? 
_refine.pdbx_ls_cross_valid_method               ? 
_refine.details                                  ? 
_refine.pdbx_starting_model                      1SHD 
_refine.pdbx_method_to_determine_struct          MR 
_refine.pdbx_isotropic_thermal_model             ? 
_refine.pdbx_stereochemistry_target_values       ? 
_refine.pdbx_stereochem_target_val_spec_case     ? 
_refine.pdbx_R_Free_selection_details            ? 
_refine.pdbx_overall_ESU_R                       ? 
_refine.pdbx_overall_ESU_R_Free                  ? 
_refine.overall_SU_ML                            ? 
_refine.overall_SU_B                             ? 
_refine.pdbx_refine_id                           'X-RAY DIFFRACTION' 
_refine.pdbx_diffrn_id                           1 
_refine.pdbx_TLS_residual_ADP_flag               ? 
_refine.pdbx_overall_phase_error                 ? 
_refine.overall_SU_R_Cruickshank_DPI             ? 
_refine.pdbx_overall_SU_R_free_Cruickshank_DPI   ? 
_refine.pdbx_overall_SU_R_Blow_DPI               ? 
_refine.pdbx_overall_SU_R_free_Blow_DPI          ? 
# 
_refine_hist.pdbx_refine_id                   'X-RAY DIFFRACTION' 
_refine_hist.cycle_id                         LAST 
_refine_hist.pdbx_number_atoms_protein        856 
_refine_hist.pdbx_number_atoms_nucleic_acid   0 
_refine_hist.pdbx_number_atoms_ligand         16 
_refine_hist.number_atoms_solvent             118 
_refine_hist.number_atoms_total               990 
_refine_hist.d_res_high                       2.00 
_refine_hist.d_res_low                        8.00 
# 
loop_
_refine_ls_restr.type 
_refine_ls_restr.dev_ideal 
_refine_ls_restr.dev_ideal_target 
_refine_ls_restr.weight 
_refine_ls_restr.number 
_refine_ls_restr.pdbx_refine_id 
_refine_ls_restr.pdbx_restraint_function 
x_bond_d                0.012 ? ? ? 'X-RAY DIFFRACTION' ? 
x_bond_d_na             ?     ? ? ? 'X-RAY DIFFRACTION' ? 
x_bond_d_prot           ?     ? ? ? 'X-RAY DIFFRACTION' ? 
x_angle_d               ?     ? ? ? 'X-RAY DIFFRACTION' ? 
x_angle_d_na            ?     ? ? ? 'X-RAY DIFFRACTION' ? 
x_angle_d_prot          ?     ? ? ? 'X-RAY DIFFRACTION' ? 
x_angle_deg             1.3   ? ? ? 'X-RAY DIFFRACTION' ? 
x_angle_deg_na          ?     ? ? ? 'X-RAY DIFFRACTION' ? 
x_angle_deg_prot        ?     ? ? ? 'X-RAY DIFFRACTION' ? 
x_dihedral_angle_d      ?     ? ? ? 'X-RAY DIFFRACTION' ? 
x_dihedral_angle_d_na   ?     ? ? ? 'X-RAY DIFFRACTION' ? 
x_dihedral_angle_d_prot ?     ? ? ? 'X-RAY DIFFRACTION' ? 
x_improper_angle_d      ?     ? ? ? 'X-RAY DIFFRACTION' ? 
x_improper_angle_d_na   ?     ? ? ? 'X-RAY DIFFRACTION' ? 
x_improper_angle_d_prot ?     ? ? ? 'X-RAY DIFFRACTION' ? 
x_mcbond_it             ?     ? ? ? 'X-RAY DIFFRACTION' ? 
x_mcangle_it            ?     ? ? ? 'X-RAY DIFFRACTION' ? 
x_scbond_it             ?     ? ? ? 'X-RAY DIFFRACTION' ? 
x_scangle_it            ?     ? ? ? 'X-RAY DIFFRACTION' ? 
# 
_struct.entry_id                  1O4E 
_struct.title                     'CRYSTAL STRUCTURE OF SH2 IN COMPLEX WITH RU78299.' 
_struct.pdbx_model_details        ? 
_struct.pdbx_CASP_flag            ? 
_struct.pdbx_model_type_details   ? 
# 
_struct_keywords.entry_id        1O4E 
_struct_keywords.pdbx_keywords   'SIGNALING PROTEIN' 
_struct_keywords.text            'SH2 DOMAIN FRAGMENT APPROACH, SIGNALING PROTEIN' 
# 
loop_
_struct_asym.id 
_struct_asym.pdbx_blank_PDB_chainid_flag 
_struct_asym.pdbx_modified 
_struct_asym.entity_id 
_struct_asym.details 
A N N 1 ? 
B N N 2 ? 
C N N 3 ? 
# 
_struct_ref.id                         1 
_struct_ref.db_name                    UNP 
_struct_ref.db_code                    SRC_HUMAN 
_struct_ref.pdbx_db_accession          P12931 
_struct_ref.entity_id                  1 
_struct_ref.pdbx_seq_one_letter_code   
;SIQAEEWYFGKITRRESERLLLNAENPRGTFLVRESETTKGAYCLSVSDFDNAKGLNVKHYKIRKLDSGGFYITSRTQFN
SLQQLVAYYSKHADGLCHRLTTVCPTSK
;
_struct_ref.pdbx_align_begin           144 
_struct_ref.pdbx_db_isoform            ? 
# 
_struct_ref_seq.align_id                      1 
_struct_ref_seq.ref_id                        1 
_struct_ref_seq.pdbx_PDB_id_code              1O4E 
_struct_ref_seq.pdbx_strand_id                A 
_struct_ref_seq.seq_align_beg                 1 
_struct_ref_seq.pdbx_seq_align_beg_ins_code   ? 
_struct_ref_seq.seq_align_end                 108 
_struct_ref_seq.pdbx_seq_align_end_ins_code   ? 
_struct_ref_seq.pdbx_db_accession             P12931 
_struct_ref_seq.db_align_beg                  144 
_struct_ref_seq.pdbx_db_align_beg_ins_code    ? 
_struct_ref_seq.db_align_end                  251 
_struct_ref_seq.pdbx_db_align_end_ins_code    ? 
_struct_ref_seq.pdbx_auth_seq_align_beg       1 
_struct_ref_seq.pdbx_auth_seq_align_end       108 
# 
_pdbx_struct_assembly.id                   1 
_pdbx_struct_assembly.details              author_defined_assembly 
_pdbx_struct_assembly.method_details       ? 
_pdbx_struct_assembly.oligomeric_details   monomeric 
_pdbx_struct_assembly.oligomeric_count     1 
# 
_pdbx_struct_assembly_gen.assembly_id       1 
_pdbx_struct_assembly_gen.oper_expression   1 
_pdbx_struct_assembly_gen.asym_id_list      A,B,C 
# 
_pdbx_struct_oper_list.id                   1 
_pdbx_struct_oper_list.type                 'identity operation' 
_pdbx_struct_oper_list.name                 1_555 
_pdbx_struct_oper_list.symmetry_operation   x,y,z 
_pdbx_struct_oper_list.matrix[1][1]         1.0000000000 
_pdbx_struct_oper_list.matrix[1][2]         0.0000000000 
_pdbx_struct_oper_list.matrix[1][3]         0.0000000000 
_pdbx_struct_oper_list.vector[1]            0.0000000000 
_pdbx_struct_oper_list.matrix[2][1]         0.0000000000 
_pdbx_struct_oper_list.matrix[2][2]         1.0000000000 
_pdbx_struct_oper_list.matrix[2][3]         0.0000000000 
_pdbx_struct_oper_list.vector[2]            0.0000000000 
_pdbx_struct_oper_list.matrix[3][1]         0.0000000000 
_pdbx_struct_oper_list.matrix[3][2]         0.0000000000 
_pdbx_struct_oper_list.matrix[3][3]         1.0000000000 
_pdbx_struct_oper_list.vector[3]            0.0000000000 
# 
_struct_biol.id   1 
# 
loop_
_struct_conf.conf_type_id 
_struct_conf.id 
_struct_conf.pdbx_PDB_helix_id 
_struct_conf.beg_label_comp_id 
_struct_conf.beg_label_asym_id 
_struct_conf.beg_label_seq_id 
_struct_conf.pdbx_beg_PDB_ins_code 
_struct_conf.end_label_comp_id 
_struct_conf.end_label_asym_id 
_struct_conf.end_label_seq_id 
_struct_conf.pdbx_end_PDB_ins_code 
_struct_conf.beg_auth_comp_id 
_struct_conf.beg_auth_asym_id 
_struct_conf.beg_auth_seq_id 
_struct_conf.end_auth_comp_id 
_struct_conf.end_auth_asym_id 
_struct_conf.end_auth_seq_id 
_struct_conf.pdbx_PDB_helix_class 
_struct_conf.details 
_struct_conf.pdbx_PDB_helix_length 
HELX_P HELX_P1 1 SER A 1  ? GLU A 5  ? SER A 1  GLU A 5  5 ? 5  
HELX_P HELX_P2 2 THR A 13 ? LEU A 22 ? THR A 13 LEU A 22 1 ? 10 
HELX_P HELX_P3 3 SER A 81 ? SER A 90 ? SER A 81 SER A 90 1 ? 10 
# 
_struct_conf_type.id          HELX_P 
_struct_conf_type.criteria    ? 
_struct_conf_type.reference   ? 
# 
_struct_conn.id                            covale1 
_struct_conn.conn_type_id                  covale 
_struct_conn.pdbx_leaving_atom_flag        none 
_struct_conn.pdbx_PDB_id                   ? 
_struct_conn.ptnr1_label_asym_id           A 
_struct_conn.ptnr1_label_comp_id           CYS 
_struct_conn.ptnr1_label_seq_id            44 
_struct_conn.ptnr1_label_atom_id           SG 
_struct_conn.pdbx_ptnr1_label_alt_id       ? 
_struct_conn.pdbx_ptnr1_PDB_ins_code       ? 
_struct_conn.pdbx_ptnr1_standard_comp_id   ? 
_struct_conn.ptnr1_symmetry                1_555 
_struct_conn.ptnr2_label_asym_id           B 
_struct_conn.ptnr2_label_comp_id           299 
_struct_conn.ptnr2_label_seq_id            . 
_struct_conn.ptnr2_label_atom_id           C11 
_struct_conn.pdbx_ptnr2_label_alt_id       ? 
_struct_conn.pdbx_ptnr2_PDB_ins_code       ? 
_struct_conn.ptnr1_auth_asym_id            A 
_struct_conn.ptnr1_auth_comp_id            CYS 
_struct_conn.ptnr1_auth_seq_id             44 
_struct_conn.ptnr2_auth_asym_id            A 
_struct_conn.ptnr2_auth_comp_id            299 
_struct_conn.ptnr2_auth_seq_id             300 
_struct_conn.ptnr2_symmetry                1_555 
_struct_conn.pdbx_ptnr3_label_atom_id      ? 
_struct_conn.pdbx_ptnr3_label_seq_id       ? 
_struct_conn.pdbx_ptnr3_label_comp_id      ? 
_struct_conn.pdbx_ptnr3_label_asym_id      ? 
_struct_conn.pdbx_ptnr3_label_alt_id       ? 
_struct_conn.pdbx_ptnr3_PDB_ins_code       ? 
_struct_conn.details                       ? 
_struct_conn.pdbx_dist_value               1.773 
_struct_conn.pdbx_value_order              ? 
_struct_conn.pdbx_role                     ? 
# 
_struct_conn_type.id          covale 
_struct_conn_type.criteria    ? 
_struct_conn_type.reference   ? 
# 
_pdbx_modification_feature.ordinal                            1 
_pdbx_modification_feature.label_comp_id                      299 
_pdbx_modification_feature.label_asym_id                      B 
_pdbx_modification_feature.label_seq_id                       . 
_pdbx_modification_feature.label_alt_id                       ? 
_pdbx_modification_feature.modified_residue_label_comp_id     CYS 
_pdbx_modification_feature.modified_residue_label_asym_id     A 
_pdbx_modification_feature.modified_residue_label_seq_id      44 
_pdbx_modification_feature.modified_residue_label_alt_id      ? 
_pdbx_modification_feature.auth_comp_id                       299 
_pdbx_modification_feature.auth_asym_id                       A 
_pdbx_modification_feature.auth_seq_id                        300 
_pdbx_modification_feature.PDB_ins_code                       ? 
_pdbx_modification_feature.symmetry                           1_555 
_pdbx_modification_feature.modified_residue_auth_comp_id      CYS 
_pdbx_modification_feature.modified_residue_auth_asym_id      A 
_pdbx_modification_feature.modified_residue_auth_seq_id       44 
_pdbx_modification_feature.modified_residue_PDB_ins_code      ? 
_pdbx_modification_feature.modified_residue_symmetry          1_555 
_pdbx_modification_feature.comp_id_linking_atom               C11 
_pdbx_modification_feature.modified_residue_id_linking_atom   SG 
_pdbx_modification_feature.modified_residue_id                CYS 
_pdbx_modification_feature.ref_pcm_id                         1 
_pdbx_modification_feature.ref_comp_id                        299 
_pdbx_modification_feature.type                               None 
_pdbx_modification_feature.category                           'Covalent chemical modification' 
# 
_struct_sheet.id               A 
_struct_sheet.type             ? 
_struct_sheet.number_strands   5 
_struct_sheet.details          ? 
# 
loop_
_struct_sheet_order.sheet_id 
_struct_sheet_order.range_id_1 
_struct_sheet_order.range_id_2 
_struct_sheet_order.offset 
_struct_sheet_order.sense 
A 1 2 ? anti-parallel 
A 2 3 ? anti-parallel 
A 3 4 ? anti-parallel 
A 4 5 ? anti-parallel 
# 
loop_
_struct_sheet_range.sheet_id 
_struct_sheet_range.id 
_struct_sheet_range.beg_label_comp_id 
_struct_sheet_range.beg_label_asym_id 
_struct_sheet_range.beg_label_seq_id 
_struct_sheet_range.pdbx_beg_PDB_ins_code 
_struct_sheet_range.end_label_comp_id 
_struct_sheet_range.end_label_asym_id 
_struct_sheet_range.end_label_seq_id 
_struct_sheet_range.pdbx_end_PDB_ins_code 
_struct_sheet_range.beg_auth_comp_id 
_struct_sheet_range.beg_auth_asym_id 
_struct_sheet_range.beg_auth_seq_id 
_struct_sheet_range.end_auth_comp_id 
_struct_sheet_range.end_auth_asym_id 
_struct_sheet_range.end_auth_seq_id 
A 1 PHE A 31 ? GLU A 35 ? PHE A 31 GLU A 35 
A 2 TYR A 43 ? ASP A 51 ? TYR A 43 ASP A 51 
A 3 GLY A 55 ? LYS A 65 ? GLY A 55 LYS A 65 
A 4 PHE A 71 ? TYR A 72 ? PHE A 71 TYR A 72 
A 5 GLN A 78 ? PHE A 79 ? GLN A 78 PHE A 79 
# 
loop_
_pdbx_struct_sheet_hbond.sheet_id 
_pdbx_struct_sheet_hbond.range_id_1 
_pdbx_struct_sheet_hbond.range_id_2 
_pdbx_struct_sheet_hbond.range_1_label_atom_id 
_pdbx_struct_sheet_hbond.range_1_label_comp_id 
_pdbx_struct_sheet_hbond.range_1_label_asym_id 
_pdbx_struct_sheet_hbond.range_1_label_seq_id 
_pdbx_struct_sheet_hbond.range_1_PDB_ins_code 
_pdbx_struct_sheet_hbond.range_1_auth_atom_id 
_pdbx_struct_sheet_hbond.range_1_auth_comp_id 
_pdbx_struct_sheet_hbond.range_1_auth_asym_id 
_pdbx_struct_sheet_hbond.range_1_auth_seq_id 
_pdbx_struct_sheet_hbond.range_2_label_atom_id 
_pdbx_struct_sheet_hbond.range_2_label_comp_id 
_pdbx_struct_sheet_hbond.range_2_label_asym_id 
_pdbx_struct_sheet_hbond.range_2_label_seq_id 
_pdbx_struct_sheet_hbond.range_2_PDB_ins_code 
_pdbx_struct_sheet_hbond.range_2_auth_atom_id 
_pdbx_struct_sheet_hbond.range_2_auth_comp_id 
_pdbx_struct_sheet_hbond.range_2_auth_asym_id 
_pdbx_struct_sheet_hbond.range_2_auth_seq_id 
A 1 2 N ARG A 34 ? N ARG A 34 O CYS A 44 ? O CYS A 44 
A 2 3 N LEU A 45 ? N LEU A 45 O TYR A 61 ? O TYR A 61 
A 3 4 N ARG A 64 ? N ARG A 64 O TYR A 72 ? O TYR A 72 
A 4 5 N PHE A 71 ? N PHE A 71 O PHE A 79 ? O PHE A 79 
# 
_struct_site.id                   AC1 
_struct_site.pdbx_evidence_code   Software 
_struct_site.pdbx_auth_asym_id    A 
_struct_site.pdbx_auth_comp_id    299 
_struct_site.pdbx_auth_seq_id     300 
_struct_site.pdbx_auth_ins_code   ? 
_struct_site.pdbx_num_residues    9 
_struct_site.details              'BINDING SITE FOR RESIDUE 299 A 300' 
# 
loop_
_struct_site_gen.id 
_struct_site_gen.site_id 
_struct_site_gen.pdbx_num_res 
_struct_site_gen.label_comp_id 
_struct_site_gen.label_asym_id 
_struct_site_gen.label_seq_id 
_struct_site_gen.pdbx_auth_ins_code 
_struct_site_gen.auth_comp_id 
_struct_site_gen.auth_asym_id 
_struct_site_gen.auth_seq_id 
_struct_site_gen.label_atom_id 
_struct_site_gen.label_alt_id 
_struct_site_gen.symmetry 
_struct_site_gen.details 
1 AC1 9 ARG A 14 ? ARG A 14 . ? 1_555 ? 
2 AC1 9 ARG A 34 ? ARG A 34 . ? 1_555 ? 
3 AC1 9 SER A 36 ? SER A 36 . ? 1_555 ? 
4 AC1 9 GLU A 37 ? GLU A 37 . ? 1_555 ? 
5 AC1 9 TYR A 43 ? TYR A 43 . ? 1_555 ? 
6 AC1 9 CYS A 44 ? CYS A 44 . ? 1_555 ? 
7 AC1 9 HIS A 60 ? HIS A 60 . ? 1_555 ? 
8 AC1 9 TYR A 61 ? TYR A 61 . ? 1_555 ? 
9 AC1 9 LYS A 62 ? LYS A 62 . ? 1_555 ? 
# 
_pdbx_entry_details.entry_id                   1O4E 
_pdbx_entry_details.compound_details           ? 
_pdbx_entry_details.source_details             ? 
_pdbx_entry_details.nonpolymer_details         ? 
_pdbx_entry_details.sequence_details           ? 
_pdbx_entry_details.has_ligand_of_interest     ? 
_pdbx_entry_details.has_protein_modification   Y 
# 
_pdbx_validate_torsion.id              1 
_pdbx_validate_torsion.PDB_model_num   1 
_pdbx_validate_torsion.auth_comp_id    ASP 
_pdbx_validate_torsion.auth_asym_id    A 
_pdbx_validate_torsion.auth_seq_id     94 
_pdbx_validate_torsion.PDB_ins_code    ? 
_pdbx_validate_torsion.label_alt_id    ? 
_pdbx_validate_torsion.phi             50.71 
_pdbx_validate_torsion.psi             -122.53 
# 
_pdbx_validate_planes.id              1 
_pdbx_validate_planes.PDB_model_num   1 
_pdbx_validate_planes.auth_comp_id    ARG 
_pdbx_validate_planes.auth_asym_id    A 
_pdbx_validate_planes.auth_seq_id     14 
_pdbx_validate_planes.PDB_ins_code    ? 
_pdbx_validate_planes.label_alt_id    ? 
_pdbx_validate_planes.rmsd            0.108 
_pdbx_validate_planes.type            'SIDE CHAIN' 
# 
loop_
_pdbx_unobs_or_zero_occ_residues.id 
_pdbx_unobs_or_zero_occ_residues.PDB_model_num 
_pdbx_unobs_or_zero_occ_residues.polymer_flag 
_pdbx_unobs_or_zero_occ_residues.occupancy_flag 
_pdbx_unobs_or_zero_occ_residues.auth_asym_id 
_pdbx_unobs_or_zero_occ_residues.auth_comp_id 
_pdbx_unobs_or_zero_occ_residues.auth_seq_id 
_pdbx_unobs_or_zero_occ_residues.PDB_ins_code 
_pdbx_unobs_or_zero_occ_residues.label_asym_id 
_pdbx_unobs_or_zero_occ_residues.label_comp_id 
_pdbx_unobs_or_zero_occ_residues.label_seq_id 
1 1 Y 1 A SER 107 ? A SER 107 
2 1 Y 1 A LYS 108 ? A LYS 108 
# 
loop_
_chem_comp_atom.comp_id 
_chem_comp_atom.atom_id 
_chem_comp_atom.type_symbol 
_chem_comp_atom.pdbx_aromatic_flag 
_chem_comp_atom.pdbx_stereo_config 
_chem_comp_atom.pdbx_ordinal 
299 C1   C Y N 1   
299 C2   C Y N 2   
299 C3   C Y N 3   
299 C4   C Y N 4   
299 C5   C Y N 5   
299 C6   C Y N 6   
299 C7   C N N 7   
299 C11  C N N 8   
299 C12  C N N 9   
299 O13  O N N 10  
299 P14  P N N 11  
299 O15  O N N 12  
299 O16  O N N 13  
299 O17  O N N 14  
299 O20  O N N 15  
299 O22  O N N 16  
299 H1   H N N 17  
299 H3   H N N 18  
299 H71  H N N 19  
299 H72  H N N 20  
299 H73  H N N 21  
299 H11  H N N 22  
299 H12  H N N 23  
299 H15  H N N 24  
299 H16  H N N 25  
ALA N    N N N 26  
ALA CA   C N S 27  
ALA C    C N N 28  
ALA O    O N N 29  
ALA CB   C N N 30  
ALA OXT  O N N 31  
ALA H    H N N 32  
ALA H2   H N N 33  
ALA HA   H N N 34  
ALA HB1  H N N 35  
ALA HB2  H N N 36  
ALA HB3  H N N 37  
ALA HXT  H N N 38  
ARG N    N N N 39  
ARG CA   C N S 40  
ARG C    C N N 41  
ARG O    O N N 42  
ARG CB   C N N 43  
ARG CG   C N N 44  
ARG CD   C N N 45  
ARG NE   N N N 46  
ARG CZ   C N N 47  
ARG NH1  N N N 48  
ARG NH2  N N N 49  
ARG OXT  O N N 50  
ARG H    H N N 51  
ARG H2   H N N 52  
ARG HA   H N N 53  
ARG HB2  H N N 54  
ARG HB3  H N N 55  
ARG HG2  H N N 56  
ARG HG3  H N N 57  
ARG HD2  H N N 58  
ARG HD3  H N N 59  
ARG HE   H N N 60  
ARG HH11 H N N 61  
ARG HH12 H N N 62  
ARG HH21 H N N 63  
ARG HH22 H N N 64  
ARG HXT  H N N 65  
ASN N    N N N 66  
ASN CA   C N S 67  
ASN C    C N N 68  
ASN O    O N N 69  
ASN CB   C N N 70  
ASN CG   C N N 71  
ASN OD1  O N N 72  
ASN ND2  N N N 73  
ASN OXT  O N N 74  
ASN H    H N N 75  
ASN H2   H N N 76  
ASN HA   H N N 77  
ASN HB2  H N N 78  
ASN HB3  H N N 79  
ASN HD21 H N N 80  
ASN HD22 H N N 81  
ASN HXT  H N N 82  
ASP N    N N N 83  
ASP CA   C N S 84  
ASP C    C N N 85  
ASP O    O N N 86  
ASP CB   C N N 87  
ASP CG   C N N 88  
ASP OD1  O N N 89  
ASP OD2  O N N 90  
ASP OXT  O N N 91  
ASP H    H N N 92  
ASP H2   H N N 93  
ASP HA   H N N 94  
ASP HB2  H N N 95  
ASP HB3  H N N 96  
ASP HD2  H N N 97  
ASP HXT  H N N 98  
CYS N    N N N 99  
CYS CA   C N R 100 
CYS C    C N N 101 
CYS O    O N N 102 
CYS CB   C N N 103 
CYS SG   S N N 104 
CYS OXT  O N N 105 
CYS H    H N N 106 
CYS H2   H N N 107 
CYS HA   H N N 108 
CYS HB2  H N N 109 
CYS HB3  H N N 110 
CYS HG   H N N 111 
CYS HXT  H N N 112 
GLN N    N N N 113 
GLN CA   C N S 114 
GLN C    C N N 115 
GLN O    O N N 116 
GLN CB   C N N 117 
GLN CG   C N N 118 
GLN CD   C N N 119 
GLN OE1  O N N 120 
GLN NE2  N N N 121 
GLN OXT  O N N 122 
GLN H    H N N 123 
GLN H2   H N N 124 
GLN HA   H N N 125 
GLN HB2  H N N 126 
GLN HB3  H N N 127 
GLN HG2  H N N 128 
GLN HG3  H N N 129 
GLN HE21 H N N 130 
GLN HE22 H N N 131 
GLN HXT  H N N 132 
GLU N    N N N 133 
GLU CA   C N S 134 
GLU C    C N N 135 
GLU O    O N N 136 
GLU CB   C N N 137 
GLU CG   C N N 138 
GLU CD   C N N 139 
GLU OE1  O N N 140 
GLU OE2  O N N 141 
GLU OXT  O N N 142 
GLU H    H N N 143 
GLU H2   H N N 144 
GLU HA   H N N 145 
GLU HB2  H N N 146 
GLU HB3  H N N 147 
GLU HG2  H N N 148 
GLU HG3  H N N 149 
GLU HE2  H N N 150 
GLU HXT  H N N 151 
GLY N    N N N 152 
GLY CA   C N N 153 
GLY C    C N N 154 
GLY O    O N N 155 
GLY OXT  O N N 156 
GLY H    H N N 157 
GLY H2   H N N 158 
GLY HA2  H N N 159 
GLY HA3  H N N 160 
GLY HXT  H N N 161 
HIS N    N N N 162 
HIS CA   C N S 163 
HIS C    C N N 164 
HIS O    O N N 165 
HIS CB   C N N 166 
HIS CG   C Y N 167 
HIS ND1  N Y N 168 
HIS CD2  C Y N 169 
HIS CE1  C Y N 170 
HIS NE2  N Y N 171 
HIS OXT  O N N 172 
HIS H    H N N 173 
HIS H2   H N N 174 
HIS HA   H N N 175 
HIS HB2  H N N 176 
HIS HB3  H N N 177 
HIS HD1  H N N 178 
HIS HD2  H N N 179 
HIS HE1  H N N 180 
HIS HE2  H N N 181 
HIS HXT  H N N 182 
HOH O    O N N 183 
HOH H1   H N N 184 
HOH H2   H N N 185 
ILE N    N N N 186 
ILE CA   C N S 187 
ILE C    C N N 188 
ILE O    O N N 189 
ILE CB   C N S 190 
ILE CG1  C N N 191 
ILE CG2  C N N 192 
ILE CD1  C N N 193 
ILE OXT  O N N 194 
ILE H    H N N 195 
ILE H2   H N N 196 
ILE HA   H N N 197 
ILE HB   H N N 198 
ILE HG12 H N N 199 
ILE HG13 H N N 200 
ILE HG21 H N N 201 
ILE HG22 H N N 202 
ILE HG23 H N N 203 
ILE HD11 H N N 204 
ILE HD12 H N N 205 
ILE HD13 H N N 206 
ILE HXT  H N N 207 
LEU N    N N N 208 
LEU CA   C N S 209 
LEU C    C N N 210 
LEU O    O N N 211 
LEU CB   C N N 212 
LEU CG   C N N 213 
LEU CD1  C N N 214 
LEU CD2  C N N 215 
LEU OXT  O N N 216 
LEU H    H N N 217 
LEU H2   H N N 218 
LEU HA   H N N 219 
LEU HB2  H N N 220 
LEU HB3  H N N 221 
LEU HG   H N N 222 
LEU HD11 H N N 223 
LEU HD12 H N N 224 
LEU HD13 H N N 225 
LEU HD21 H N N 226 
LEU HD22 H N N 227 
LEU HD23 H N N 228 
LEU HXT  H N N 229 
LYS N    N N N 230 
LYS CA   C N S 231 
LYS C    C N N 232 
LYS O    O N N 233 
LYS CB   C N N 234 
LYS CG   C N N 235 
LYS CD   C N N 236 
LYS CE   C N N 237 
LYS NZ   N N N 238 
LYS OXT  O N N 239 
LYS H    H N N 240 
LYS H2   H N N 241 
LYS HA   H N N 242 
LYS HB2  H N N 243 
LYS HB3  H N N 244 
LYS HG2  H N N 245 
LYS HG3  H N N 246 
LYS HD2  H N N 247 
LYS HD3  H N N 248 
LYS HE2  H N N 249 
LYS HE3  H N N 250 
LYS HZ1  H N N 251 
LYS HZ2  H N N 252 
LYS HZ3  H N N 253 
LYS HXT  H N N 254 
PHE N    N N N 255 
PHE CA   C N S 256 
PHE C    C N N 257 
PHE O    O N N 258 
PHE CB   C N N 259 
PHE CG   C Y N 260 
PHE CD1  C Y N 261 
PHE CD2  C Y N 262 
PHE CE1  C Y N 263 
PHE CE2  C Y N 264 
PHE CZ   C Y N 265 
PHE OXT  O N N 266 
PHE H    H N N 267 
PHE H2   H N N 268 
PHE HA   H N N 269 
PHE HB2  H N N 270 
PHE HB3  H N N 271 
PHE HD1  H N N 272 
PHE HD2  H N N 273 
PHE HE1  H N N 274 
PHE HE2  H N N 275 
PHE HZ   H N N 276 
PHE HXT  H N N 277 
PRO N    N N N 278 
PRO CA   C N S 279 
PRO C    C N N 280 
PRO O    O N N 281 
PRO CB   C N N 282 
PRO CG   C N N 283 
PRO CD   C N N 284 
PRO OXT  O N N 285 
PRO H    H N N 286 
PRO HA   H N N 287 
PRO HB2  H N N 288 
PRO HB3  H N N 289 
PRO HG2  H N N 290 
PRO HG3  H N N 291 
PRO HD2  H N N 292 
PRO HD3  H N N 293 
PRO HXT  H N N 294 
SER N    N N N 295 
SER CA   C N S 296 
SER C    C N N 297 
SER O    O N N 298 
SER CB   C N N 299 
SER OG   O N N 300 
SER OXT  O N N 301 
SER H    H N N 302 
SER H2   H N N 303 
SER HA   H N N 304 
SER HB2  H N N 305 
SER HB3  H N N 306 
SER HG   H N N 307 
SER HXT  H N N 308 
THR N    N N N 309 
THR CA   C N S 310 
THR C    C N N 311 
THR O    O N N 312 
THR CB   C N R 313 
THR OG1  O N N 314 
THR CG2  C N N 315 
THR OXT  O N N 316 
THR H    H N N 317 
THR H2   H N N 318 
THR HA   H N N 319 
THR HB   H N N 320 
THR HG1  H N N 321 
THR HG21 H N N 322 
THR HG22 H N N 323 
THR HG23 H N N 324 
THR HXT  H N N 325 
TRP N    N N N 326 
TRP CA   C N S 327 
TRP C    C N N 328 
TRP O    O N N 329 
TRP CB   C N N 330 
TRP CG   C Y N 331 
TRP CD1  C Y N 332 
TRP CD2  C Y N 333 
TRP NE1  N Y N 334 
TRP CE2  C Y N 335 
TRP CE3  C Y N 336 
TRP CZ2  C Y N 337 
TRP CZ3  C Y N 338 
TRP CH2  C Y N 339 
TRP OXT  O N N 340 
TRP H    H N N 341 
TRP H2   H N N 342 
TRP HA   H N N 343 
TRP HB2  H N N 344 
TRP HB3  H N N 345 
TRP HD1  H N N 346 
TRP HE1  H N N 347 
TRP HE3  H N N 348 
TRP HZ2  H N N 349 
TRP HZ3  H N N 350 
TRP HH2  H N N 351 
TRP HXT  H N N 352 
TYR N    N N N 353 
TYR CA   C N S 354 
TYR C    C N N 355 
TYR O    O N N 356 
TYR CB   C N N 357 
TYR CG   C Y N 358 
TYR CD1  C Y N 359 
TYR CD2  C Y N 360 
TYR CE1  C Y N 361 
TYR CE2  C Y N 362 
TYR CZ   C Y N 363 
TYR OH   O N N 364 
TYR OXT  O N N 365 
TYR H    H N N 366 
TYR H2   H N N 367 
TYR HA   H N N 368 
TYR HB2  H N N 369 
TYR HB3  H N N 370 
TYR HD1  H N N 371 
TYR HD2  H N N 372 
TYR HE1  H N N 373 
TYR HE2  H N N 374 
TYR HH   H N N 375 
TYR HXT  H N N 376 
VAL N    N N N 377 
VAL CA   C N S 378 
VAL C    C N N 379 
VAL O    O N N 380 
VAL CB   C N N 381 
VAL CG1  C N N 382 
VAL CG2  C N N 383 
VAL OXT  O N N 384 
VAL H    H N N 385 
VAL H2   H N N 386 
VAL HA   H N N 387 
VAL HB   H N N 388 
VAL HG11 H N N 389 
VAL HG12 H N N 390 
VAL HG13 H N N 391 
VAL HG21 H N N 392 
VAL HG22 H N N 393 
VAL HG23 H N N 394 
VAL HXT  H N N 395 
# 
loop_
_chem_comp_bond.comp_id 
_chem_comp_bond.atom_id_1 
_chem_comp_bond.atom_id_2 
_chem_comp_bond.value_order 
_chem_comp_bond.pdbx_aromatic_flag 
_chem_comp_bond.pdbx_stereo_config 
_chem_comp_bond.pdbx_ordinal 
299 C1  C2   doub Y N 1   
299 C1  C6   sing Y N 2   
299 C1  H1   sing N N 3   
299 C2  C3   sing Y N 4   
299 C2  C7   sing N N 5   
299 C3  C4   doub Y N 6   
299 C3  H3   sing N N 7   
299 C4  C5   sing Y N 8   
299 C4  C11  sing N N 9   
299 C5  C6   doub Y N 10  
299 C5  O13  sing N N 11  
299 C6  C12  sing N N 12  
299 C7  H71  sing N N 13  
299 C7  H72  sing N N 14  
299 C7  H73  sing N N 15  
299 C11 O20  doub N N 16  
299 C11 H11  sing N N 17  
299 C12 O22  doub N N 18  
299 C12 H12  sing N N 19  
299 O13 P14  sing N N 20  
299 P14 O15  sing N N 21  
299 P14 O16  sing N N 22  
299 P14 O17  doub N N 23  
299 O15 H15  sing N N 24  
299 O16 H16  sing N N 25  
ALA N   CA   sing N N 26  
ALA N   H    sing N N 27  
ALA N   H2   sing N N 28  
ALA CA  C    sing N N 29  
ALA CA  CB   sing N N 30  
ALA CA  HA   sing N N 31  
ALA C   O    doub N N 32  
ALA C   OXT  sing N N 33  
ALA CB  HB1  sing N N 34  
ALA CB  HB2  sing N N 35  
ALA CB  HB3  sing N N 36  
ALA OXT HXT  sing N N 37  
ARG N   CA   sing N N 38  
ARG N   H    sing N N 39  
ARG N   H2   sing N N 40  
ARG CA  C    sing N N 41  
ARG CA  CB   sing N N 42  
ARG CA  HA   sing N N 43  
ARG C   O    doub N N 44  
ARG C   OXT  sing N N 45  
ARG CB  CG   sing N N 46  
ARG CB  HB2  sing N N 47  
ARG CB  HB3  sing N N 48  
ARG CG  CD   sing N N 49  
ARG CG  HG2  sing N N 50  
ARG CG  HG3  sing N N 51  
ARG CD  NE   sing N N 52  
ARG CD  HD2  sing N N 53  
ARG CD  HD3  sing N N 54  
ARG NE  CZ   sing N N 55  
ARG NE  HE   sing N N 56  
ARG CZ  NH1  sing N N 57  
ARG CZ  NH2  doub N N 58  
ARG NH1 HH11 sing N N 59  
ARG NH1 HH12 sing N N 60  
ARG NH2 HH21 sing N N 61  
ARG NH2 HH22 sing N N 62  
ARG OXT HXT  sing N N 63  
ASN N   CA   sing N N 64  
ASN N   H    sing N N 65  
ASN N   H2   sing N N 66  
ASN CA  C    sing N N 67  
ASN CA  CB   sing N N 68  
ASN CA  HA   sing N N 69  
ASN C   O    doub N N 70  
ASN C   OXT  sing N N 71  
ASN CB  CG   sing N N 72  
ASN CB  HB2  sing N N 73  
ASN CB  HB3  sing N N 74  
ASN CG  OD1  doub N N 75  
ASN CG  ND2  sing N N 76  
ASN ND2 HD21 sing N N 77  
ASN ND2 HD22 sing N N 78  
ASN OXT HXT  sing N N 79  
ASP N   CA   sing N N 80  
ASP N   H    sing N N 81  
ASP N   H2   sing N N 82  
ASP CA  C    sing N N 83  
ASP CA  CB   sing N N 84  
ASP CA  HA   sing N N 85  
ASP C   O    doub N N 86  
ASP C   OXT  sing N N 87  
ASP CB  CG   sing N N 88  
ASP CB  HB2  sing N N 89  
ASP CB  HB3  sing N N 90  
ASP CG  OD1  doub N N 91  
ASP CG  OD2  sing N N 92  
ASP OD2 HD2  sing N N 93  
ASP OXT HXT  sing N N 94  
CYS N   CA   sing N N 95  
CYS N   H    sing N N 96  
CYS N   H2   sing N N 97  
CYS CA  C    sing N N 98  
CYS CA  CB   sing N N 99  
CYS CA  HA   sing N N 100 
CYS C   O    doub N N 101 
CYS C   OXT  sing N N 102 
CYS CB  SG   sing N N 103 
CYS CB  HB2  sing N N 104 
CYS CB  HB3  sing N N 105 
CYS SG  HG   sing N N 106 
CYS OXT HXT  sing N N 107 
GLN N   CA   sing N N 108 
GLN N   H    sing N N 109 
GLN N   H2   sing N N 110 
GLN CA  C    sing N N 111 
GLN CA  CB   sing N N 112 
GLN CA  HA   sing N N 113 
GLN C   O    doub N N 114 
GLN C   OXT  sing N N 115 
GLN CB  CG   sing N N 116 
GLN CB  HB2  sing N N 117 
GLN CB  HB3  sing N N 118 
GLN CG  CD   sing N N 119 
GLN CG  HG2  sing N N 120 
GLN CG  HG3  sing N N 121 
GLN CD  OE1  doub N N 122 
GLN CD  NE2  sing N N 123 
GLN NE2 HE21 sing N N 124 
GLN NE2 HE22 sing N N 125 
GLN OXT HXT  sing N N 126 
GLU N   CA   sing N N 127 
GLU N   H    sing N N 128 
GLU N   H2   sing N N 129 
GLU CA  C    sing N N 130 
GLU CA  CB   sing N N 131 
GLU CA  HA   sing N N 132 
GLU C   O    doub N N 133 
GLU C   OXT  sing N N 134 
GLU CB  CG   sing N N 135 
GLU CB  HB2  sing N N 136 
GLU CB  HB3  sing N N 137 
GLU CG  CD   sing N N 138 
GLU CG  HG2  sing N N 139 
GLU CG  HG3  sing N N 140 
GLU CD  OE1  doub N N 141 
GLU CD  OE2  sing N N 142 
GLU OE2 HE2  sing N N 143 
GLU OXT HXT  sing N N 144 
GLY N   CA   sing N N 145 
GLY N   H    sing N N 146 
GLY N   H2   sing N N 147 
GLY CA  C    sing N N 148 
GLY CA  HA2  sing N N 149 
GLY CA  HA3  sing N N 150 
GLY C   O    doub N N 151 
GLY C   OXT  sing N N 152 
GLY OXT HXT  sing N N 153 
HIS N   CA   sing N N 154 
HIS N   H    sing N N 155 
HIS N   H2   sing N N 156 
HIS CA  C    sing N N 157 
HIS CA  CB   sing N N 158 
HIS CA  HA   sing N N 159 
HIS C   O    doub N N 160 
HIS C   OXT  sing N N 161 
HIS CB  CG   sing N N 162 
HIS CB  HB2  sing N N 163 
HIS CB  HB3  sing N N 164 
HIS CG  ND1  sing Y N 165 
HIS CG  CD2  doub Y N 166 
HIS ND1 CE1  doub Y N 167 
HIS ND1 HD1  sing N N 168 
HIS CD2 NE2  sing Y N 169 
HIS CD2 HD2  sing N N 170 
HIS CE1 NE2  sing Y N 171 
HIS CE1 HE1  sing N N 172 
HIS NE2 HE2  sing N N 173 
HIS OXT HXT  sing N N 174 
HOH O   H1   sing N N 175 
HOH O   H2   sing N N 176 
ILE N   CA   sing N N 177 
ILE N   H    sing N N 178 
ILE N   H2   sing N N 179 
ILE CA  C    sing N N 180 
ILE CA  CB   sing N N 181 
ILE CA  HA   sing N N 182 
ILE C   O    doub N N 183 
ILE C   OXT  sing N N 184 
ILE CB  CG1  sing N N 185 
ILE CB  CG2  sing N N 186 
ILE CB  HB   sing N N 187 
ILE CG1 CD1  sing N N 188 
ILE CG1 HG12 sing N N 189 
ILE CG1 HG13 sing N N 190 
ILE CG2 HG21 sing N N 191 
ILE CG2 HG22 sing N N 192 
ILE CG2 HG23 sing N N 193 
ILE CD1 HD11 sing N N 194 
ILE CD1 HD12 sing N N 195 
ILE CD1 HD13 sing N N 196 
ILE OXT HXT  sing N N 197 
LEU N   CA   sing N N 198 
LEU N   H    sing N N 199 
LEU N   H2   sing N N 200 
LEU CA  C    sing N N 201 
LEU CA  CB   sing N N 202 
LEU CA  HA   sing N N 203 
LEU C   O    doub N N 204 
LEU C   OXT  sing N N 205 
LEU CB  CG   sing N N 206 
LEU CB  HB2  sing N N 207 
LEU CB  HB3  sing N N 208 
LEU CG  CD1  sing N N 209 
LEU CG  CD2  sing N N 210 
LEU CG  HG   sing N N 211 
LEU CD1 HD11 sing N N 212 
LEU CD1 HD12 sing N N 213 
LEU CD1 HD13 sing N N 214 
LEU CD2 HD21 sing N N 215 
LEU CD2 HD22 sing N N 216 
LEU CD2 HD23 sing N N 217 
LEU OXT HXT  sing N N 218 
LYS N   CA   sing N N 219 
LYS N   H    sing N N 220 
LYS N   H2   sing N N 221 
LYS CA  C    sing N N 222 
LYS CA  CB   sing N N 223 
LYS CA  HA   sing N N 224 
LYS C   O    doub N N 225 
LYS C   OXT  sing N N 226 
LYS CB  CG   sing N N 227 
LYS CB  HB2  sing N N 228 
LYS CB  HB3  sing N N 229 
LYS CG  CD   sing N N 230 
LYS CG  HG2  sing N N 231 
LYS CG  HG3  sing N N 232 
LYS CD  CE   sing N N 233 
LYS CD  HD2  sing N N 234 
LYS CD  HD3  sing N N 235 
LYS CE  NZ   sing N N 236 
LYS CE  HE2  sing N N 237 
LYS CE  HE3  sing N N 238 
LYS NZ  HZ1  sing N N 239 
LYS NZ  HZ2  sing N N 240 
LYS NZ  HZ3  sing N N 241 
LYS OXT HXT  sing N N 242 
PHE N   CA   sing N N 243 
PHE N   H    sing N N 244 
PHE N   H2   sing N N 245 
PHE CA  C    sing N N 246 
PHE CA  CB   sing N N 247 
PHE CA  HA   sing N N 248 
PHE C   O    doub N N 249 
PHE C   OXT  sing N N 250 
PHE CB  CG   sing N N 251 
PHE CB  HB2  sing N N 252 
PHE CB  HB3  sing N N 253 
PHE CG  CD1  doub Y N 254 
PHE CG  CD2  sing Y N 255 
PHE CD1 CE1  sing Y N 256 
PHE CD1 HD1  sing N N 257 
PHE CD2 CE2  doub Y N 258 
PHE CD2 HD2  sing N N 259 
PHE CE1 CZ   doub Y N 260 
PHE CE1 HE1  sing N N 261 
PHE CE2 CZ   sing Y N 262 
PHE CE2 HE2  sing N N 263 
PHE CZ  HZ   sing N N 264 
PHE OXT HXT  sing N N 265 
PRO N   CA   sing N N 266 
PRO N   CD   sing N N 267 
PRO N   H    sing N N 268 
PRO CA  C    sing N N 269 
PRO CA  CB   sing N N 270 
PRO CA  HA   sing N N 271 
PRO C   O    doub N N 272 
PRO C   OXT  sing N N 273 
PRO CB  CG   sing N N 274 
PRO CB  HB2  sing N N 275 
PRO CB  HB3  sing N N 276 
PRO CG  CD   sing N N 277 
PRO CG  HG2  sing N N 278 
PRO CG  HG3  sing N N 279 
PRO CD  HD2  sing N N 280 
PRO CD  HD3  sing N N 281 
PRO OXT HXT  sing N N 282 
SER N   CA   sing N N 283 
SER N   H    sing N N 284 
SER N   H2   sing N N 285 
SER CA  C    sing N N 286 
SER CA  CB   sing N N 287 
SER CA  HA   sing N N 288 
SER C   O    doub N N 289 
SER C   OXT  sing N N 290 
SER CB  OG   sing N N 291 
SER CB  HB2  sing N N 292 
SER CB  HB3  sing N N 293 
SER OG  HG   sing N N 294 
SER OXT HXT  sing N N 295 
THR N   CA   sing N N 296 
THR N   H    sing N N 297 
THR N   H2   sing N N 298 
THR CA  C    sing N N 299 
THR CA  CB   sing N N 300 
THR CA  HA   sing N N 301 
THR C   O    doub N N 302 
THR C   OXT  sing N N 303 
THR CB  OG1  sing N N 304 
THR CB  CG2  sing N N 305 
THR CB  HB   sing N N 306 
THR OG1 HG1  sing N N 307 
THR CG2 HG21 sing N N 308 
THR CG2 HG22 sing N N 309 
THR CG2 HG23 sing N N 310 
THR OXT HXT  sing N N 311 
TRP N   CA   sing N N 312 
TRP N   H    sing N N 313 
TRP N   H2   sing N N 314 
TRP CA  C    sing N N 315 
TRP CA  CB   sing N N 316 
TRP CA  HA   sing N N 317 
TRP C   O    doub N N 318 
TRP C   OXT  sing N N 319 
TRP CB  CG   sing N N 320 
TRP CB  HB2  sing N N 321 
TRP CB  HB3  sing N N 322 
TRP CG  CD1  doub Y N 323 
TRP CG  CD2  sing Y N 324 
TRP CD1 NE1  sing Y N 325 
TRP CD1 HD1  sing N N 326 
TRP CD2 CE2  doub Y N 327 
TRP CD2 CE3  sing Y N 328 
TRP NE1 CE2  sing Y N 329 
TRP NE1 HE1  sing N N 330 
TRP CE2 CZ2  sing Y N 331 
TRP CE3 CZ3  doub Y N 332 
TRP CE3 HE3  sing N N 333 
TRP CZ2 CH2  doub Y N 334 
TRP CZ2 HZ2  sing N N 335 
TRP CZ3 CH2  sing Y N 336 
TRP CZ3 HZ3  sing N N 337 
TRP CH2 HH2  sing N N 338 
TRP OXT HXT  sing N N 339 
TYR N   CA   sing N N 340 
TYR N   H    sing N N 341 
TYR N   H2   sing N N 342 
TYR CA  C    sing N N 343 
TYR CA  CB   sing N N 344 
TYR CA  HA   sing N N 345 
TYR C   O    doub N N 346 
TYR C   OXT  sing N N 347 
TYR CB  CG   sing N N 348 
TYR CB  HB2  sing N N 349 
TYR CB  HB3  sing N N 350 
TYR CG  CD1  doub Y N 351 
TYR CG  CD2  sing Y N 352 
TYR CD1 CE1  sing Y N 353 
TYR CD1 HD1  sing N N 354 
TYR CD2 CE2  doub Y N 355 
TYR CD2 HD2  sing N N 356 
TYR CE1 CZ   doub Y N 357 
TYR CE1 HE1  sing N N 358 
TYR CE2 CZ   sing Y N 359 
TYR CE2 HE2  sing N N 360 
TYR CZ  OH   sing N N 361 
TYR OH  HH   sing N N 362 
TYR OXT HXT  sing N N 363 
VAL N   CA   sing N N 364 
VAL N   H    sing N N 365 
VAL N   H2   sing N N 366 
VAL CA  C    sing N N 367 
VAL CA  CB   sing N N 368 
VAL CA  HA   sing N N 369 
VAL C   O    doub N N 370 
VAL C   OXT  sing N N 371 
VAL CB  CG1  sing N N 372 
VAL CB  CG2  sing N N 373 
VAL CB  HB   sing N N 374 
VAL CG1 HG11 sing N N 375 
VAL CG1 HG12 sing N N 376 
VAL CG1 HG13 sing N N 377 
VAL CG2 HG21 sing N N 378 
VAL CG2 HG22 sing N N 379 
VAL CG2 HG23 sing N N 380 
VAL OXT HXT  sing N N 381 
# 
_pdbx_initial_refinement_model.id               1 
_pdbx_initial_refinement_model.entity_id_list   ? 
_pdbx_initial_refinement_model.type             'experimental model' 
_pdbx_initial_refinement_model.source_name      PDB 
_pdbx_initial_refinement_model.accession_code   1SHD 
_pdbx_initial_refinement_model.details          ? 
# 
_atom_sites.entry_id                    1O4E 
_atom_sites.fract_transf_matrix[1][1]   -0.00436145 
_atom_sites.fract_transf_matrix[1][2]   -0.03744583 
_atom_sites.fract_transf_matrix[1][3]   -0.00303570 
_atom_sites.fract_transf_matrix[2][1]   -0.00462292 
_atom_sites.fract_transf_matrix[2][2]   0.00184788 
_atom_sites.fract_transf_matrix[2][3]   -0.01615214 
_atom_sites.fract_transf_matrix[3][1]   0.01485108 
_atom_sites.fract_transf_matrix[3][2]   -0.00137244 
_atom_sites.fract_transf_matrix[3][3]   -0.00440756 
_atom_sites.fract_transf_vector[1]      0.393894 
_atom_sites.fract_transf_vector[2]      0.327460 
_atom_sites.fract_transf_vector[3]      0.313681 
# 
loop_
_atom_type.symbol 
C 
N 
O 
P 
S 
# 
loop_
_atom_site.group_PDB 
_atom_site.id 
_atom_site.type_symbol 
_atom_site.label_atom_id 
_atom_site.label_alt_id 
_atom_site.label_comp_id 
_atom_site.label_asym_id 
_atom_site.label_entity_id 
_atom_site.label_seq_id 
_atom_site.pdbx_PDB_ins_code 
_atom_site.Cartn_x 
_atom_site.Cartn_y 
_atom_site.Cartn_z 
_atom_site.occupancy 
_atom_site.B_iso_or_equiv 
_atom_site.pdbx_formal_charge 
_atom_site.auth_seq_id 
_atom_site.auth_comp_id 
_atom_site.auth_asym_id 
_atom_site.auth_atom_id 
_atom_site.pdbx_PDB_model_num 
ATOM   1   N N   . SER A 1 1   ? -11.946 7.749   9.092   1.00 67.78 ? 1   SER A N   1 
ATOM   2   C CA  . SER A 1 1   ? -12.008 8.412   7.749   1.00 67.10 ? 1   SER A CA  1 
ATOM   3   C C   . SER A 1 1   ? -10.715 8.237   6.948   1.00 65.18 ? 1   SER A C   1 
ATOM   4   O O   . SER A 1 1   ? -9.735  8.966   7.144   1.00 66.12 ? 1   SER A O   1 
ATOM   5   C CB  . SER A 1 1   ? -12.376 9.897   7.889   1.00 69.93 ? 1   SER A CB  1 
ATOM   6   O OG  . SER A 1 1   ? -11.359 10.658  8.537   1.00 73.81 ? 1   SER A OG  1 
ATOM   7   N N   . ILE A 1 2   ? -10.735 7.264   6.040   1.00 62.92 ? 2   ILE A N   1 
ATOM   8   C CA  . ILE A 1 2   ? -9.593  6.931   5.189   1.00 58.64 ? 2   ILE A CA  1 
ATOM   9   C C   . ILE A 1 2   ? -9.294  7.978   4.138   1.00 54.70 ? 2   ILE A C   1 
ATOM   10  O O   . ILE A 1 2   ? -8.145  8.242   3.823   1.00 54.26 ? 2   ILE A O   1 
ATOM   11  C CB  . ILE A 1 2   ? -9.822  5.586   4.512   1.00 59.46 ? 2   ILE A CB  1 
ATOM   12  C CG1 . ILE A 1 2   ? -9.978  4.513   5.590   1.00 60.95 ? 2   ILE A CG1 1 
ATOM   13  C CG2 . ILE A 1 2   ? -8.680  5.253   3.604   1.00 59.81 ? 2   ILE A CG2 1 
ATOM   14  C CD1 . ILE A 1 2   ? -11.138 3.584   5.348   1.00 65.23 ? 2   ILE A CD1 1 
ATOM   15  N N   . GLN A 1 3   ? -10.329 8.592   3.601   1.00 51.82 ? 3   GLN A N   1 
ATOM   16  C CA  . GLN A 1 3   ? -10.103 9.609   2.595   1.00 51.44 ? 3   GLN A CA  1 
ATOM   17  C C   . GLN A 1 3   ? -9.464  10.865  3.160   1.00 47.54 ? 3   GLN A C   1 
ATOM   18  O O   . GLN A 1 3   ? -9.149  11.798  2.420   1.00 47.43 ? 3   GLN A O   1 
ATOM   19  C CB  . GLN A 1 3   ? -11.395 9.951   1.864   1.00 58.68 ? 3   GLN A CB  1 
ATOM   20  C CG  . GLN A 1 3   ? -11.755 8.946   0.789   1.00 71.64 ? 3   GLN A CG  1 
ATOM   21  C CD  . GLN A 1 3   ? -13.147 8.402   0.981   1.00 80.35 ? 3   GLN A CD  1 
ATOM   22  O OE1 . GLN A 1 3   ? -14.043 9.136   1.395   1.00 89.10 ? 3   GLN A OE1 1 
ATOM   23  N NE2 . GLN A 1 3   ? -13.337 7.108   0.720   1.00 79.82 ? 3   GLN A NE2 1 
ATOM   24  N N   . ALA A 1 4   ? -9.338  10.914  4.478   1.00 42.98 ? 4   ALA A N   1 
ATOM   25  C CA  . ALA A 1 4   ? -8.715  12.050  5.132   1.00 38.89 ? 4   ALA A CA  1 
ATOM   26  C C   . ALA A 1 4   ? -7.213  11.822  5.112   1.00 34.85 ? 4   ALA A C   1 
ATOM   27  O O   . ALA A 1 4   ? -6.424  12.753  5.207   1.00 34.72 ? 4   ALA A O   1 
ATOM   28  C CB  . ALA A 1 4   ? -9.189  12.138  6.568   1.00 40.50 ? 4   ALA A CB  1 
ATOM   29  N N   . GLU A 1 5   ? -6.831  10.566  4.944   1.00 31.22 ? 5   GLU A N   1 
ATOM   30  C CA  . GLU A 1 5   ? -5.440  10.190  4.957   1.00 27.92 ? 5   GLU A CA  1 
ATOM   31  C C   . GLU A 1 5   ? -4.660  10.663  3.777   1.00 23.78 ? 5   GLU A C   1 
ATOM   32  O O   . GLU A 1 5   ? -5.029  10.416  2.648   1.00 23.92 ? 5   GLU A O   1 
ATOM   33  C CB  . GLU A 1 5   ? -5.322  8.683   5.069   1.00 28.14 ? 5   GLU A CB  1 
ATOM   34  C CG  . GLU A 1 5   ? -6.113  8.120   6.213   1.00 31.85 ? 5   GLU A CG  1 
ATOM   35  C CD  . GLU A 1 5   ? -5.649  8.660   7.539   1.00 32.24 ? 5   GLU A CD  1 
ATOM   36  O OE1 . GLU A 1 5   ? -6.512  8.849   8.424   1.00 32.83 ? 5   GLU A OE1 1 
ATOM   37  O OE2 . GLU A 1 5   ? -4.424  8.902   7.682   1.00 30.49 ? 5   GLU A OE2 1 
ATOM   38  N N   . GLU A 1 6   ? -3.513  11.254  4.051   1.00 21.42 ? 6   GLU A N   1 
ATOM   39  C CA  . GLU A 1 6   ? -2.657  11.725  2.989   1.00 20.26 ? 6   GLU A CA  1 
ATOM   40  C C   . GLU A 1 6   ? -2.116  10.580  2.092   1.00 18.81 ? 6   GLU A C   1 
ATOM   41  O O   . GLU A 1 6   ? -1.778  10.810  0.936   1.00 18.49 ? 6   GLU A O   1 
ATOM   42  C CB  . GLU A 1 6   ? -1.526  12.599  3.549   1.00 18.03 ? 6   GLU A CB  1 
ATOM   43  C CG  . GLU A 1 6   ? -0.411  11.884  4.304   1.00 19.41 ? 6   GLU A CG  1 
ATOM   44  C CD  . GLU A 1 6   ? -0.718  11.494  5.785   1.00 25.14 ? 6   GLU A CD  1 
ATOM   45  O OE1 . GLU A 1 6   ? 0.244   10.976  6.433   1.00 23.52 ? 6   GLU A OE1 1 
ATOM   46  O OE2 . GLU A 1 6   ? -1.869  11.676  6.298   1.00 20.27 ? 6   GLU A OE2 1 
ATOM   47  N N   . TRP A 1 7   ? -2.038  9.357   2.617   1.00 18.05 ? 7   TRP A N   1 
ATOM   48  C CA  . TRP A 1 7   ? -1.545  8.215   1.822   1.00 17.58 ? 7   TRP A CA  1 
ATOM   49  C C   . TRP A 1 7   ? -2.670  7.530   1.052   1.00 17.18 ? 7   TRP A C   1 
ATOM   50  O O   . TRP A 1 7   ? -2.438  6.561   0.340   1.00 14.77 ? 7   TRP A O   1 
ATOM   51  C CB  . TRP A 1 7   ? -0.813  7.187   2.700   1.00 16.07 ? 7   TRP A CB  1 
ATOM   52  C CG  . TRP A 1 7   ? -1.399  6.989   4.076   1.00 11.39 ? 7   TRP A CG  1 
ATOM   53  C CD1 . TRP A 1 7   ? -0.909  7.503   5.241   1.00 13.63 ? 7   TRP A CD1 1 
ATOM   54  C CD2 . TRP A 1 7   ? -2.530  6.188   4.442   1.00 11.52 ? 7   TRP A CD2 1 
ATOM   55  N NE1 . TRP A 1 7   ? -1.656  7.069   6.304   1.00 13.05 ? 7   TRP A NE1 1 
ATOM   56  C CE2 . TRP A 1 7   ? -2.662  6.259   5.846   1.00 11.31 ? 7   TRP A CE2 1 
ATOM   57  C CE3 . TRP A 1 7   ? -3.463  5.422   3.724   1.00 11.96 ? 7   TRP A CE3 1 
ATOM   58  C CZ2 . TRP A 1 7   ? -3.663  5.590   6.549   1.00 13.76 ? 7   TRP A CZ2 1 
ATOM   59  C CZ3 . TRP A 1 7   ? -4.467  4.756   4.424   1.00 14.77 ? 7   TRP A CZ3 1 
ATOM   60  C CH2 . TRP A 1 7   ? -4.561  4.847   5.822   1.00 15.33 ? 7   TRP A CH2 1 
ATOM   61  N N   . TYR A 1 8   ? -3.897  7.996   1.260   1.00 16.52 ? 8   TYR A N   1 
ATOM   62  C CA  . TYR A 1 8   ? -5.040  7.426   0.568   1.00 20.20 ? 8   TYR A CA  1 
ATOM   63  C C   . TYR A 1 8   ? -5.226  8.180   -0.742  1.00 21.42 ? 8   TYR A C   1 
ATOM   64  O O   . TYR A 1 8   ? -5.506  9.397   -0.730  1.00 23.44 ? 8   TYR A O   1 
ATOM   65  C CB  . TYR A 1 8   ? -6.314  7.544   1.403   1.00 20.51 ? 8   TYR A CB  1 
ATOM   66  C CG  . TYR A 1 8   ? -7.471  6.774   0.793   1.00 23.79 ? 8   TYR A CG  1 
ATOM   67  C CD1 . TYR A 1 8   ? -7.372  5.395   0.603   1.00 27.97 ? 8   TYR A CD1 1 
ATOM   68  C CD2 . TYR A 1 8   ? -8.630  7.420   0.343   1.00 23.21 ? 8   TYR A CD2 1 
ATOM   69  C CE1 . TYR A 1 8   ? -8.380  4.678   -0.017  1.00 27.95 ? 8   TYR A CE1 1 
ATOM   70  C CE2 . TYR A 1 8   ? -9.640  6.705   -0.285  1.00 21.81 ? 8   TYR A CE2 1 
ATOM   71  C CZ  . TYR A 1 8   ? -9.501  5.339   -0.459  1.00 24.57 ? 8   TYR A CZ  1 
ATOM   72  O OH  . TYR A 1 8   ? -10.468 4.610   -1.087  1.00 29.56 ? 8   TYR A OH  1 
ATOM   73  N N   . PHE A 1 9   ? -5.019  7.501   -1.874  1.00 20.85 ? 9   PHE A N   1 
ATOM   74  C CA  . PHE A 1 9   ? -5.189  8.151   -3.183  1.00 18.40 ? 9   PHE A CA  1 
ATOM   75  C C   . PHE A 1 9   ? -6.522  7.822   -3.832  1.00 19.85 ? 9   PHE A C   1 
ATOM   76  O O   . PHE A 1 9   ? -6.763  8.191   -4.972  1.00 21.26 ? 9   PHE A O   1 
ATOM   77  C CB  . PHE A 1 9   ? -4.043  7.842   -4.137  1.00 15.78 ? 9   PHE A CB  1 
ATOM   78  C CG  . PHE A 1 9   ? -2.785  8.608   -3.846  1.00 16.77 ? 9   PHE A CG  1 
ATOM   79  C CD1 . PHE A 1 9   ? -2.259  8.657   -2.554  1.00 17.45 ? 9   PHE A CD1 1 
ATOM   80  C CD2 . PHE A 1 9   ? -2.068  9.203   -4.874  1.00 19.47 ? 9   PHE A CD2 1 
ATOM   81  C CE1 . PHE A 1 9   ? -1.013  9.282   -2.298  1.00 19.11 ? 9   PHE A CE1 1 
ATOM   82  C CE2 . PHE A 1 9   ? -0.820  9.830   -4.623  1.00 22.86 ? 9   PHE A CE2 1 
ATOM   83  C CZ  . PHE A 1 9   ? -0.298  9.862   -3.344  1.00 18.49 ? 9   PHE A CZ  1 
ATOM   84  N N   . GLY A 1 10  ? -7.372  7.113   -3.106  1.00 18.89 ? 10  GLY A N   1 
ATOM   85  C CA  . GLY A 1 10  ? -8.689  6.794   -3.596  1.00 19.24 ? 10  GLY A CA  1 
ATOM   86  C C   . GLY A 1 10  ? -8.785  6.064   -4.905  1.00 20.64 ? 10  GLY A C   1 
ATOM   87  O O   . GLY A 1 10  ? -8.079  5.104   -5.164  1.00 20.09 ? 10  GLY A O   1 
ATOM   88  N N   . LYS A 1 11  ? -9.663  6.552   -5.757  1.00 21.25 ? 11  LYS A N   1 
ATOM   89  C CA  . LYS A 1 11  ? -9.876  5.918   -7.027  1.00 23.22 ? 11  LYS A CA  1 
ATOM   90  C C   . LYS A 1 11  ? -8.843  6.260   -8.103  1.00 23.67 ? 11  LYS A C   1 
ATOM   91  O O   . LYS A 1 11  ? -9.039  7.190   -8.899  1.00 25.56 ? 11  LYS A O   1 
ATOM   92  C CB  . LYS A 1 11  ? -11.294 6.227   -7.507  1.00 26.06 ? 11  LYS A CB  1 
ATOM   93  C CG  . LYS A 1 11  ? -11.784 5.328   -8.620  1.00 32.56 ? 11  LYS A CG  1 
ATOM   94  C CD  . LYS A 1 11  ? -13.037 5.906   -9.234  1.00 36.32 ? 11  LYS A CD  1 
ATOM   95  C CE  . LYS A 1 11  ? -13.680 4.915   -10.167 1.00 35.53 ? 11  LYS A CE  1 
ATOM   96  N NZ  . LYS A 1 11  ? -14.556 5.691   -11.072 1.00 35.81 ? 11  LYS A NZ  1 
ATOM   97  N N   . ILE A 1 12  ? -7.691  5.601   -8.080  1.00 22.25 ? 12  ILE A N   1 
ATOM   98  C CA  . ILE A 1 12  ? -6.721  5.805   -9.153  1.00 19.88 ? 12  ILE A CA  1 
ATOM   99  C C   . ILE A 1 12  ? -6.461  4.388   -9.687  1.00 18.87 ? 12  ILE A C   1 
ATOM   100 O O   . ILE A 1 12  ? -6.753  3.407   -9.003  1.00 18.94 ? 12  ILE A O   1 
ATOM   101 C CB  . ILE A 1 12  ? -5.402  6.530   -8.723  1.00 20.16 ? 12  ILE A CB  1 
ATOM   102 C CG1 . ILE A 1 12  ? -4.673  5.759   -7.619  1.00 17.37 ? 12  ILE A CG1 1 
ATOM   103 C CG2 . ILE A 1 12  ? -5.711  7.940   -8.313  1.00 20.53 ? 12  ILE A CG2 1 
ATOM   104 C CD1 . ILE A 1 12  ? -3.202  6.067   -7.590  1.00 13.74 ? 12  ILE A CD1 1 
ATOM   105 N N   . THR A 1 13  ? -5.997  4.295   -10.928 1.00 16.07 ? 13  THR A N   1 
ATOM   106 C CA  . THR A 1 13  ? -5.749  3.007   -11.521 1.00 15.07 ? 13  THR A CA  1 
ATOM   107 C C   . THR A 1 13  ? -4.406  2.427   -11.058 1.00 15.32 ? 13  THR A C   1 
ATOM   108 O O   . THR A 1 13  ? -3.585  3.115   -10.424 1.00 14.10 ? 13  THR A O   1 
ATOM   109 C CB  . THR A 1 13  ? -5.766  3.056   -13.072 1.00 11.45 ? 13  THR A CB  1 
ATOM   110 O OG1 . THR A 1 13  ? -4.681  3.850   -13.542 1.00 14.55 ? 13  THR A OG1 1 
ATOM   111 C CG2 . THR A 1 13  ? -7.067  3.628   -13.586 1.00 10.85 ? 13  THR A CG2 1 
ATOM   112 N N   . ARG A 1 14  ? -4.191  1.163   -11.434 1.00 14.58 ? 14  ARG A N   1 
ATOM   113 C CA  . ARG A 1 14  ? -2.967  0.451   -11.156 1.00 15.05 ? 14  ARG A CA  1 
ATOM   114 C C   . ARG A 1 14  ? -1.833  1.109   -11.943 1.00 17.21 ? 14  ARG A C   1 
ATOM   115 O O   . ARG A 1 14  ? -0.707  1.258   -11.422 1.00 15.73 ? 14  ARG A O   1 
ATOM   116 C CB  . ARG A 1 14  ? -3.110  -0.999  -11.609 1.00 16.21 ? 14  ARG A CB  1 
ATOM   117 C CG  . ARG A 1 14  ? -1.872  -1.737  -11.429 1.00 19.32 ? 14  ARG A CG  1 
ATOM   118 C CD  . ARG A 1 14  ? -1.882  -3.169  -11.908 1.00 34.50 ? 14  ARG A CD  1 
ATOM   119 N NE  . ARG A 1 14  ? -0.468  -3.461  -12.051 1.00 49.04 ? 14  ARG A NE  1 
ATOM   120 C CZ  . ARG A 1 14  ? 0.079   -3.948  -13.154 1.00 60.24 ? 14  ARG A CZ  1 
ATOM   121 N NH1 . ARG A 1 14  ? -0.641  -4.287  -14.199 1.00 65.40 ? 14  ARG A NH1 1 
ATOM   122 N NH2 . ARG A 1 14  ? 1.375   -3.747  -13.372 1.00 64.96 ? 14  ARG A NH2 1 
ATOM   123 N N   . ARG A 1 15  ? -2.127  1.486   -13.202 1.00 16.14 ? 15  ARG A N   1 
ATOM   124 C CA  . ARG A 1 15  ? -1.133  2.123   -14.049 1.00 14.78 ? 15  ARG A CA  1 
ATOM   125 C C   . ARG A 1 15  ? -0.722  3.475   -13.481 1.00 11.25 ? 15  ARG A C   1 
ATOM   126 O O   . ARG A 1 15  ? 0.440   3.862   -13.530 1.00 11.95 ? 15  ARG A O   1 
ATOM   127 C CB  . ARG A 1 15  ? -1.658  2.263   -15.478 1.00 15.49 ? 15  ARG A CB  1 
ATOM   128 C CG  . ARG A 1 15  ? -0.686  2.996   -16.397 1.00 18.04 ? 15  ARG A CG  1 
ATOM   129 C CD  . ARG A 1 15  ? -1.096  2.963   -17.848 1.00 18.74 ? 15  ARG A CD  1 
ATOM   130 N NE  . ARG A 1 15  ? -0.197  3.718   -18.728 1.00 20.80 ? 15  ARG A NE  1 
ATOM   131 C CZ  . ARG A 1 15  ? 0.866   3.208   -19.358 1.00 24.33 ? 15  ARG A CZ  1 
ATOM   132 N NH1 . ARG A 1 15  ? 1.208   1.926   -19.224 1.00 23.38 ? 15  ARG A NH1 1 
ATOM   133 N NH2 . ARG A 1 15  ? 1.578   3.988   -20.164 1.00 29.92 ? 15  ARG A NH2 1 
ATOM   134 N N   . GLU A 1 16  ? -1.685  4.232   -12.983 1.00 13.57 ? 16  GLU A N   1 
ATOM   135 C CA  . GLU A 1 16  ? -1.404  5.531   -12.361 1.00 14.08 ? 16  GLU A CA  1 
ATOM   136 C C   . GLU A 1 16  ? -0.556  5.363   -11.080 1.00 13.06 ? 16  GLU A C   1 
ATOM   137 O O   . GLU A 1 16  ? 0.435   6.077   -10.874 1.00 12.79 ? 16  GLU A O   1 
ATOM   138 C CB  . GLU A 1 16  ? -2.709  6.252   -12.043 1.00 15.81 ? 16  GLU A CB  1 
ATOM   139 C CG  . GLU A 1 16  ? -2.574  7.566   -11.276 1.00 15.33 ? 16  GLU A CG  1 
ATOM   140 C CD  . GLU A 1 16  ? -1.825  8.660   -12.033 1.00 21.06 ? 16  GLU A CD  1 
ATOM   141 O OE1 . GLU A 1 16  ? -1.745  9.774   -11.462 1.00 24.37 ? 16  GLU A OE1 1 
ATOM   142 O OE2 . GLU A 1 16  ? -1.327  8.436   -13.168 1.00 15.79 ? 16  GLU A OE2 1 
ATOM   143 N N   . SER A 1 17  ? -0.907  4.400   -10.243 1.00 13.18 ? 17  SER A N   1 
ATOM   144 C CA  . SER A 1 17  ? -0.124  4.142   -9.033  1.00 13.08 ? 17  SER A CA  1 
ATOM   145 C C   . SER A 1 17  ? 1.331   3.860   -9.404  1.00 13.49 ? 17  SER A C   1 
ATOM   146 O O   . SER A 1 17  ? 2.251   4.386   -8.773  1.00 14.57 ? 17  SER A O   1 
ATOM   147 C CB  . SER A 1 17  ? -0.703  2.939   -8.282  1.00 13.30 ? 17  SER A CB  1 
ATOM   148 O OG  . SER A 1 17  ? -0.205  1.716   -8.786  1.00 16.84 ? 17  SER A OG  1 
ATOM   149 N N   . GLU A 1 18  ? 1.558   3.006   -10.401 1.00 11.98 ? 18  GLU A N   1 
ATOM   150 C CA  . GLU A 1 18  ? 2.916   2.724   -10.825 1.00 11.40 ? 18  GLU A CA  1 
ATOM   151 C C   . GLU A 1 18  ? 3.599   3.930   -11.438 1.00 13.31 ? 18  GLU A C   1 
ATOM   152 O O   . GLU A 1 18  ? 4.807   4.081   -11.317 1.00 14.16 ? 18  GLU A O   1 
ATOM   153 C CB  . GLU A 1 18  ? 2.951   1.548   -11.786 1.00 11.32 ? 18  GLU A CB  1 
ATOM   154 C CG  . GLU A 1 18  ? 2.186   0.378   -11.225 1.00 18.69 ? 18  GLU A CG  1 
ATOM   155 C CD  . GLU A 1 18  ? 2.140   -0.809  -12.128 1.00 27.56 ? 18  GLU A CD  1 
ATOM   156 O OE1 . GLU A 1 18  ? 2.139   -1.949  -11.608 1.00 24.44 ? 18  GLU A OE1 1 
ATOM   157 O OE2 . GLU A 1 18  ? 2.064   -0.651  -13.374 1.00 35.04 ? 18  GLU A OE2 1 
ATOM   158 N N   . ARG A 1 19  ? 2.856   4.787   -12.117 1.00 13.26 ? 19  ARG A N   1 
ATOM   159 C CA  . ARG A 1 19  ? 3.482   5.967   -12.687 1.00 14.57 ? 19  ARG A CA  1 
ATOM   160 C C   . ARG A 1 19  ? 3.979   6.860   -11.537 1.00 14.87 ? 19  ARG A C   1 
ATOM   161 O O   . ARG A 1 19  ? 5.058   7.448   -11.613 1.00 16.14 ? 19  ARG A O   1 
ATOM   162 C CB  . ARG A 1 19  ? 2.503   6.763   -13.566 1.00 15.28 ? 19  ARG A CB  1 
ATOM   163 C CG  . ARG A 1 19  ? 3.171   7.940   -14.345 1.00 18.11 ? 19  ARG A CG  1 
ATOM   164 C CD  . ARG A 1 19  ? 2.156   8.888   -14.968 1.00 16.52 ? 19  ARG A CD  1 
ATOM   165 N NE  . ARG A 1 19  ? 1.281   9.523   -13.989 1.00 19.11 ? 19  ARG A NE  1 
ATOM   166 C CZ  . ARG A 1 19  ? 1.572   10.643  -13.340 1.00 20.11 ? 19  ARG A CZ  1 
ATOM   167 N NH1 . ARG A 1 19  ? 2.734   11.261  -13.565 1.00 21.86 ? 19  ARG A NH1 1 
ATOM   168 N NH2 . ARG A 1 19  ? 0.709   11.129  -12.466 1.00 16.22 ? 19  ARG A NH2 1 
ATOM   169 N N   . LEU A 1 20  ? 3.170   7.003   -10.497 1.00 14.68 ? 20  LEU A N   1 
ATOM   170 C CA  . LEU A 1 20  ? 3.562   7.831   -9.365  1.00 15.61 ? 20  LEU A CA  1 
ATOM   171 C C   . LEU A 1 20  ? 4.761   7.253   -8.581  1.00 16.35 ? 20  LEU A C   1 
ATOM   172 O O   . LEU A 1 20  ? 5.730   7.960   -8.266  1.00 17.54 ? 20  LEU A O   1 
ATOM   173 C CB  . LEU A 1 20  ? 2.368   8.026   -8.452  1.00 16.83 ? 20  LEU A CB  1 
ATOM   174 C CG  . LEU A 1 20  ? 1.273   8.945   -8.992  1.00 16.30 ? 20  LEU A CG  1 
ATOM   175 C CD1 . LEU A 1 20  ? 0.039   8.799   -8.128  1.00 18.80 ? 20  LEU A CD1 1 
ATOM   176 C CD2 . LEU A 1 20  ? 1.754   10.374  -9.027  1.00 15.86 ? 20  LEU A CD2 1 
ATOM   177 N N   . LEU A 1 21  ? 4.737   5.949   -8.353  1.00 14.33 ? 21  LEU A N   1 
ATOM   178 C CA  . LEU A 1 21  ? 5.790   5.275   -7.610  1.00 15.06 ? 21  LEU A CA  1 
ATOM   179 C C   . LEU A 1 21  ? 7.127   5.035   -8.292  1.00 15.09 ? 21  LEU A C   1 
ATOM   180 O O   . LEU A 1 21  ? 8.121   4.857   -7.614  1.00 13.87 ? 21  LEU A O   1 
ATOM   181 C CB  . LEU A 1 21  ? 5.241   3.954   -7.054  1.00 14.40 ? 21  LEU A CB  1 
ATOM   182 C CG  . LEU A 1 21  ? 4.110   4.172   -6.056  1.00 13.80 ? 21  LEU A CG  1 
ATOM   183 C CD1 . LEU A 1 21  ? 3.301   2.904   -5.894  1.00 16.58 ? 21  LEU A CD1 1 
ATOM   184 C CD2 . LEU A 1 21  ? 4.673   4.649   -4.708  1.00 14.26 ? 21  LEU A CD2 1 
ATOM   185 N N   . LEU A 1 22  ? 7.149   5.005   -9.624  1.00 16.51 ? 22  LEU A N   1 
ATOM   186 C CA  . LEU A 1 22  ? 8.362   4.748   -10.389 1.00 18.25 ? 22  LEU A CA  1 
ATOM   187 C C   . LEU A 1 22  ? 9.193   5.962   -10.605 1.00 20.57 ? 22  LEU A C   1 
ATOM   188 O O   . LEU A 1 22  ? 9.905   6.058   -11.593 1.00 26.90 ? 22  LEU A O   1 
ATOM   189 C CB  . LEU A 1 22  ? 8.047   4.134   -11.753 1.00 20.05 ? 22  LEU A CB  1 
ATOM   190 C CG  . LEU A 1 22  ? 7.501   2.707   -11.770 1.00 21.18 ? 22  LEU A CG  1 
ATOM   191 C CD1 . LEU A 1 22  ? 6.859   2.354   -13.093 1.00 18.90 ? 22  LEU A CD1 1 
ATOM   192 C CD2 . LEU A 1 22  ? 8.588   1.747   -11.391 1.00 24.73 ? 22  LEU A CD2 1 
ATOM   193 N N   . ASN A 1 23  ? 9.126   6.906   -9.694  1.00 23.09 ? 23  ASN A N   1 
ATOM   194 C CA  . ASN A 1 23  ? 9.924   8.108   -9.820  1.00 21.46 ? 23  ASN A CA  1 
ATOM   195 C C   . ASN A 1 23  ? 11.270  7.794   -9.142  1.00 23.31 ? 23  ASN A C   1 
ATOM   196 O O   . ASN A 1 23  ? 11.281  7.217   -8.055  1.00 21.35 ? 23  ASN A O   1 
ATOM   197 C CB  . ASN A 1 23  ? 9.190   9.239   -9.132  1.00 23.95 ? 23  ASN A CB  1 
ATOM   198 C CG  . ASN A 1 23  ? 9.887   10.556  -9.285  1.00 33.09 ? 23  ASN A CG  1 
ATOM   199 O OD1 . ASN A 1 23  ? 11.080  10.695  -8.958  1.00 30.24 ? 23  ASN A OD1 1 
ATOM   200 N ND2 . ASN A 1 23  ? 9.156   11.546  -9.801  1.00 35.23 ? 23  ASN A ND2 1 
ATOM   201 N N   . ALA A 1 24  ? 12.393  8.116   -9.808  1.00 23.18 ? 24  ALA A N   1 
ATOM   202 C CA  . ALA A 1 24  ? 13.764  7.856   -9.305  1.00 22.86 ? 24  ALA A CA  1 
ATOM   203 C C   . ALA A 1 24  ? 14.095  8.433   -7.917  1.00 22.31 ? 24  ALA A C   1 
ATOM   204 O O   . ALA A 1 24  ? 14.988  7.926   -7.227  1.00 22.35 ? 24  ALA A O   1 
ATOM   205 C CB  . ALA A 1 24  ? 14.791  8.325   -10.317 1.00 20.78 ? 24  ALA A CB  1 
ATOM   206 N N   . GLU A 1 25  ? 13.415  9.513   -7.547  1.00 21.52 ? 25  GLU A N   1 
ATOM   207 C CA  . GLU A 1 25  ? 13.602  10.136  -6.248  1.00 24.40 ? 25  GLU A CA  1 
ATOM   208 C C   . GLU A 1 25  ? 12.941  9.321   -5.123  1.00 23.82 ? 25  GLU A C   1 
ATOM   209 O O   . GLU A 1 25  ? 13.233  9.554   -3.955  1.00 23.68 ? 25  GLU A O   1 
ATOM   210 C CB  . GLU A 1 25  ? 13.006  11.534  -6.245  1.00 29.63 ? 25  GLU A CB  1 
ATOM   211 C CG  . GLU A 1 25  ? 13.817  12.539  -7.057  1.00 43.15 ? 25  GLU A CG  1 
ATOM   212 C CD  . GLU A 1 25  ? 13.196  13.941  -7.052  1.00 54.36 ? 25  GLU A CD  1 
ATOM   213 O OE1 . GLU A 1 25  ? 13.124  14.579  -8.135  1.00 59.91 ? 25  GLU A OE1 1 
ATOM   214 O OE2 . GLU A 1 25  ? 12.767  14.407  -5.964  1.00 61.79 ? 25  GLU A OE2 1 
ATOM   215 N N   . ASN A 1 26  ? 12.055  8.378   -5.457  1.00 20.35 ? 26  ASN A N   1 
ATOM   216 C CA  . ASN A 1 26  ? 11.400  7.574   -4.437  1.00 17.67 ? 26  ASN A CA  1 
ATOM   217 C C   . ASN A 1 26  ? 12.280  6.480   -3.852  1.00 17.85 ? 26  ASN A C   1 
ATOM   218 O O   . ASN A 1 26  ? 12.843  5.641   -4.581  1.00 18.59 ? 26  ASN A O   1 
ATOM   219 C CB  . ASN A 1 26  ? 10.106  6.936   -4.957  1.00 14.03 ? 26  ASN A CB  1 
ATOM   220 C CG  . ASN A 1 26  ? 9.030   7.950   -5.234  1.00 14.43 ? 26  ASN A CG  1 
ATOM   221 O OD1 . ASN A 1 26  ? 9.085   9.045   -4.729  1.00 20.34 ? 26  ASN A OD1 1 
ATOM   222 N ND2 . ASN A 1 26  ? 8.039   7.586   -6.037  1.00 17.66 ? 26  ASN A ND2 1 
ATOM   223 N N   . PRO A 1 27  ? 12.443  6.481   -2.518  1.00 17.20 ? 27  PRO A N   1 
ATOM   224 C CA  . PRO A 1 27  ? 13.266  5.443   -1.890  1.00 16.57 ? 27  PRO A CA  1 
ATOM   225 C C   . PRO A 1 27  ? 12.383  4.214   -1.697  1.00 15.14 ? 27  PRO A C   1 
ATOM   226 O O   . PRO A 1 27  ? 11.146  4.302   -1.814  1.00 14.29 ? 27  PRO A O   1 
ATOM   227 C CB  . PRO A 1 27  ? 13.649  6.066   -0.540  1.00 16.66 ? 27  PRO A CB  1 
ATOM   228 C CG  . PRO A 1 27  ? 12.451  6.895   -0.200  1.00 18.74 ? 27  PRO A CG  1 
ATOM   229 C CD  . PRO A 1 27  ? 12.036  7.520   -1.541  1.00 17.25 ? 27  PRO A CD  1 
ATOM   230 N N   . ARG A 1 28  ? 13.001  3.099   -1.334  1.00 14.88 ? 28  ARG A N   1 
ATOM   231 C CA  . ARG A 1 28  ? 12.260  1.866   -1.089  1.00 14.70 ? 28  ARG A CA  1 
ATOM   232 C C   . ARG A 1 28  ? 11.207  2.087   0.000   1.00 12.96 ? 28  ARG A C   1 
ATOM   233 O O   . ARG A 1 28  ? 11.476  2.745   1.004   1.00 13.53 ? 28  ARG A O   1 
ATOM   234 C CB  . ARG A 1 28  ? 13.207  0.791   -0.596  1.00 15.90 ? 28  ARG A CB  1 
ATOM   235 C CG  . ARG A 1 28  ? 14.227  0.266   -1.557  1.00 21.30 ? 28  ARG A CG  1 
ATOM   236 C CD  . ARG A 1 28  ? 14.940  -0.844  -0.812  1.00 32.45 ? 28  ARG A CD  1 
ATOM   237 N NE  . ARG A 1 28  ? 15.891  -1.601  -1.611  1.00 49.54 ? 28  ARG A NE  1 
ATOM   238 C CZ  . ARG A 1 28  ? 17.161  -1.816  -1.259  1.00 57.98 ? 28  ARG A CZ  1 
ATOM   239 N NH1 . ARG A 1 28  ? 17.629  -1.318  -0.105  1.00 59.45 ? 28  ARG A NH1 1 
ATOM   240 N NH2 . ARG A 1 28  ? 17.965  -2.537  -2.052  1.00 57.35 ? 28  ARG A NH2 1 
ATOM   241 N N   . GLY A 1 29  ? 10.028  1.504   -0.167  1.00 12.05 ? 29  GLY A N   1 
ATOM   242 C CA  . GLY A 1 29  ? 9.008   1.681   0.845   1.00 12.79 ? 29  GLY A CA  1 
ATOM   243 C C   . GLY A 1 29  ? 8.059   2.829   0.591   1.00 12.38 ? 29  GLY A C   1 
ATOM   244 O O   . GLY A 1 29  ? 7.138   3.059   1.386   1.00 12.40 ? 29  GLY A O   1 
ATOM   245 N N   . THR A 1 30  ? 8.292   3.593   -0.476  1.00 12.82 ? 30  THR A N   1 
ATOM   246 C CA  . THR A 1 30  ? 7.359   4.686   -0.818  1.00 12.20 ? 30  THR A CA  1 
ATOM   247 C C   . THR A 1 30  ? 6.010   3.986   -1.126  1.00 10.67 ? 30  THR A C   1 
ATOM   248 O O   . THR A 1 30  ? 5.963   2.928   -1.769  1.00 9.52  ? 30  THR A O   1 
ATOM   249 C CB  . THR A 1 30  ? 7.885   5.547   -2.009  1.00 10.85 ? 30  THR A CB  1 
ATOM   250 O OG1 . THR A 1 30  ? 9.177   6.074   -1.674  1.00 12.11 ? 30  THR A OG1 1 
ATOM   251 C CG2 . THR A 1 30  ? 6.947   6.720   -2.264  1.00 9.84  ? 30  THR A CG2 1 
ATOM   252 N N   . PHE A 1 31  ? 4.917   4.534   -0.622  1.00 11.80 ? 31  PHE A N   1 
ATOM   253 C CA  . PHE A 1 31  ? 3.644   3.865   -0.793  1.00 11.16 ? 31  PHE A CA  1 
ATOM   254 C C   . PHE A 1 31  ? 2.413   4.750   -0.900  1.00 11.42 ? 31  PHE A C   1 
ATOM   255 O O   . PHE A 1 31  ? 2.420   5.941   -0.557  1.00 12.01 ? 31  PHE A O   1 
ATOM   256 C CB  . PHE A 1 31  ? 3.424   2.913   0.396   1.00 10.17 ? 31  PHE A CB  1 
ATOM   257 C CG  . PHE A 1 31  ? 3.065   3.637   1.708   1.00 10.06 ? 31  PHE A CG  1 
ATOM   258 C CD1 . PHE A 1 31  ? 1.736   3.732   2.131   1.00 8.22  ? 31  PHE A CD1 1 
ATOM   259 C CD2 . PHE A 1 31  ? 4.048   4.269   2.466   1.00 9.31  ? 31  PHE A CD2 1 
ATOM   260 C CE1 . PHE A 1 31  ? 1.367   4.449   3.278   1.00 8.07  ? 31  PHE A CE1 1 
ATOM   261 C CE2 . PHE A 1 31  ? 3.693   5.000   3.635   1.00 13.19 ? 31  PHE A CE2 1 
ATOM   262 C CZ  . PHE A 1 31  ? 2.343   5.086   4.034   1.00 7.92  ? 31  PHE A CZ  1 
ATOM   263 N N   . LEU A 1 32  ? 1.321   4.086   -1.251  1.00 9.86  ? 32  LEU A N   1 
ATOM   264 C CA  . LEU A 1 32  ? 0.027   4.711   -1.344  1.00 10.46 ? 32  LEU A CA  1 
ATOM   265 C C   . LEU A 1 32  ? -1.021  3.593   -1.202  1.00 8.71  ? 32  LEU A C   1 
ATOM   266 O O   . LEU A 1 32  ? -0.695  2.413   -1.323  1.00 8.98  ? 32  LEU A O   1 
ATOM   267 C CB  . LEU A 1 32  ? -0.112  5.493   -2.668  1.00 9.23  ? 32  LEU A CB  1 
ATOM   268 C CG  . LEU A 1 32  ? -0.067  4.757   -4.008  1.00 9.67  ? 32  LEU A CG  1 
ATOM   269 C CD1 . LEU A 1 32  ? -1.455  4.202   -4.310  1.00 7.98  ? 32  LEU A CD1 1 
ATOM   270 C CD2 . LEU A 1 32  ? 0.368   5.691   -5.108  1.00 11.58 ? 32  LEU A CD2 1 
ATOM   271 N N   . VAL A 1 33  ? -2.232  3.966   -0.819  1.00 8.72  ? 33  VAL A N   1 
ATOM   272 C CA  . VAL A 1 33  ? -3.350  3.036   -0.688  1.00 11.52 ? 33  VAL A CA  1 
ATOM   273 C C   . VAL A 1 33  ? -4.392  3.589   -1.644  1.00 11.20 ? 33  VAL A C   1 
ATOM   274 O O   . VAL A 1 33  ? -4.554  4.809   -1.760  1.00 12.38 ? 33  VAL A O   1 
ATOM   275 C CB  . VAL A 1 33  ? -3.931  2.982   0.734   1.00 8.42  ? 33  VAL A CB  1 
ATOM   276 C CG1 . VAL A 1 33  ? -5.180  2.125   0.750   1.00 12.47 ? 33  VAL A CG1 1 
ATOM   277 C CG2 . VAL A 1 33  ? -2.886  2.382   1.690   1.00 9.32  ? 33  VAL A CG2 1 
ATOM   278 N N   . ARG A 1 34  ? -5.031  2.711   -2.395  1.00 11.64 ? 34  ARG A N   1 
ATOM   279 C CA  . ARG A 1 34  ? -6.050  3.141   -3.372  1.00 14.13 ? 34  ARG A CA  1 
ATOM   280 C C   . ARG A 1 34  ? -7.119  2.076   -3.444  1.00 14.87 ? 34  ARG A C   1 
ATOM   281 O O   . ARG A 1 34  ? -6.991  1.034   -2.843  1.00 15.14 ? 34  ARG A O   1 
ATOM   282 C CB  . ARG A 1 34  ? -5.425  3.259   -4.758  1.00 12.49 ? 34  ARG A CB  1 
ATOM   283 C CG  . ARG A 1 34  ? -4.678  1.977   -5.157  1.00 12.17 ? 34  ARG A CG  1 
ATOM   284 C CD  . ARG A 1 34  ? -4.252  2.020   -6.596  1.00 13.76 ? 34  ARG A CD  1 
ATOM   285 N NE  . ARG A 1 34  ? -3.447  0.864   -7.011  1.00 15.45 ? 34  ARG A NE  1 
ATOM   286 C CZ  . ARG A 1 34  ? -3.930  -0.206  -7.634  1.00 16.75 ? 34  ARG A CZ  1 
ATOM   287 N NH1 . ARG A 1 34  ? -3.106  -1.183  -7.994  1.00 15.98 ? 34  ARG A NH1 1 
ATOM   288 N NH2 . ARG A 1 34  ? -5.234  -0.311  -7.860  1.00 15.63 ? 34  ARG A NH2 1 
ATOM   289 N N   . GLU A 1 35  ? -8.216  2.368   -4.116  1.00 18.57 ? 35  GLU A N   1 
ATOM   290 C CA  . GLU A 1 35  ? -9.274  1.382   -4.284  1.00 20.51 ? 35  GLU A CA  1 
ATOM   291 C C   . GLU A 1 35  ? -8.751  0.336   -5.255  1.00 22.64 ? 35  GLU A C   1 
ATOM   292 O O   . GLU A 1 35  ? -7.897  0.640   -6.112  1.00 22.52 ? 35  GLU A O   1 
ATOM   293 C CB  . GLU A 1 35  ? -10.472 2.011   -4.970  1.00 24.37 ? 35  GLU A CB  1 
ATOM   294 C CG  . GLU A 1 35  ? -11.239 3.001   -4.156  1.00 34.03 ? 35  GLU A CG  1 
ATOM   295 C CD  . GLU A 1 35  ? -12.441 3.562   -4.924  1.00 43.59 ? 35  GLU A CD  1 
ATOM   296 O OE1 . GLU A 1 35  ? -13.123 4.451   -4.363  1.00 47.22 ? 35  GLU A OE1 1 
ATOM   297 O OE2 . GLU A 1 35  ? -12.698 3.122   -6.079  1.00 40.91 ? 35  GLU A OE2 1 
ATOM   298 N N   . SER A 1 36  ? -9.254  -0.894  -5.112  1.00 25.68 ? 36  SER A N   1 
ATOM   299 C CA  . SER A 1 36  ? -8.896  -1.982  -6.034  1.00 28.45 ? 36  SER A CA  1 
ATOM   300 C C   . SER A 1 36  ? -9.722  -1.757  -7.341  1.00 29.64 ? 36  SER A C   1 
ATOM   301 O O   . SER A 1 36  ? -10.907 -1.366  -7.281  1.00 28.23 ? 36  SER A O   1 
ATOM   302 C CB  . SER A 1 36  ? -9.251  -3.332  -5.402  1.00 30.89 ? 36  SER A CB  1 
ATOM   303 O OG  . SER A 1 36  ? -9.433  -4.332  -6.390  1.00 34.32 ? 36  SER A OG  1 
ATOM   304 N N   . GLU A 1 37  ? -9.090  -1.952  -8.500  1.00 31.74 ? 37  GLU A N   1 
ATOM   305 C CA  . GLU A 1 37  ? -9.754  -1.764  -9.810  1.00 34.33 ? 37  GLU A CA  1 
ATOM   306 C C   . GLU A 1 37  ? -10.915 -2.748  -10.049 1.00 38.16 ? 37  GLU A C   1 
ATOM   307 O O   . GLU A 1 37  ? -11.965 -2.409  -10.651 1.00 38.25 ? 37  GLU A O   1 
ATOM   308 C CB  . GLU A 1 37  ? -8.757  -1.984  -10.949 1.00 29.61 ? 37  GLU A CB  1 
ATOM   309 C CG  . GLU A 1 37  ? -7.780  -0.854  -11.239 1.00 26.62 ? 37  GLU A CG  1 
ATOM   310 C CD  . GLU A 1 37  ? -6.982  -1.128  -12.501 1.00 26.06 ? 37  GLU A CD  1 
ATOM   311 O OE1 . GLU A 1 37  ? -7.111  -2.229  -13.059 1.00 30.93 ? 37  GLU A OE1 1 
ATOM   312 O OE2 . GLU A 1 37  ? -6.206  -0.264  -12.947 1.00 26.37 ? 37  GLU A OE2 1 
ATOM   313 N N   . THR A 1 38  ? -10.690 -3.960  -9.547  1.00 41.44 ? 38  THR A N   1 
ATOM   314 C CA  . THR A 1 38  ? -11.572 -5.104  -9.694  1.00 44.19 ? 38  THR A CA  1 
ATOM   315 C C   . THR A 1 38  ? -12.355 -5.615  -8.467  1.00 45.56 ? 38  THR A C   1 
ATOM   316 O O   . THR A 1 38  ? -13.532 -5.995  -8.585  1.00 46.22 ? 38  THR A O   1 
ATOM   317 C CB  . THR A 1 38  ? -10.739 -6.293  -10.310 1.00 44.99 ? 38  THR A CB  1 
ATOM   318 O OG1 . THR A 1 38  ? -9.751  -6.750  -9.369  1.00 47.66 ? 38  THR A OG1 1 
ATOM   319 C CG2 . THR A 1 38  ? -9.998  -5.834  -11.569 1.00 46.73 ? 38  THR A CG2 1 
ATOM   320 N N   . THR A 1 39  ? -11.705 -5.659  -7.306  1.00 45.64 ? 39  THR A N   1 
ATOM   321 C CA  . THR A 1 39  ? -12.362 -6.192  -6.115  1.00 45.93 ? 39  THR A CA  1 
ATOM   322 C C   . THR A 1 39  ? -13.130 -5.198  -5.278  1.00 45.98 ? 39  THR A C   1 
ATOM   323 O O   . THR A 1 39  ? -12.547 -4.328  -4.629  1.00 46.95 ? 39  THR A O   1 
ATOM   324 C CB  . THR A 1 39  ? -11.372 -6.924  -5.194  1.00 46.23 ? 39  THR A CB  1 
ATOM   325 O OG1 . THR A 1 39  ? -10.647 -7.893  -5.955  1.00 49.53 ? 39  THR A OG1 1 
ATOM   326 C CG2 . THR A 1 39  ? -12.126 -7.634  -4.059  1.00 42.55 ? 39  THR A CG2 1 
ATOM   327 N N   . LYS A 1 40  ? -14.439 -5.402  -5.231  1.00 45.76 ? 40  LYS A N   1 
ATOM   328 C CA  . LYS A 1 40  ? -15.331 -4.551  -4.457  1.00 45.37 ? 40  LYS A CA  1 
ATOM   329 C C   . LYS A 1 40  ? -14.936 -4.637  -2.994  1.00 43.02 ? 40  LYS A C   1 
ATOM   330 O O   . LYS A 1 40  ? -14.635 -5.724  -2.487  1.00 42.56 ? 40  LYS A O   1 
ATOM   331 C CB  . LYS A 1 40  ? -16.792 -5.019  -4.601  1.00 50.70 ? 40  LYS A CB  1 
ATOM   332 C CG  . LYS A 1 40  ? -17.853 -4.002  -4.118  1.00 56.55 ? 40  LYS A CG  1 
ATOM   333 C CD  . LYS A 1 40  ? -18.118 -2.867  -5.160  1.00 62.88 ? 40  LYS A CD  1 
ATOM   334 C CE  . LYS A 1 40  ? -19.290 -1.918  -4.786  1.00 60.34 ? 40  LYS A CE  1 
ATOM   335 N NZ  . LYS A 1 40  ? -20.336 -2.561  -3.926  1.00 63.57 ? 40  LYS A NZ  1 
ATOM   336 N N   . GLY A 1 41  ? -14.889 -3.480  -2.344  1.00 41.35 ? 41  GLY A N   1 
ATOM   337 C CA  . GLY A 1 41  ? -14.559 -3.421  -0.935  1.00 40.03 ? 41  GLY A CA  1 
ATOM   338 C C   . GLY A 1 41  ? -13.114 -3.658  -0.554  1.00 39.01 ? 41  GLY A C   1 
ATOM   339 O O   . GLY A 1 41  ? -12.764 -3.540  0.637   1.00 41.45 ? 41  GLY A O   1 
ATOM   340 N N   . ALA A 1 42  ? -12.274 -4.013  -1.522  1.00 35.17 ? 42  ALA A N   1 
ATOM   341 C CA  . ALA A 1 42  ? -10.877 -4.231  -1.213  1.00 30.07 ? 42  ALA A CA  1 
ATOM   342 C C   . ALA A 1 42  ? -10.094 -2.970  -1.556  1.00 28.18 ? 42  ALA A C   1 
ATOM   343 O O   . ALA A 1 42  ? -10.509 -2.164  -2.387  1.00 29.03 ? 42  ALA A O   1 
ATOM   344 C CB  . ALA A 1 42  ? -10.348 -5.398  -1.994  1.00 26.60 ? 42  ALA A CB  1 
ATOM   345 N N   . TYR A 1 43  ? -9.012  -2.769  -0.822  1.00 25.05 ? 43  TYR A N   1 
ATOM   346 C CA  . TYR A 1 43  ? -8.116  -1.665  -1.039  1.00 20.85 ? 43  TYR A CA  1 
ATOM   347 C C   . TYR A 1 43  ? -6.848  -2.283  -1.571  1.00 16.92 ? 43  TYR A C   1 
ATOM   348 O O   . TYR A 1 43  ? -6.655  -3.494  -1.506  1.00 16.21 ? 43  TYR A O   1 
ATOM   349 C CB  . TYR A 1 43  ? -7.825  -0.896  0.247   1.00 23.65 ? 43  TYR A CB  1 
ATOM   350 C CG  . TYR A 1 43  ? -9.000  -0.141  0.799   1.00 26.77 ? 43  TYR A CG  1 
ATOM   351 C CD1 . TYR A 1 43  ? -9.617  -0.526  1.992   1.00 31.58 ? 43  TYR A CD1 1 
ATOM   352 C CD2 . TYR A 1 43  ? -9.471  0.985   0.140   1.00 34.93 ? 43  TYR A CD2 1 
ATOM   353 C CE1 . TYR A 1 43  ? -10.683 0.213   2.516   1.00 36.51 ? 43  TYR A CE1 1 
ATOM   354 C CE2 . TYR A 1 43  ? -10.517 1.721   0.640   1.00 40.41 ? 43  TYR A CE2 1 
ATOM   355 C CZ  . TYR A 1 43  ? -11.126 1.345   1.825   1.00 41.91 ? 43  TYR A CZ  1 
ATOM   356 O OH  . TYR A 1 43  ? -12.171 2.135   2.284   1.00 48.99 ? 43  TYR A OH  1 
ATOM   357 N N   . CYS A 1 44  ? -5.965  -1.467  -2.097  1.00 14.90 ? 44  CYS A N   1 
ATOM   358 C CA  . CYS A 1 44  ? -4.743  -1.933  -2.668  1.00 14.22 ? 44  CYS A CA  1 
ATOM   359 C C   . CYS A 1 44  ? -3.624  -1.085  -2.121  1.00 12.64 ? 44  CYS A C   1 
ATOM   360 O O   . CYS A 1 44  ? -3.755  0.116   -2.117  1.00 13.00 ? 44  CYS A O   1 
ATOM   361 C CB  . CYS A 1 44  ? -4.807  -1.723  -4.155  1.00 17.98 ? 44  CYS A CB  1 
ATOM   362 S SG  . CYS A 1 44  ? -3.725  -2.846  -5.011  1.00 28.35 ? 44  CYS A SG  1 
ATOM   363 N N   . LEU A 1 45  ? -2.583  -1.705  -1.626  1.00 11.56 ? 45  LEU A N   1 
ATOM   364 C CA  . LEU A 1 45  ? -1.425  -1.033  -1.102  1.00 13.36 ? 45  LEU A CA  1 
ATOM   365 C C   . LEU A 1 45  ? -0.333  -1.202  -2.170  1.00 12.79 ? 45  LEU A C   1 
ATOM   366 O O   . LEU A 1 45  ? 0.052   -2.342  -2.495  1.00 13.61 ? 45  LEU A O   1 
ATOM   367 C CB  . LEU A 1 45  ? -0.968  -1.663  0.230   1.00 13.20 ? 45  LEU A CB  1 
ATOM   368 C CG  . LEU A 1 45  ? 0.397   -1.301  0.897   1.00 10.80 ? 45  LEU A CG  1 
ATOM   369 C CD1 . LEU A 1 45  ? 0.408   0.176   1.359   1.00 8.22  ? 45  LEU A CD1 1 
ATOM   370 C CD2 . LEU A 1 45  ? 0.725   -2.263  2.059   1.00 8.94  ? 45  LEU A CD2 1 
ATOM   371 N N   . SER A 1 46  ? 0.121   -0.103  -2.770  1.00 11.26 ? 46  SER A N   1 
ATOM   372 C CA  . SER A 1 46  ? 1.157   -0.149  -3.818  1.00 10.27 ? 46  SER A CA  1 
ATOM   373 C C   . SER A 1 46  ? 2.402   0.422   -3.179  1.00 10.26 ? 46  SER A C   1 
ATOM   374 O O   . SER A 1 46  ? 2.378   1.520   -2.593  1.00 9.13  ? 46  SER A O   1 
ATOM   375 C CB  . SER A 1 46  ? 0.689   0.673   -5.023  1.00 10.29 ? 46  SER A CB  1 
ATOM   376 O OG  . SER A 1 46  ? -0.595  0.218   -5.418  1.00 9.85  ? 46  SER A OG  1 
ATOM   377 N N   . VAL A 1 47  ? 3.486   -0.340  -3.289  1.00 11.02 ? 47  VAL A N   1 
ATOM   378 C CA  . VAL A 1 47  ? 4.761   -0.028  -2.622  1.00 10.28 ? 47  VAL A CA  1 
ATOM   379 C C   . VAL A 1 47  ? 5.930   -0.052  -3.606  1.00 11.27 ? 47  VAL A C   1 
ATOM   380 O O   . VAL A 1 47  ? 6.034   -0.978  -4.410  1.00 11.82 ? 47  VAL A O   1 
ATOM   381 C CB  . VAL A 1 47  ? 5.038   -1.122  -1.461  1.00 8.29  ? 47  VAL A CB  1 
ATOM   382 C CG1 . VAL A 1 47  ? 6.271   -0.782  -0.623  1.00 9.91  ? 47  VAL A CG1 1 
ATOM   383 C CG2 . VAL A 1 47  ? 3.833   -1.299  -0.559  1.00 7.10  ? 47  VAL A CG2 1 
ATOM   384 N N   . SER A 1 48  ? 6.826   0.929   -3.528  1.00 10.47 ? 48  SER A N   1 
ATOM   385 C CA  . SER A 1 48  ? 7.974   0.922   -4.413  1.00 12.90 ? 48  SER A CA  1 
ATOM   386 C C   . SER A 1 48  ? 9.080   0.124   -3.761  1.00 15.22 ? 48  SER A C   1 
ATOM   387 O O   . SER A 1 48  ? 9.127   0.025   -2.509  1.00 13.39 ? 48  SER A O   1 
ATOM   388 C CB  . SER A 1 48  ? 8.472   2.331   -4.737  1.00 12.30 ? 48  SER A CB  1 
ATOM   389 O OG  . SER A 1 48  ? 9.173   2.912   -3.668  1.00 15.01 ? 48  SER A OG  1 
ATOM   390 N N   . ASP A 1 49  ? 9.886   -0.518  -4.612  1.00 15.87 ? 49  ASP A N   1 
ATOM   391 C CA  . ASP A 1 49  ? 11.036  -1.311  -4.195  1.00 18.82 ? 49  ASP A CA  1 
ATOM   392 C C   . ASP A 1 49  ? 12.180  -0.985  -5.128  1.00 19.38 ? 49  ASP A C   1 
ATOM   393 O O   . ASP A 1 49  ? 12.010  -0.312  -6.140  1.00 18.90 ? 49  ASP A O   1 
ATOM   394 C CB  . ASP A 1 49  ? 10.780  -2.818  -4.299  1.00 18.24 ? 49  ASP A CB  1 
ATOM   395 C CG  . ASP A 1 49  ? 11.686  -3.637  -3.358  1.00 22.90 ? 49  ASP A CG  1 
ATOM   396 O OD1 . ASP A 1 49  ? 12.425  -3.063  -2.497  1.00 22.60 ? 49  ASP A OD1 1 
ATOM   397 O OD2 . ASP A 1 49  ? 11.632  -4.880  -3.449  1.00 23.04 ? 49  ASP A OD2 1 
ATOM   398 N N   . PHE A 1 50  ? 13.359  -1.452  -4.772  1.00 19.38 ? 50  PHE A N   1 
ATOM   399 C CA  . PHE A 1 50  ? 14.510  -1.221  -5.597  1.00 22.21 ? 50  PHE A CA  1 
ATOM   400 C C   . PHE A 1 50  ? 15.537  -2.288  -5.271  1.00 22.68 ? 50  PHE A C   1 
ATOM   401 O O   . PHE A 1 50  ? 15.625  -2.726  -4.132  1.00 22.78 ? 50  PHE A O   1 
ATOM   402 C CB  . PHE A 1 50  ? 15.121  0.176   -5.314  1.00 19.77 ? 50  PHE A CB  1 
ATOM   403 C CG  . PHE A 1 50  ? 16.442  0.417   -6.025  1.00 16.83 ? 50  PHE A CG  1 
ATOM   404 C CD1 . PHE A 1 50  ? 17.628  -0.073  -5.497  1.00 15.28 ? 50  PHE A CD1 1 
ATOM   405 C CD2 . PHE A 1 50  ? 16.471  1.048   -7.268  1.00 19.51 ? 50  PHE A CD2 1 
ATOM   406 C CE1 . PHE A 1 50  ? 18.829  0.042   -6.190  1.00 21.79 ? 50  PHE A CE1 1 
ATOM   407 C CE2 . PHE A 1 50  ? 17.649  1.177   -7.980  1.00 16.38 ? 50  PHE A CE2 1 
ATOM   408 C CZ  . PHE A 1 50  ? 18.849  0.659   -7.435  1.00 19.73 ? 50  PHE A CZ  1 
ATOM   409 N N   . ASP A 1 51  ? 16.222  -2.773  -6.298  1.00 24.62 ? 51  ASP A N   1 
ATOM   410 C CA  . ASP A 1 51  ? 17.345  -3.682  -6.143  1.00 27.22 ? 51  ASP A CA  1 
ATOM   411 C C   . ASP A 1 51  ? 18.158  -3.651  -7.427  1.00 29.33 ? 51  ASP A C   1 
ATOM   412 O O   . ASP A 1 51  ? 17.705  -3.080  -8.427  1.00 28.44 ? 51  ASP A O   1 
ATOM   413 C CB  . ASP A 1 51  ? 16.995  -5.097  -5.649  1.00 30.00 ? 51  ASP A CB  1 
ATOM   414 C CG  . ASP A 1 51  ? 16.136  -5.875  -6.595  1.00 35.97 ? 51  ASP A CG  1 
ATOM   415 O OD1 . ASP A 1 51  ? 15.290  -6.654  -6.105  1.00 41.18 ? 51  ASP A OD1 1 
ATOM   416 O OD2 . ASP A 1 51  ? 16.317  -5.741  -7.809  1.00 36.96 ? 51  ASP A OD2 1 
ATOM   417 N N   . ASN A 1 52  ? 19.383  -4.178  -7.382  1.00 30.97 ? 52  ASN A N   1 
ATOM   418 C CA  . ASN A 1 52  ? 20.254  -4.156  -8.559  1.00 34.38 ? 52  ASN A CA  1 
ATOM   419 C C   . ASN A 1 52  ? 19.729  -5.072  -9.633  1.00 34.77 ? 52  ASN A C   1 
ATOM   420 O O   . ASN A 1 52  ? 19.998  -4.838  -10.803 1.00 35.95 ? 52  ASN A O   1 
ATOM   421 C CB  . ASN A 1 52  ? 21.717  -4.527  -8.224  1.00 38.06 ? 52  ASN A CB  1 
ATOM   422 C CG  . ASN A 1 52  ? 22.383  -3.534  -7.266  1.00 37.50 ? 52  ASN A CG  1 
ATOM   423 O OD1 . ASN A 1 52  ? 21.940  -2.391  -7.133  1.00 37.78 ? 52  ASN A OD1 1 
ATOM   424 N ND2 . ASN A 1 52  ? 23.448  -3.973  -6.592  1.00 32.80 ? 52  ASN A ND2 1 
ATOM   425 N N   . ALA A 1 53  ? 18.998  -6.111  -9.225  1.00 35.19 ? 53  ALA A N   1 
ATOM   426 C CA  . ALA A 1 53  ? 18.401  -7.074  -10.157 1.00 36.65 ? 53  ALA A CA  1 
ATOM   427 C C   . ALA A 1 53  ? 17.323  -6.403  -11.009 1.00 36.96 ? 53  ALA A C   1 
ATOM   428 O O   . ALA A 1 53  ? 17.441  -6.329  -12.231 1.00 37.30 ? 53  ALA A O   1 
ATOM   429 C CB  . ALA A 1 53  ? 17.781  -8.269  -9.384  1.00 35.19 ? 53  ALA A CB  1 
ATOM   430 N N   . LYS A 1 54  ? 16.272  -5.954  -10.330 1.00 36.21 ? 54  LYS A N   1 
ATOM   431 C CA  . LYS A 1 54  ? 15.090  -5.290  -10.900 1.00 36.81 ? 54  LYS A CA  1 
ATOM   432 C C   . LYS A 1 54  ? 15.142  -3.767  -11.023 1.00 35.76 ? 54  LYS A C   1 
ATOM   433 O O   . LYS A 1 54  ? 14.299  -3.179  -11.722 1.00 36.38 ? 54  LYS A O   1 
ATOM   434 C CB  . LYS A 1 54  ? 13.850  -5.572  -10.032 1.00 34.66 ? 54  LYS A CB  1 
ATOM   435 C CG  . LYS A 1 54  ? 13.484  -7.011  -9.856  1.00 36.79 ? 54  LYS A CG  1 
ATOM   436 C CD  . LYS A 1 54  ? 12.070  -7.108  -9.317  1.00 41.46 ? 54  LYS A CD  1 
ATOM   437 C CE  . LYS A 1 54  ? 11.548  -8.530  -9.375  1.00 45.04 ? 54  LYS A CE  1 
ATOM   438 N NZ  . LYS A 1 54  ? 10.059  -8.598  -9.211  1.00 46.34 ? 54  LYS A NZ  1 
ATOM   439 N N   . GLY A 1 55  ? 16.057  -3.127  -10.299 1.00 32.88 ? 55  GLY A N   1 
ATOM   440 C CA  . GLY A 1 55  ? 16.085  -1.678  -10.311 1.00 30.02 ? 55  GLY A CA  1 
ATOM   441 C C   . GLY A 1 55  ? 14.842  -1.259  -9.532  1.00 27.66 ? 55  GLY A C   1 
ATOM   442 O O   . GLY A 1 55  ? 14.361  -2.031  -8.680  1.00 25.77 ? 55  GLY A O   1 
ATOM   443 N N   . LEU A 1 56  ? 14.294  -0.083  -9.858  1.00 25.51 ? 56  LEU A N   1 
ATOM   444 C CA  . LEU A 1 56  ? 13.089  0.458   -9.198  1.00 25.73 ? 56  LEU A CA  1 
ATOM   445 C C   . LEU A 1 56  ? 11.827  -0.254  -9.735  1.00 24.46 ? 56  LEU A C   1 
ATOM   446 O O   . LEU A 1 56  ? 11.646  -0.383  -10.953 1.00 25.21 ? 56  LEU A O   1 
ATOM   447 C CB  . LEU A 1 56  ? 13.013  1.985   -9.418  1.00 24.81 ? 56  LEU A CB  1 
ATOM   448 C CG  . LEU A 1 56  ? 11.914  2.870   -8.804  1.00 27.85 ? 56  LEU A CG  1 
ATOM   449 C CD1 . LEU A 1 56  ? 11.919  2.802   -7.319  1.00 29.08 ? 56  LEU A CD1 1 
ATOM   450 C CD2 . LEU A 1 56  ? 12.136  4.292   -9.232  1.00 30.36 ? 56  LEU A CD2 1 
ATOM   451 N N   . ASN A 1 57  ? 10.965  -0.733  -8.850  1.00 21.07 ? 57  ASN A N   1 
ATOM   452 C CA  . ASN A 1 57  ? 9.791   -1.444  -9.308  1.00 19.41 ? 57  ASN A CA  1 
ATOM   453 C C   . ASN A 1 57  ? 8.692   -1.304  -8.281  1.00 18.96 ? 57  ASN A C   1 
ATOM   454 O O   . ASN A 1 57  ? 8.946   -0.837  -7.169  1.00 17.72 ? 57  ASN A O   1 
ATOM   455 C CB  . ASN A 1 57  ? 10.132  -2.921  -9.570  1.00 21.30 ? 57  ASN A CB  1 
ATOM   456 C CG  . ASN A 1 57  ? 10.631  -3.642  -8.323  1.00 22.92 ? 57  ASN A CG  1 
ATOM   457 O OD1 . ASN A 1 57  ? 9.866   -4.367  -7.668  1.00 23.82 ? 57  ASN A OD1 1 
ATOM   458 N ND2 . ASN A 1 57  ? 11.914  -3.449  -7.985  1.00 21.07 ? 57  ASN A ND2 1 
ATOM   459 N N   . VAL A 1 58  ? 7.491   -1.764  -8.635  1.00 16.80 ? 58  VAL A N   1 
ATOM   460 C CA  . VAL A 1 58  ? 6.317   -1.630  -7.779  1.00 15.37 ? 58  VAL A CA  1 
ATOM   461 C C   . VAL A 1 58  ? 5.609   -2.954  -7.441  1.00 17.02 ? 58  VAL A C   1 
ATOM   462 O O   . VAL A 1 58  ? 5.496   -3.840  -8.296  1.00 16.84 ? 58  VAL A O   1 
ATOM   463 C CB  . VAL A 1 58  ? 5.331   -0.650  -8.442  1.00 12.12 ? 58  VAL A CB  1 
ATOM   464 C CG1 . VAL A 1 58  ? 4.077   -0.437  -7.567  1.00 11.86 ? 58  VAL A CG1 1 
ATOM   465 C CG2 . VAL A 1 58  ? 6.032   0.673   -8.716  1.00 9.40  ? 58  VAL A CG2 1 
ATOM   466 N N   . LYS A 1 59  ? 5.180   -3.084  -6.185  1.00 15.24 ? 59  LYS A N   1 
ATOM   467 C CA  . LYS A 1 59  ? 4.456   -4.246  -5.690  1.00 14.41 ? 59  LYS A CA  1 
ATOM   468 C C   . LYS A 1 59  ? 3.083   -3.806  -5.191  1.00 13.08 ? 59  LYS A C   1 
ATOM   469 O O   . LYS A 1 59  ? 2.920   -2.698  -4.719  1.00 14.23 ? 59  LYS A O   1 
ATOM   470 C CB  . LYS A 1 59  ? 5.224   -4.929  -4.558  1.00 18.83 ? 59  LYS A CB  1 
ATOM   471 C CG  . LYS A 1 59  ? 6.554   -5.569  -4.956  1.00 24.00 ? 59  LYS A CG  1 
ATOM   472 C CD  . LYS A 1 59  ? 6.323   -6.739  -5.893  1.00 38.08 ? 59  LYS A CD  1 
ATOM   473 C CE  . LYS A 1 59  ? 7.563   -7.629  -6.089  1.00 46.71 ? 59  LYS A CE  1 
ATOM   474 N NZ  . LYS A 1 59  ? 7.398   -8.551  -7.293  1.00 52.36 ? 59  LYS A NZ  1 
ATOM   475 N N   . HIS A 1 60  ? 2.079   -4.657  -5.383  1.00 13.24 ? 60  HIS A N   1 
ATOM   476 C CA  . HIS A 1 60  ? 0.716   -4.370  -4.987  1.00 12.88 ? 60  HIS A CA  1 
ATOM   477 C C   . HIS A 1 60  ? 0.249   -5.439  -4.033  1.00 13.05 ? 60  HIS A C   1 
ATOM   478 O O   . HIS A 1 60  ? 0.494   -6.612  -4.283  1.00 14.40 ? 60  HIS A O   1 
ATOM   479 C CB  . HIS A 1 60  ? -0.200  -4.356  -6.226  1.00 12.35 ? 60  HIS A CB  1 
ATOM   480 C CG  . HIS A 1 60  ? 0.214   -3.349  -7.250  1.00 9.74  ? 60  HIS A CG  1 
ATOM   481 N ND1 . HIS A 1 60  ? -0.029  -2.002  -7.114  1.00 9.00  ? 60  HIS A ND1 1 
ATOM   482 C CD2 . HIS A 1 60  ? 0.952   -3.485  -8.379  1.00 11.59 ? 60  HIS A CD2 1 
ATOM   483 C CE1 . HIS A 1 60  ? 0.549   -1.349  -8.102  1.00 13.35 ? 60  HIS A CE1 1 
ATOM   484 N NE2 . HIS A 1 60  ? 1.154   -2.231  -8.883  1.00 13.32 ? 60  HIS A NE2 1 
ATOM   485 N N   . TYR A 1 61  ? -0.429  -5.044  -2.964  1.00 10.91 ? 61  TYR A N   1 
ATOM   486 C CA  . TYR A 1 61  ? -0.924  -5.989  -1.978  1.00 11.77 ? 61  TYR A CA  1 
ATOM   487 C C   . TYR A 1 61  ? -2.390  -5.667  -1.755  1.00 11.18 ? 61  TYR A C   1 
ATOM   488 O O   . TYR A 1 61  ? -2.770  -4.516  -1.622  1.00 12.96 ? 61  TYR A O   1 
ATOM   489 C CB  . TYR A 1 61  ? -0.148  -5.838  -0.643  1.00 10.89 ? 61  TYR A CB  1 
ATOM   490 C CG  . TYR A 1 61  ? 1.345   -6.014  -0.789  1.00 11.30 ? 61  TYR A CG  1 
ATOM   491 C CD1 . TYR A 1 61  ? 2.192   -4.922  -0.987  1.00 6.76  ? 61  TYR A CD1 1 
ATOM   492 C CD2 . TYR A 1 61  ? 1.901   -7.286  -0.845  1.00 11.05 ? 61  TYR A CD2 1 
ATOM   493 C CE1 . TYR A 1 61  ? 3.549   -5.096  -1.262  1.00 10.68 ? 61  TYR A CE1 1 
ATOM   494 C CE2 . TYR A 1 61  ? 3.248   -7.465  -1.114  1.00 10.76 ? 61  TYR A CE2 1 
ATOM   495 C CZ  . TYR A 1 61  ? 4.059   -6.381  -1.322  1.00 11.79 ? 61  TYR A CZ  1 
ATOM   496 O OH  . TYR A 1 61  ? 5.365   -6.619  -1.584  1.00 8.78  ? 61  TYR A OH  1 
ATOM   497 N N   . LYS A 1 62  ? -3.218  -6.686  -1.675  1.00 11.03 ? 62  LYS A N   1 
ATOM   498 C CA  . LYS A 1 62  ? -4.632  -6.488  -1.455  1.00 11.59 ? 62  LYS A CA  1 
ATOM   499 C C   . LYS A 1 62  ? -4.979  -6.411  0.015   1.00 12.81 ? 62  LYS A C   1 
ATOM   500 O O   . LYS A 1 62  ? -4.618  -7.268  0.795   1.00 12.97 ? 62  LYS A O   1 
ATOM   501 C CB  . LYS A 1 62  ? -5.424  -7.606  -2.117  1.00 15.65 ? 62  LYS A CB  1 
ATOM   502 C CG  . LYS A 1 62  ? -6.919  -7.463  -1.914  1.00 31.25 ? 62  LYS A CG  1 
ATOM   503 C CD  . LYS A 1 62  ? -7.710  -8.022  -3.089  1.00 40.55 ? 62  LYS A CD  1 
ATOM   504 C CE  . LYS A 1 62  ? -7.522  -7.143  -4.338  1.00 46.01 ? 62  LYS A CE  1 
ATOM   505 N NZ  . LYS A 1 62  ? -8.013  -7.854  -5.554  1.00 53.18 ? 62  LYS A NZ  1 
ATOM   506 N N   . ILE A 1 63  ? -5.653  -5.348  0.398   1.00 14.29 ? 63  ILE A N   1 
ATOM   507 C CA  . ILE A 1 63  ? -6.058  -5.157  1.776   1.00 16.54 ? 63  ILE A CA  1 
ATOM   508 C C   . ILE A 1 63  ? -7.551  -5.495  1.882   1.00 19.08 ? 63  ILE A C   1 
ATOM   509 O O   . ILE A 1 63  ? -8.402  -4.769  1.352   1.00 19.52 ? 63  ILE A O   1 
ATOM   510 C CB  . ILE A 1 63  ? -5.862  -3.685  2.222   1.00 15.16 ? 63  ILE A CB  1 
ATOM   511 C CG1 . ILE A 1 63  ? -4.377  -3.309  2.270   1.00 11.57 ? 63  ILE A CG1 1 
ATOM   512 C CG2 . ILE A 1 63  ? -6.560  -3.438  3.543   1.00 13.43 ? 63  ILE A CG2 1 
ATOM   513 C CD1 . ILE A 1 63  ? -4.142  -1.814  2.554   1.00 9.15  ? 63  ILE A CD1 1 
ATOM   514 N N   . ARG A 1 64  ? -7.871  -6.589  2.558   1.00 19.74 ? 64  ARG A N   1 
ATOM   515 C CA  . ARG A 1 64  ? -9.261  -6.987  2.737   1.00 21.78 ? 64  ARG A CA  1 
ATOM   516 C C   . ARG A 1 64  ? -9.881  -6.353  3.959   1.00 22.84 ? 64  ARG A C   1 
ATOM   517 O O   . ARG A 1 64  ? -9.214  -6.101  4.966   1.00 18.13 ? 64  ARG A O   1 
ATOM   518 C CB  . ARG A 1 64  ? -9.355  -8.499  2.874   1.00 25.45 ? 64  ARG A CB  1 
ATOM   519 C CG  . ARG A 1 64  ? -8.522  -9.226  1.843   1.00 34.24 ? 64  ARG A CG  1 
ATOM   520 C CD  . ARG A 1 64  ? -9.221  -9.280  0.506   1.00 46.79 ? 64  ARG A CD  1 
ATOM   521 N NE  . ARG A 1 64  ? -9.510  -10.676 0.209   1.00 58.24 ? 64  ARG A NE  1 
ATOM   522 C CZ  . ARG A 1 64  ? -8.582  -11.600 -0.042  1.00 61.18 ? 64  ARG A CZ  1 
ATOM   523 N NH1 . ARG A 1 64  ? -8.971  -12.842 -0.264  1.00 69.52 ? 64  ARG A NH1 1 
ATOM   524 N NH2 . ARG A 1 64  ? -7.289  -11.285 -0.170  1.00 55.82 ? 64  ARG A NH2 1 
ATOM   525 N N   . LYS A 1 65  ? -11.178 -6.107  3.859   1.00 26.24 ? 65  LYS A N   1 
ATOM   526 C CA  . LYS A 1 65  ? -11.931 -5.532  4.961   1.00 32.40 ? 65  LYS A CA  1 
ATOM   527 C C   . LYS A 1 65  ? -13.104 -6.447  5.247   1.00 35.48 ? 65  LYS A C   1 
ATOM   528 O O   . LYS A 1 65  ? -13.960 -6.696  4.378   1.00 34.62 ? 65  LYS A O   1 
ATOM   529 C CB  . LYS A 1 65  ? -12.426 -4.106  4.637   1.00 37.43 ? 65  LYS A CB  1 
ATOM   530 C CG  . LYS A 1 65  ? -13.664 -3.621  5.476   1.00 43.27 ? 65  LYS A CG  1 
ATOM   531 C CD  . LYS A 1 65  ? -13.426 -3.615  7.006   1.00 48.68 ? 65  LYS A CD  1 
ATOM   532 C CE  . LYS A 1 65  ? -14.692 -3.223  7.789   1.00 51.21 ? 65  LYS A CE  1 
ATOM   533 N NZ  . LYS A 1 65  ? -15.234 -1.870  7.431   1.00 56.13 ? 65  LYS A NZ  1 
ATOM   534 N N   . LEU A 1 66  ? -13.122 -6.934  6.479   1.00 38.00 ? 66  LEU A N   1 
ATOM   535 C CA  . LEU A 1 66  ? -14.156 -7.823  6.979   1.00 42.56 ? 66  LEU A CA  1 
ATOM   536 C C   . LEU A 1 66  ? -15.394 -7.065  7.440   1.00 45.69 ? 66  LEU A C   1 
ATOM   537 O O   . LEU A 1 66  ? -15.277 -5.992  8.036   1.00 45.91 ? 66  LEU A O   1 
ATOM   538 C CB  . LEU A 1 66  ? -13.616 -8.591  8.184   1.00 41.48 ? 66  LEU A CB  1 
ATOM   539 C CG  . LEU A 1 66  ? -12.507 -9.600  7.946   1.00 39.60 ? 66  LEU A CG  1 
ATOM   540 C CD1 . LEU A 1 66  ? -11.994 -10.117 9.278   1.00 41.23 ? 66  LEU A CD1 1 
ATOM   541 C CD2 . LEU A 1 66  ? -13.045 -10.718 7.091   1.00 36.02 ? 66  LEU A CD2 1 
ATOM   542 N N   . ASP A 1 67  ? -16.577 -7.623  7.186   1.00 49.69 ? 67  ASP A N   1 
ATOM   543 C CA  . ASP A 1 67  ? -17.798 -6.992  7.680   1.00 53.78 ? 67  ASP A CA  1 
ATOM   544 C C   . ASP A 1 67  ? -17.674 -7.082  9.203   1.00 54.98 ? 67  ASP A C   1 
ATOM   545 O O   . ASP A 1 67  ? -18.129 -6.206  9.942   1.00 56.80 ? 67  ASP A O   1 
ATOM   546 C CB  . ASP A 1 67  ? -19.045 -7.726  7.196   1.00 59.74 ? 67  ASP A CB  1 
ATOM   547 C CG  . ASP A 1 67  ? -19.594 -7.145  5.896   1.00 69.49 ? 67  ASP A CG  1 
ATOM   548 O OD1 . ASP A 1 67  ? -19.778 -5.903  5.838   1.00 77.15 ? 67  ASP A OD1 1 
ATOM   549 O OD2 . ASP A 1 67  ? -19.838 -7.920  4.934   1.00 72.85 ? 67  ASP A OD2 1 
ATOM   550 N N   . SER A 1 68  ? -16.960 -8.112  9.647   1.00 55.24 ? 68  SER A N   1 
ATOM   551 C CA  . SER A 1 68  ? -16.665 -8.363  11.061  1.00 54.91 ? 68  SER A CA  1 
ATOM   552 C C   . SER A 1 68  ? -15.660 -7.325  11.633  1.00 53.35 ? 68  SER A C   1 
ATOM   553 O O   . SER A 1 68  ? -15.090 -7.531  12.719  1.00 55.58 ? 68  SER A O   1 
ATOM   554 C CB  . SER A 1 68  ? -16.097 -9.771  11.187  1.00 56.96 ? 68  SER A CB  1 
ATOM   555 O OG  . SER A 1 68  ? -16.543 -10.530 10.061  1.00 64.04 ? 68  SER A OG  1 
ATOM   556 N N   . GLY A 1 69  ? -15.355 -6.291  10.840  1.00 49.86 ? 69  GLY A N   1 
ATOM   557 C CA  . GLY A 1 69  ? -14.503 -5.210  11.292  1.00 43.83 ? 69  GLY A CA  1 
ATOM   558 C C   . GLY A 1 69  ? -13.023 -5.159  11.026  1.00 39.63 ? 69  GLY A C   1 
ATOM   559 O O   . GLY A 1 69  ? -12.454 -4.058  11.016  1.00 40.11 ? 69  GLY A O   1 
ATOM   560 N N   . GLY A 1 70  ? -12.392 -6.300  10.786  1.00 34.71 ? 70  GLY A N   1 
ATOM   561 C CA  . GLY A 1 70  ? -10.954 -6.268  10.578  1.00 30.44 ? 70  GLY A CA  1 
ATOM   562 C C   . GLY A 1 70  ? -10.433 -5.908  9.205   1.00 27.37 ? 70  GLY A C   1 
ATOM   563 O O   . GLY A 1 70  ? -11.138 -6.081  8.211   1.00 28.96 ? 70  GLY A O   1 
ATOM   564 N N   . PHE A 1 71  ? -9.216  -5.368  9.164   1.00 23.27 ? 71  PHE A N   1 
ATOM   565 C CA  . PHE A 1 71  ? -8.517  -5.040  7.917   1.00 19.56 ? 71  PHE A CA  1 
ATOM   566 C C   . PHE A 1 71  ? -7.272  -5.925  7.913   1.00 17.13 ? 71  PHE A C   1 
ATOM   567 O O   . PHE A 1 71  ? -6.657  -6.121  8.972   1.00 16.82 ? 71  PHE A O   1 
ATOM   568 C CB  . PHE A 1 71  ? -8.032  -3.596  7.903   1.00 18.83 ? 71  PHE A CB  1 
ATOM   569 C CG  . PHE A 1 71  ? -9.100  -2.617  7.660   1.00 20.12 ? 71  PHE A CG  1 
ATOM   570 C CD1 . PHE A 1 71  ? -9.938  -2.206  8.704   1.00 23.12 ? 71  PHE A CD1 1 
ATOM   571 C CD2 . PHE A 1 71  ? -9.293  -2.111  6.385   1.00 17.26 ? 71  PHE A CD2 1 
ATOM   572 C CE1 . PHE A 1 71  ? -10.964 -1.303  8.474   1.00 23.57 ? 71  PHE A CE1 1 
ATOM   573 C CE2 . PHE A 1 71  ? -10.313 -1.214  6.140   1.00 24.19 ? 71  PHE A CE2 1 
ATOM   574 C CZ  . PHE A 1 71  ? -11.156 -0.807  7.185   1.00 22.28 ? 71  PHE A CZ  1 
ATOM   575 N N   . TYR A 1 72  ? -6.915  -6.485  6.761   1.00 13.98 ? 72  TYR A N   1 
ATOM   576 C CA  . TYR A 1 72  ? -5.714  -7.309  6.684   1.00 11.55 ? 72  TYR A CA  1 
ATOM   577 C C   . TYR A 1 72  ? -5.263  -7.586  5.259   1.00 10.94 ? 72  TYR A C   1 
ATOM   578 O O   . TYR A 1 72  ? -6.019  -7.361  4.318   1.00 9.13  ? 72  TYR A O   1 
ATOM   579 C CB  . TYR A 1 72  ? -5.925  -8.644  7.431   1.00 9.18  ? 72  TYR A CB  1 
ATOM   580 C CG  . TYR A 1 72  ? -6.933  -9.564  6.783   1.00 13.56 ? 72  TYR A CG  1 
ATOM   581 C CD1 . TYR A 1 72  ? -6.590  -10.363 5.671   1.00 15.02 ? 72  TYR A CD1 1 
ATOM   582 C CD2 . TYR A 1 72  ? -8.234  -9.597  7.237   1.00 18.52 ? 72  TYR A CD2 1 
ATOM   583 C CE1 . TYR A 1 72  ? -7.527  -11.151 5.037   1.00 14.02 ? 72  TYR A CE1 1 
ATOM   584 C CE2 . TYR A 1 72  ? -9.178  -10.383 6.623   1.00 23.98 ? 72  TYR A CE2 1 
ATOM   585 C CZ  . TYR A 1 72  ? -8.820  -11.146 5.525   1.00 22.50 ? 72  TYR A CZ  1 
ATOM   586 O OH  . TYR A 1 72  ? -9.809  -11.844 4.906   1.00 30.26 ? 72  TYR A OH  1 
ATOM   587 N N   . ILE A 1 73  ? -3.970  -7.892  5.135   1.00 11.88 ? 73  ILE A N   1 
ATOM   588 C CA  . ILE A 1 73  ? -3.340  -8.340  3.892   1.00 12.51 ? 73  ILE A CA  1 
ATOM   589 C C   . ILE A 1 73  ? -3.369  -9.877  4.113   1.00 14.07 ? 73  ILE A C   1 
ATOM   590 O O   . ILE A 1 73  ? -3.859  -10.614 3.257   1.00 13.97 ? 73  ILE A O   1 
ATOM   591 C CB  . ILE A 1 73  ? -1.904  -7.814  3.722   1.00 7.81  ? 73  ILE A CB  1 
ATOM   592 C CG1 . ILE A 1 73  ? -1.922  -6.297  3.508   1.00 10.02 ? 73  ILE A CG1 1 
ATOM   593 C CG2 . ILE A 1 73  ? -1.245  -8.470  2.516   1.00 10.93 ? 73  ILE A CG2 1 
ATOM   594 C CD1 . ILE A 1 73  ? -0.573  -5.692  3.263   1.00 7.94  ? 73  ILE A CD1 1 
ATOM   595 N N   . THR A 1 74  ? -2.844  -10.364 5.251   1.00 14.31 ? 74  THR A N   1 
ATOM   596 C CA  . THR A 1 74  ? -2.947  -11.792 5.585   1.00 13.84 ? 74  THR A CA  1 
ATOM   597 C C   . THR A 1 74  ? -3.945  -11.957 6.748   1.00 15.16 ? 74  THR A C   1 
ATOM   598 O O   . THR A 1 74  ? -3.930  -11.179 7.702   1.00 14.49 ? 74  THR A O   1 
ATOM   599 C CB  . THR A 1 74  ? -1.608  -12.480 5.931   1.00 12.31 ? 74  THR A CB  1 
ATOM   600 O OG1 . THR A 1 74  ? -1.891  -13.806 6.428   1.00 13.17 ? 74  THR A OG1 1 
ATOM   601 C CG2 . THR A 1 74  ? -0.825  -11.688 6.973   1.00 12.99 ? 74  THR A CG2 1 
ATOM   602 N N   . SER A 1 75  ? -4.835  -12.946 6.654   1.00 16.25 ? 75  SER A N   1 
ATOM   603 C CA  . SER A 1 75  ? -5.854  -13.192 7.681   1.00 16.94 ? 75  SER A CA  1 
ATOM   604 C C   . SER A 1 75  ? -5.264  -13.425 9.070   1.00 17.73 ? 75  SER A C   1 
ATOM   605 O O   . SER A 1 75  ? -5.958  -13.216 10.076  1.00 16.84 ? 75  SER A O   1 
ATOM   606 C CB  . SER A 1 75  ? -6.747  -14.385 7.302   1.00 19.03 ? 75  SER A CB  1 
ATOM   607 O OG  . SER A 1 75  ? -5.975  -15.586 7.298   1.00 21.40 ? 75  SER A OG  1 
ATOM   608 N N   . ARG A 1 76  ? -3.991  -13.837 9.127   1.00 18.52 ? 76  ARG A N   1 
ATOM   609 C CA  . ARG A 1 76  ? -3.313  -14.095 10.405  1.00 19.46 ? 76  ARG A CA  1 
ATOM   610 C C   . ARG A 1 76  ? -2.944  -12.827 11.153  1.00 19.62 ? 76  ARG A C   1 
ATOM   611 O O   . ARG A 1 76  ? -2.873  -12.859 12.383  1.00 21.82 ? 76  ARG A O   1 
ATOM   612 C CB  . ARG A 1 76  ? -2.071  -14.977 10.215  1.00 24.67 ? 76  ARG A CB  1 
ATOM   613 C CG  . ARG A 1 76  ? -2.355  -16.119 9.248   1.00 41.77 ? 76  ARG A CG  1 
ATOM   614 C CD  . ARG A 1 76  ? -1.799  -17.483 9.668   1.00 57.48 ? 76  ARG A CD  1 
ATOM   615 N NE  . ARG A 1 76  ? -2.091  -18.509 8.636   1.00 69.96 ? 76  ARG A NE  1 
ATOM   616 C CZ  . ARG A 1 76  ? -1.590  -19.750 8.616   1.00 69.49 ? 76  ARG A CZ  1 
ATOM   617 N NH1 . ARG A 1 76  ? -0.761  -20.154 9.574   1.00 67.86 ? 76  ARG A NH1 1 
ATOM   618 N NH2 . ARG A 1 76  ? -1.873  -20.576 7.608   1.00 66.37 ? 76  ARG A NH2 1 
ATOM   619 N N   . THR A 1 77  ? -2.825  -11.703 10.446  1.00 15.66 ? 77  THR A N   1 
ATOM   620 C CA  . THR A 1 77  ? -2.462  -10.434 11.060  1.00 14.39 ? 77  THR A CA  1 
ATOM   621 C C   . THR A 1 77  ? -3.496  -9.366  10.720  1.00 13.53 ? 77  THR A C   1 
ATOM   622 O O   . THR A 1 77  ? -3.379  -8.705  9.682   1.00 15.76 ? 77  THR A O   1 
ATOM   623 C CB  . THR A 1 77  ? -1.099  -10.073 10.548  1.00 13.54 ? 77  THR A CB  1 
ATOM   624 O OG1 . THR A 1 77  ? -0.294  -11.257 10.665  1.00 16.08 ? 77  THR A OG1 1 
ATOM   625 C CG2 . THR A 1 77  ? -0.462  -8.896  11.326  1.00 9.78  ? 77  THR A CG2 1 
ATOM   626 N N   . GLN A 1 78  ? -4.486  -9.188  11.593  1.00 12.09 ? 78  GLN A N   1 
ATOM   627 C CA  . GLN A 1 78  ? -5.595  -8.261  11.374  1.00 13.68 ? 78  GLN A CA  1 
ATOM   628 C C   . GLN A 1 78  ? -5.547  -7.005  12.188  1.00 15.24 ? 78  GLN A C   1 
ATOM   629 O O   . GLN A 1 78  ? -4.957  -6.996  13.257  1.00 17.16 ? 78  GLN A O   1 
ATOM   630 C CB  . GLN A 1 78  ? -6.893  -8.948  11.678  1.00 14.98 ? 78  GLN A CB  1 
ATOM   631 C CG  . GLN A 1 78  ? -7.052  -10.214 10.918  1.00 14.93 ? 78  GLN A CG  1 
ATOM   632 C CD  . GLN A 1 78  ? -8.493  -10.682 10.821  1.00 20.38 ? 78  GLN A CD  1 
ATOM   633 O OE1 . GLN A 1 78  ? -8.737  -11.778 10.356  1.00 25.87 ? 78  GLN A OE1 1 
ATOM   634 N NE2 . GLN A 1 78  ? -9.441  -9.871  11.242  1.00 20.15 ? 78  GLN A NE2 1 
ATOM   635 N N   . PHE A 1 79  ? -6.188  -5.949  11.700  1.00 15.16 ? 79  PHE A N   1 
ATOM   636 C CA  . PHE A 1 79  ? -6.193  -4.675  12.412  1.00 17.44 ? 79  PHE A CA  1 
ATOM   637 C C   . PHE A 1 79  ? -7.601  -4.091  12.485  1.00 19.63 ? 79  PHE A C   1 
ATOM   638 O O   . PHE A 1 79  ? -8.466  -4.432  11.675  1.00 17.79 ? 79  PHE A O   1 
ATOM   639 C CB  . PHE A 1 79  ? -5.252  -3.677  11.732  1.00 15.68 ? 79  PHE A CB  1 
ATOM   640 C CG  . PHE A 1 79  ? -3.856  -4.185  11.580  1.00 15.76 ? 79  PHE A CG  1 
ATOM   641 C CD1 . PHE A 1 79  ? -3.490  -4.899  10.450  1.00 12.67 ? 79  PHE A CD1 1 
ATOM   642 C CD2 . PHE A 1 79  ? -2.945  -4.070  12.621  1.00 11.80 ? 79  PHE A CD2 1 
ATOM   643 C CE1 . PHE A 1 79  ? -2.235  -5.506  10.369  1.00 14.36 ? 79  PHE A CE1 1 
ATOM   644 C CE2 . PHE A 1 79  ? -1.694  -4.674  12.536  1.00 10.86 ? 79  PHE A CE2 1 
ATOM   645 C CZ  . PHE A 1 79  ? -1.342  -5.396  11.416  1.00 10.21 ? 79  PHE A CZ  1 
ATOM   646 N N   . ASN A 1 80  ? -7.835  -3.263  13.501  1.00 20.42 ? 80  ASN A N   1 
ATOM   647 C CA  . ASN A 1 80  ? -9.130  -2.611  13.688  1.00 23.31 ? 80  ASN A CA  1 
ATOM   648 C C   . ASN A 1 80  ? -9.331  -1.461  12.674  1.00 24.26 ? 80  ASN A C   1 
ATOM   649 O O   . ASN A 1 80  ? -10.456 -1.042  12.394  1.00 25.65 ? 80  ASN A O   1 
ATOM   650 C CB  . ASN A 1 80  ? -9.269  -2.093  15.122  1.00 24.68 ? 80  ASN A CB  1 
ATOM   651 C CG  . ASN A 1 80  ? -9.188  -3.213  16.152  1.00 31.48 ? 80  ASN A CG  1 
ATOM   652 O OD1 . ASN A 1 80  ? -9.732  -4.289  15.934  1.00 31.05 ? 80  ASN A OD1 1 
ATOM   653 N ND2 . ASN A 1 80  ? -8.500  -2.967  17.275  1.00 31.84 ? 80  ASN A ND2 1 
ATOM   654 N N   . SER A 1 81  ? -8.251  -0.962  12.098  1.00 21.29 ? 81  SER A N   1 
ATOM   655 C CA  . SER A 1 81  ? -8.404  0.094   11.139  1.00 20.91 ? 81  SER A CA  1 
ATOM   656 C C   . SER A 1 81  ? -7.300  0.024   10.114  1.00 20.80 ? 81  SER A C   1 
ATOM   657 O O   . SER A 1 81  ? -6.256  -0.593  10.339  1.00 19.92 ? 81  SER A O   1 
ATOM   658 C CB  . SER A 1 81  ? -8.363  1.430   11.848  1.00 18.15 ? 81  SER A CB  1 
ATOM   659 O OG  . SER A 1 81  ? -7.102  1.589   12.438  1.00 16.62 ? 81  SER A OG  1 
ATOM   660 N N   . LEU A 1 82  ? -7.563  0.647   8.969   1.00 21.81 ? 82  LEU A N   1 
ATOM   661 C CA  . LEU A 1 82  ? -6.607  0.721   7.869   1.00 20.66 ? 82  LEU A CA  1 
ATOM   662 C C   . LEU A 1 82  ? -5.381  1.490   8.380   1.00 19.90 ? 82  LEU A C   1 
ATOM   663 O O   . LEU A 1 82  ? -4.237  1.158   8.068   1.00 19.46 ? 82  LEU A O   1 
ATOM   664 C CB  . LEU A 1 82  ? -7.256  1.468   6.687   1.00 22.15 ? 82  LEU A CB  1 
ATOM   665 C CG  . LEU A 1 82  ? -6.539  1.494   5.342   1.00 22.01 ? 82  LEU A CG  1 
ATOM   666 C CD1 . LEU A 1 82  ? -6.309  0.078   4.828   1.00 20.92 ? 82  LEU A CD1 1 
ATOM   667 C CD2 . LEU A 1 82  ? -7.394  2.269   4.354   1.00 29.15 ? 82  LEU A CD2 1 
ATOM   668 N N   . GLN A 1 83  ? -5.636  2.505   9.204   1.00 19.48 ? 83  GLN A N   1 
ATOM   669 C CA  . GLN A 1 83  ? -4.576  3.326   9.775   1.00 19.87 ? 83  GLN A CA  1 
ATOM   670 C C   . GLN A 1 83  ? -3.618  2.503   10.630  1.00 18.02 ? 83  GLN A C   1 
ATOM   671 O O   . GLN A 1 83  ? -2.401  2.600   10.479  1.00 17.67 ? 83  GLN A O   1 
ATOM   672 C CB  . GLN A 1 83  ? -5.176  4.503   10.552  1.00 23.13 ? 83  GLN A CB  1 
ATOM   673 C CG  . GLN A 1 83  ? -5.972  5.478   9.648   1.00 29.39 ? 83  GLN A CG  1 
ATOM   674 C CD  . GLN A 1 83  ? -7.497  5.204   9.479   1.00 29.02 ? 83  GLN A CD  1 
ATOM   675 O OE1 . GLN A 1 83  ? -8.247  6.119   9.172   1.00 36.74 ? 83  GLN A OE1 1 
ATOM   676 N NE2 . GLN A 1 83  ? -7.936  3.988   9.686   1.00 23.80 ? 83  GLN A NE2 1 
ATOM   677 N N   . GLN A 1 84  ? -4.168  1.621   11.460  1.00 17.69 ? 84  GLN A N   1 
ATOM   678 C CA  . GLN A 1 84  ? -3.326  0.753   12.315  1.00 17.16 ? 84  GLN A CA  1 
ATOM   679 C C   . GLN A 1 84  ? -2.537  -0.218  11.447  1.00 14.00 ? 84  GLN A C   1 
ATOM   680 O O   . GLN A 1 84  ? -1.377  -0.525  11.747  1.00 13.32 ? 84  GLN A O   1 
ATOM   681 C CB  . GLN A 1 84  ? -4.178  -0.005  13.357  1.00 18.57 ? 84  GLN A CB  1 
ATOM   682 C CG  . GLN A 1 84  ? -4.693  0.884   14.505  1.00 24.95 ? 84  GLN A CG  1 
ATOM   683 C CD  . GLN A 1 84  ? -5.876  0.269   15.259  1.00 33.73 ? 84  GLN A CD  1 
ATOM   684 O OE1 . GLN A 1 84  ? -6.848  -0.205  14.661  1.00 41.65 ? 84  GLN A OE1 1 
ATOM   685 N NE2 . GLN A 1 84  ? -5.802  0.285   16.568  1.00 36.79 ? 84  GLN A NE2 1 
ATOM   686 N N   . LEU A 1 85  ? -3.157  -0.662  10.343  1.00 14.60 ? 85  LEU A N   1 
ATOM   687 C CA  . LEU A 1 85  ? -2.479  -1.572  9.404   1.00 13.21 ? 85  LEU A CA  1 
ATOM   688 C C   . LEU A 1 85  ? -1.271  -0.856  8.801   1.00 12.80 ? 85  LEU A C   1 
ATOM   689 O O   . LEU A 1 85  ? -0.162  -1.394  8.769   1.00 12.37 ? 85  LEU A O   1 
ATOM   690 C CB  . LEU A 1 85  ? -3.440  -2.066  8.300   1.00 9.24  ? 85  LEU A CB  1 
ATOM   691 C CG  . LEU A 1 85  ? -2.899  -3.051  7.230   1.00 13.28 ? 85  LEU A CG  1 
ATOM   692 C CD1 . LEU A 1 85  ? -4.004  -3.941  6.703   1.00 9.09  ? 85  LEU A CD1 1 
ATOM   693 C CD2 . LEU A 1 85  ? -2.267  -2.309  6.067   1.00 10.57 ? 85  LEU A CD2 1 
ATOM   694 N N   . VAL A 1 86  ? -1.476  0.380   8.361   1.00 13.32 ? 86  VAL A N   1 
ATOM   695 C CA  . VAL A 1 86  ? -0.403  1.127   7.757   1.00 12.95 ? 86  VAL A CA  1 
ATOM   696 C C   . VAL A 1 86  ? 0.684   1.337   8.788   1.00 15.10 ? 86  VAL A C   1 
ATOM   697 O O   . VAL A 1 86  ? 1.869   1.085   8.509   1.00 17.23 ? 86  VAL A O   1 
ATOM   698 C CB  . VAL A 1 86  ? -0.924  2.453   7.139   1.00 15.13 ? 86  VAL A CB  1 
ATOM   699 C CG1 . VAL A 1 86  ? 0.226   3.393   6.803   1.00 10.95 ? 86  VAL A CG1 1 
ATOM   700 C CG2 . VAL A 1 86  ? -1.727  2.148   5.849   1.00 15.15 ? 86  VAL A CG2 1 
ATOM   701 N N   . ALA A 1 87  ? 0.294   1.699   10.009  1.00 16.11 ? 87  ALA A N   1 
ATOM   702 C CA  . ALA A 1 87  ? 1.275   1.920   11.093  1.00 14.60 ? 87  ALA A CA  1 
ATOM   703 C C   . ALA A 1 87  ? 2.080   0.656   11.387  1.00 13.35 ? 87  ALA A C   1 
ATOM   704 O O   . ALA A 1 87  ? 3.298   0.709   11.478  1.00 14.31 ? 87  ALA A O   1 
ATOM   705 C CB  . ALA A 1 87  ? 0.572   2.427   12.355  1.00 14.33 ? 87  ALA A CB  1 
ATOM   706 N N   . TYR A 1 88  ? 1.430   -0.498  11.442  1.00 13.15 ? 88  TYR A N   1 
ATOM   707 C CA  . TYR A 1 88  ? 2.145   -1.742  11.689  1.00 10.83 ? 88  TYR A CA  1 
ATOM   708 C C   . TYR A 1 88  ? 3.133   -2.088  10.570  1.00 12.07 ? 88  TYR A C   1 
ATOM   709 O O   . TYR A 1 88  ? 4.265   -2.489  10.851  1.00 11.19 ? 88  TYR A O   1 
ATOM   710 C CB  . TYR A 1 88  ? 1.135   -2.860  11.972  1.00 9.88  ? 88  TYR A CB  1 
ATOM   711 C CG  . TYR A 1 88  ? 1.703   -4.253  12.027  1.00 13.10 ? 88  TYR A CG  1 
ATOM   712 C CD1 . TYR A 1 88  ? 1.924   -4.911  13.251  1.00 11.95 ? 88  TYR A CD1 1 
ATOM   713 C CD2 . TYR A 1 88  ? 2.050   -4.921  10.849  1.00 12.68 ? 88  TYR A CD2 1 
ATOM   714 C CE1 . TYR A 1 88  ? 2.496   -6.232  13.280  1.00 14.66 ? 88  TYR A CE1 1 
ATOM   715 C CE2 . TYR A 1 88  ? 2.615   -6.193  10.864  1.00 12.71 ? 88  TYR A CE2 1 
ATOM   716 C CZ  . TYR A 1 88  ? 2.841   -6.850  12.063  1.00 16.46 ? 88  TYR A CZ  1 
ATOM   717 O OH  . TYR A 1 88  ? 3.426   -8.108  11.995  1.00 16.40 ? 88  TYR A OH  1 
ATOM   718 N N   . TYR A 1 89  ? 2.754   -1.881  9.299   1.00 13.65 ? 89  TYR A N   1 
ATOM   719 C CA  . TYR A 1 89  ? 3.662   -2.185  8.166   1.00 13.42 ? 89  TYR A CA  1 
ATOM   720 C C   . TYR A 1 89  ? 4.763   -1.154  7.932   1.00 12.78 ? 89  TYR A C   1 
ATOM   721 O O   . TYR A 1 89  ? 5.652   -1.344  7.124   1.00 12.17 ? 89  TYR A O   1 
ATOM   722 C CB  . TYR A 1 89  ? 2.895   -2.540  6.868   1.00 13.18 ? 89  TYR A CB  1 
ATOM   723 C CG  . TYR A 1 89  ? 2.254   -3.909  6.954   1.00 10.51 ? 89  TYR A CG  1 
ATOM   724 C CD1 . TYR A 1 89  ? 0.872   -4.045  7.092   1.00 9.66  ? 89  TYR A CD1 1 
ATOM   725 C CD2 . TYR A 1 89  ? 3.030   -5.064  6.978   1.00 11.63 ? 89  TYR A CD2 1 
ATOM   726 C CE1 . TYR A 1 89  ? 0.288   -5.277  7.257   1.00 8.86  ? 89  TYR A CE1 1 
ATOM   727 C CE2 . TYR A 1 89  ? 2.443   -6.322  7.150   1.00 8.32  ? 89  TYR A CE2 1 
ATOM   728 C CZ  . TYR A 1 89  ? 1.085   -6.409  7.289   1.00 10.19 ? 89  TYR A CZ  1 
ATOM   729 O OH  . TYR A 1 89  ? 0.484   -7.633  7.485   1.00 12.48 ? 89  TYR A OH  1 
ATOM   730 N N   . SER A 1 90  ? 4.695   -0.050  8.663   1.00 16.57 ? 90  SER A N   1 
ATOM   731 C CA  . SER A 1 90  ? 5.748   0.954   8.598   1.00 17.26 ? 90  SER A CA  1 
ATOM   732 C C   . SER A 1 90  ? 6.918   0.505   9.479   1.00 19.95 ? 90  SER A C   1 
ATOM   733 O O   . SER A 1 90  ? 8.015   1.065   9.377   1.00 23.18 ? 90  SER A O   1 
ATOM   734 C CB  . SER A 1 90  ? 5.227   2.314   9.036   1.00 14.75 ? 90  SER A CB  1 
ATOM   735 O OG  . SER A 1 90  ? 4.203   2.759   8.150   1.00 18.00 ? 90  SER A OG  1 
ATOM   736 N N   . LYS A 1 91  ? 6.684   -0.475  10.365  1.00 20.24 ? 91  LYS A N   1 
ATOM   737 C CA  . LYS A 1 91  ? 7.751   -1.033  11.238  1.00 22.14 ? 91  LYS A CA  1 
ATOM   738 C C   . LYS A 1 91  ? 8.148   -2.477  10.907  1.00 21.06 ? 91  LYS A C   1 
ATOM   739 O O   . LYS A 1 91  ? 9.257   -2.908  11.212  1.00 21.60 ? 91  LYS A O   1 
ATOM   740 C CB  . LYS A 1 91  ? 7.379   -1.009  12.730  1.00 27.31 ? 91  LYS A CB  1 
ATOM   741 C CG  . LYS A 1 91  ? 7.661   0.304   13.486  1.00 38.52 ? 91  LYS A CG  1 
ATOM   742 C CD  . LYS A 1 91  ? 6.513   1.272   13.325  1.00 45.90 ? 91  LYS A CD  1 
ATOM   743 C CE  . LYS A 1 91  ? 5.217   0.489   13.226  1.00 51.82 ? 91  LYS A CE  1 
ATOM   744 N NZ  . LYS A 1 91  ? 4.502   0.175   14.481  1.00 53.20 ? 91  LYS A NZ  1 
ATOM   745 N N   . HIS A 1 92  ? 7.222   -3.253  10.360  1.00 19.80 ? 92  HIS A N   1 
ATOM   746 C CA  . HIS A 1 92  ? 7.523   -4.629  10.021  1.00 17.96 ? 92  HIS A CA  1 
ATOM   747 C C   . HIS A 1 92  ? 7.398   -4.827  8.529   1.00 17.27 ? 92  HIS A C   1 
ATOM   748 O O   . HIS A 1 92  ? 6.403   -4.448  7.948   1.00 17.98 ? 92  HIS A O   1 
ATOM   749 C CB  . HIS A 1 92  ? 6.552   -5.593  10.730  1.00 19.15 ? 92  HIS A CB  1 
ATOM   750 C CG  . HIS A 1 92  ? 6.313   -5.265  12.173  1.00 24.83 ? 92  HIS A CG  1 
ATOM   751 N ND1 . HIS A 1 92  ? 6.895   -5.979  13.203  1.00 24.86 ? 92  HIS A ND1 1 
ATOM   752 C CD2 . HIS A 1 92  ? 5.584   -4.278  12.759  1.00 21.94 ? 92  HIS A CD2 1 
ATOM   753 C CE1 . HIS A 1 92  ? 6.536   -5.439  14.356  1.00 23.98 ? 92  HIS A CE1 1 
ATOM   754 N NE2 . HIS A 1 92  ? 5.743   -4.407  14.115  1.00 22.90 ? 92  HIS A NE2 1 
ATOM   755 N N   . ALA A 1 93  ? 8.426   -5.386  7.910   1.00 18.32 ? 93  ALA A N   1 
ATOM   756 C CA  . ALA A 1 93  ? 8.384   -5.687  6.493   1.00 18.83 ? 93  ALA A CA  1 
ATOM   757 C C   . ALA A 1 93  ? 7.515   -6.958  6.355   1.00 18.40 ? 93  ALA A C   1 
ATOM   758 O O   . ALA A 1 93  ? 6.641   -7.023  5.496   1.00 19.32 ? 93  ALA A O   1 
ATOM   759 C CB  . ALA A 1 93  ? 9.777   -5.947  5.984   1.00 14.75 ? 93  ALA A CB  1 
ATOM   760 N N   . ASP A 1 94  ? 7.706   -7.932  7.251   1.00 16.96 ? 94  ASP A N   1 
ATOM   761 C CA  . ASP A 1 94  ? 6.959   -9.188  7.202   1.00 14.19 ? 94  ASP A CA  1 
ATOM   762 C C   . ASP A 1 94  ? 7.062   -9.740  5.800   1.00 14.25 ? 94  ASP A C   1 
ATOM   763 O O   . ASP A 1 94  ? 8.170   -9.941  5.314   1.00 15.67 ? 94  ASP A O   1 
ATOM   764 C CB  . ASP A 1 94  ? 5.495   -9.004  7.646   1.00 13.45 ? 94  ASP A CB  1 
ATOM   765 C CG  . ASP A 1 94  ? 5.355   -8.903  9.178   1.00 16.05 ? 94  ASP A CG  1 
ATOM   766 O OD1 . ASP A 1 94  ? 6.401   -8.823  9.854   1.00 15.17 ? 94  ASP A OD1 1 
ATOM   767 O OD2 . ASP A 1 94  ? 4.228   -8.918  9.724   1.00 15.87 ? 94  ASP A OD2 1 
ATOM   768 N N   . GLY A 1 95  ? 5.939   -9.970  5.127   1.00 16.17 ? 95  GLY A N   1 
ATOM   769 C CA  . GLY A 1 95  ? 6.016   -10.486 3.764   1.00 15.36 ? 95  GLY A CA  1 
ATOM   770 C C   . GLY A 1 95  ? 6.084   -9.441  2.647   1.00 15.24 ? 95  GLY A C   1 
ATOM   771 O O   . GLY A 1 95  ? 6.170   -9.785  1.461   1.00 16.02 ? 95  GLY A O   1 
ATOM   772 N N   . LEU A 1 96  ? 6.058   -8.162  3.007   1.00 15.84 ? 96  LEU A N   1 
ATOM   773 C CA  . LEU A 1 96  ? 6.094   -7.071  2.015   1.00 14.81 ? 96  LEU A CA  1 
ATOM   774 C C   . LEU A 1 96  ? 7.472   -6.864  1.450   1.00 12.69 ? 96  LEU A C   1 
ATOM   775 O O   . LEU A 1 96  ? 8.457   -7.280  2.039   1.00 13.55 ? 96  LEU A O   1 
ATOM   776 C CB  . LEU A 1 96  ? 5.586   -5.755  2.624   1.00 15.78 ? 96  LEU A CB  1 
ATOM   777 C CG  . LEU A 1 96  ? 4.240   -5.770  3.346   1.00 10.11 ? 96  LEU A CG  1 
ATOM   778 C CD1 . LEU A 1 96  ? 3.853   -4.332  3.681   1.00 13.93 ? 96  LEU A CD1 1 
ATOM   779 C CD2 . LEU A 1 96  ? 3.187   -6.426  2.508   1.00 10.72 ? 96  LEU A CD2 1 
ATOM   780 N N   . CYS A 1 97  ? 7.550   -6.220  0.301   1.00 12.75 ? 97  CYS A N   1 
ATOM   781 C CA  . CYS A 1 97  ? 8.831   -6.004  -0.339  1.00 13.30 ? 97  CYS A CA  1 
ATOM   782 C C   . CYS A 1 97  ? 9.719   -5.090  0.501   1.00 13.84 ? 97  CYS A C   1 
ATOM   783 O O   . CYS A 1 97  ? 10.953  -5.144  0.403   1.00 15.18 ? 97  CYS A O   1 
ATOM   784 C CB  . CYS A 1 97  ? 8.640   -5.432  -1.758  1.00 13.37 ? 97  CYS A CB  1 
ATOM   785 S SG  . CYS A 1 97  ? 7.724   -3.875  -1.854  1.00 15.33 ? 97  CYS A SG  1 
ATOM   786 N N   . HIS A 1 98  ? 9.101   -4.326  1.393   1.00 14.74 ? 98  HIS A N   1 
ATOM   787 C CA  . HIS A 1 98  ? 9.836   -3.400  2.230   1.00 13.66 ? 98  HIS A CA  1 
ATOM   788 C C   . HIS A 1 98  ? 8.857   -2.818  3.227   1.00 14.60 ? 98  HIS A C   1 
ATOM   789 O O   . HIS A 1 98  ? 7.648   -2.881  2.992   1.00 15.45 ? 98  HIS A O   1 
ATOM   790 C CB  . HIS A 1 98  ? 10.351  -2.291  1.334   1.00 13.80 ? 98  HIS A CB  1 
ATOM   791 C CG  . HIS A 1 98  ? 11.441  -1.494  1.952   1.00 12.09 ? 98  HIS A CG  1 
ATOM   792 N ND1 . HIS A 1 98  ? 11.208  -0.518  2.891   1.00 15.31 ? 98  HIS A ND1 1 
ATOM   793 C CD2 . HIS A 1 98  ? 12.783  -1.570  1.802   1.00 15.86 ? 98  HIS A CD2 1 
ATOM   794 C CE1 . HIS A 1 98  ? 12.363  -0.031  3.308   1.00 9.12  ? 98  HIS A CE1 1 
ATOM   795 N NE2 . HIS A 1 98  ? 13.329  -0.648  2.663   1.00 15.41 ? 98  HIS A NE2 1 
ATOM   796 N N   . ARG A 1 99  ? 9.334   -2.287  4.353   1.00 13.92 ? 99  ARG A N   1 
ATOM   797 C CA  . ARG A 1 99  ? 8.406   -1.658  5.300   1.00 14.79 ? 99  ARG A CA  1 
ATOM   798 C C   . ARG A 1 99  ? 7.984   -0.337  4.649   1.00 13.15 ? 99  ARG A C   1 
ATOM   799 O O   . ARG A 1 99  ? 8.718   0.173   3.798   1.00 12.96 ? 99  ARG A O   1 
ATOM   800 C CB  . ARG A 1 99  ? 9.055   -1.382  6.676   1.00 17.75 ? 99  ARG A CB  1 
ATOM   801 C CG  . ARG A 1 99  ? 10.075  -0.281  6.682   1.00 20.89 ? 99  ARG A CG  1 
ATOM   802 C CD  . ARG A 1 99  ? 10.511  0.112   8.105   1.00 28.63 ? 99  ARG A CD  1 
ATOM   803 N NE  . ARG A 1 99  ? 11.421  1.269   8.088   1.00 26.63 ? 99  ARG A NE  1 
ATOM   804 C CZ  . ARG A 1 99  ? 11.060  2.544   8.269   1.00 28.65 ? 99  ARG A CZ  1 
ATOM   805 N NH1 . ARG A 1 99  ? 9.787   2.884   8.519   1.00 26.28 ? 99  ARG A NH1 1 
ATOM   806 N NH2 . ARG A 1 99  ? 11.959  3.506   8.057   1.00 26.63 ? 99  ARG A NH2 1 
ATOM   807 N N   . LEU A 1 100 ? 6.803   0.176   4.997   1.00 14.05 ? 100 LEU A N   1 
ATOM   808 C CA  . LEU A 1 100 ? 6.313   1.450   4.442   1.00 14.34 ? 100 LEU A CA  1 
ATOM   809 C C   . LEU A 1 100 ? 7.162   2.580   5.037   1.00 15.31 ? 100 LEU A C   1 
ATOM   810 O O   . LEU A 1 100 ? 7.325   2.693   6.262   1.00 16.54 ? 100 LEU A O   1 
ATOM   811 C CB  . LEU A 1 100 ? 4.821   1.649   4.759   1.00 9.07  ? 100 LEU A CB  1 
ATOM   812 C CG  . LEU A 1 100 ? 4.001   0.394   4.442   1.00 12.10 ? 100 LEU A CG  1 
ATOM   813 C CD1 . LEU A 1 100 ? 2.509   0.561   4.819   1.00 7.76  ? 100 LEU A CD1 1 
ATOM   814 C CD2 . LEU A 1 100 ? 4.209   0.012   2.953   1.00 6.54  ? 100 LEU A CD2 1 
ATOM   815 N N   . THR A 1 101 ? 7.754   3.382   4.170   1.00 16.12 ? 101 THR A N   1 
ATOM   816 C CA  . THR A 1 101 ? 8.609   4.469   4.622   1.00 16.84 ? 101 THR A CA  1 
ATOM   817 C C   . THR A 1 101 ? 8.049   5.868   4.373   1.00 19.74 ? 101 THR A C   1 
ATOM   818 O O   . THR A 1 101 ? 7.787   6.625   5.304   1.00 22.26 ? 101 THR A O   1 
ATOM   819 C CB  . THR A 1 101 ? 9.996   4.394   3.953   1.00 14.61 ? 101 THR A CB  1 
ATOM   820 O OG1 . THR A 1 101 ? 9.839   4.429   2.526   1.00 15.65 ? 101 THR A OG1 1 
ATOM   821 C CG2 . THR A 1 101 ? 10.711  3.124   4.357   1.00 9.85  ? 101 THR A CG2 1 
ATOM   822 N N   . THR A 1 102 ? 7.835   6.204   3.110   1.00 19.46 ? 102 THR A N   1 
ATOM   823 C CA  . THR A 1 102 ? 7.378   7.534   2.760   1.00 19.49 ? 102 THR A CA  1 
ATOM   824 C C   . THR A 1 102 ? 6.102   7.549   1.875   1.00 15.90 ? 102 THR A C   1 
ATOM   825 O O   . THR A 1 102 ? 5.910   6.684   1.032   1.00 14.32 ? 102 THR A O   1 
ATOM   826 C CB  . THR A 1 102 ? 8.613   8.313   2.141   1.00 22.73 ? 102 THR A CB  1 
ATOM   827 O OG1 . THR A 1 102 ? 8.177   9.380   1.300   1.00 35.55 ? 102 THR A OG1 1 
ATOM   828 C CG2 . THR A 1 102 ? 9.492   7.392   1.349   1.00 22.07 ? 102 THR A CG2 1 
ATOM   829 N N   . VAL A 1 103 ? 5.176   8.446   2.174   1.00 14.04 ? 103 VAL A N   1 
ATOM   830 C CA  . VAL A 1 103 ? 3.963   8.555   1.372   1.00 14.92 ? 103 VAL A CA  1 
ATOM   831 C C   . VAL A 1 103 ? 4.358   9.008   -0.025  1.00 15.63 ? 103 VAL A C   1 
ATOM   832 O O   . VAL A 1 103 ? 5.241   9.863   -0.182  1.00 15.61 ? 103 VAL A O   1 
ATOM   833 C CB  . VAL A 1 103 ? 2.993   9.539   1.975   1.00 12.11 ? 103 VAL A CB  1 
ATOM   834 C CG1 . VAL A 1 103 ? 1.798   9.685   1.111   1.00 13.73 ? 103 VAL A CG1 1 
ATOM   835 C CG2 . VAL A 1 103 ? 2.564   9.039   3.353   1.00 17.17 ? 103 VAL A CG2 1 
ATOM   836 N N   . CYS A 1 104 ? 3.735   8.412   -1.036  1.00 14.63 ? 104 CYS A N   1 
ATOM   837 C CA  . CYS A 1 104 ? 4.036   8.749   -2.410  1.00 13.74 ? 104 CYS A CA  1 
ATOM   838 C C   . CYS A 1 104 ? 3.786   10.193  -2.753  1.00 14.96 ? 104 CYS A C   1 
ATOM   839 O O   . CYS A 1 104 ? 2.732   10.730  -2.472  1.00 12.82 ? 104 CYS A O   1 
ATOM   840 C CB  . CYS A 1 104 ? 3.210   7.923   -3.370  1.00 13.53 ? 104 CYS A CB  1 
ATOM   841 S SG  . CYS A 1 104 ? 3.861   8.030   -5.073  1.00 16.13 ? 104 CYS A SG  1 
ATOM   842 N N   . PRO A 1 105 ? 4.782   10.868  -3.294  1.00 15.87 ? 105 PRO A N   1 
ATOM   843 C CA  . PRO A 1 105 ? 4.621   12.250  -3.676  1.00 19.46 ? 105 PRO A CA  1 
ATOM   844 C C   . PRO A 1 105 ? 3.753   12.276  -4.933  1.00 23.85 ? 105 PRO A C   1 
ATOM   845 O O   . PRO A 1 105 ? 3.856   11.389  -5.793  1.00 22.89 ? 105 PRO A O   1 
ATOM   846 C CB  . PRO A 1 105 ? 6.027   12.671  -4.086  1.00 20.58 ? 105 PRO A CB  1 
ATOM   847 C CG  . PRO A 1 105 ? 6.939   11.672  -3.448  1.00 21.28 ? 105 PRO A CG  1 
ATOM   848 C CD  . PRO A 1 105 ? 6.173   10.405  -3.520  1.00 18.84 ? 105 PRO A CD  1 
ATOM   849 N N   . THR A 1 106 ? 2.949   13.313  -5.049  1.00 29.42 ? 106 THR A N   1 
ATOM   850 C CA  . THR A 1 106 ? 2.111   13.573  -6.224  1.00 35.93 ? 106 THR A CA  1 
ATOM   851 C C   . THR A 1 106 ? 2.988   14.058  -7.419  1.00 39.67 ? 106 THR A C   1 
ATOM   852 O O   . THR A 1 106 ? 3.852   14.954  -7.197  1.00 45.69 ? 106 THR A O   1 
ATOM   853 C CB  . THR A 1 106 ? 1.142   14.672  -5.874  1.00 39.04 ? 106 THR A CB  1 
ATOM   854 O OG1 . THR A 1 106 ? 0.204   14.162  -4.923  1.00 48.02 ? 106 THR A OG1 1 
ATOM   855 C CG2 . THR A 1 106 ? 0.432   15.214  -7.105  1.00 45.85 ? 106 THR A CG2 1 
HETATM 856 C C1  . 299 B 2 .   ? -2.133  -6.903  -7.426  1.00 50.82 ? 300 299 A C1  1 
HETATM 857 C C2  . 299 B 2 .   ? -2.231  -7.096  -6.018  1.00 45.09 ? 300 299 A C2  1 
HETATM 858 C C3  . 299 B 2 .   ? -3.059  -6.184  -5.301  1.00 40.02 ? 300 299 A C3  1 
HETATM 859 C C4  . 299 B 2 .   ? -3.837  -5.188  -5.947  1.00 35.35 ? 300 299 A C4  1 
HETATM 860 C C5  . 299 B 2 .   ? -3.740  -5.013  -7.354  1.00 43.58 ? 300 299 A C5  1 
HETATM 861 C C6  . 299 B 2 .   ? -2.856  -5.851  -8.103  1.00 50.04 ? 300 299 A C6  1 
HETATM 862 C C7  . 299 B 2 .   ? -1.460  -8.187  -5.383  1.00 44.54 ? 300 299 A C7  1 
HETATM 863 C C11 . 299 B 2 .   ? -4.665  -4.345  -5.116  1.00 29.27 ? 300 299 A C11 1 
HETATM 864 C C12 . 299 B 2 .   ? -2.547  -5.645  -9.535  1.00 52.64 ? 300 299 A C12 1 
HETATM 865 O O13 . 299 B 2 .   ? -4.371  -3.936  -8.037  1.00 46.78 ? 300 299 A O13 1 
HETATM 866 P P14 . 299 B 2 .   ? -5.792  -4.032  -8.573  1.00 43.40 ? 300 299 A P14 1 
HETATM 867 O O15 . 299 B 2 .   ? -6.023  -2.638  -9.087  1.00 47.39 ? 300 299 A O15 1 
HETATM 868 O O16 . 299 B 2 .   ? -6.795  -4.300  -7.465  1.00 46.35 ? 300 299 A O16 1 
HETATM 869 O O17 . 299 B 2 .   ? -5.913  -4.967  -9.676  1.00 54.75 ? 300 299 A O17 1 
HETATM 870 O O20 . 299 B 2 .   ? -6.019  -4.361  -4.893  1.00 32.65 ? 300 299 A O20 1 
HETATM 871 O O22 . 299 B 2 .   ? -1.423  -5.383  -9.950  1.00 55.23 ? 300 299 A O22 1 
HETATM 872 O O   . HOH C 3 .   ? 13.863  3.430   2.273   1.00 10.36 ? 301 HOH A O   1 
HETATM 873 O O   . HOH C 3 .   ? 12.201  -7.072  -1.153  1.00 19.50 ? 302 HOH A O   1 
HETATM 874 O O   . HOH C 3 .   ? 2.235   -9.704  8.089   1.00 18.08 ? 303 HOH A O   1 
HETATM 875 O O   . HOH C 3 .   ? -6.036  6.892   -12.384 1.00 16.82 ? 304 HOH A O   1 
HETATM 876 O O   . HOH C 3 .   ? 11.861  2.155   -4.345  1.00 17.55 ? 305 HOH A O   1 
HETATM 877 O O   . HOH C 3 .   ? 14.557  3.636   -5.343  1.00 19.54 ? 306 HOH A O   1 
HETATM 878 O O   . HOH C 3 .   ? -0.682  9.332   8.440   1.00 31.80 ? 307 HOH A O   1 
HETATM 879 O O   . HOH C 3 .   ? -4.925  -3.120  -14.563 1.00 42.96 ? 308 HOH A O   1 
HETATM 880 O O   . HOH C 3 .   ? -4.424  -9.997  0.782   1.00 18.00 ? 309 HOH A O   1 
HETATM 881 O O   . HOH C 3 .   ? -8.757  -3.906  -14.429 1.00 24.04 ? 310 HOH A O   1 
HETATM 882 O O   . HOH C 3 .   ? 0.306   -11.448 13.677  1.00 19.87 ? 311 HOH A O   1 
HETATM 883 O O   . HOH C 3 .   ? 2.084   -9.658  13.995  1.00 20.33 ? 312 HOH A O   1 
HETATM 884 O O   . HOH C 3 .   ? 4.055   3.188   13.330  1.00 42.23 ? 313 HOH A O   1 
HETATM 885 O O   . HOH C 3 .   ? 1.894   -12.070 9.443   1.00 15.60 ? 314 HOH A O   1 
HETATM 886 O O   . HOH C 3 .   ? 8.502   -10.039 -0.125  1.00 23.02 ? 315 HOH A O   1 
HETATM 887 O O   . HOH C 3 .   ? 6.880   7.210   -13.349 1.00 25.61 ? 316 HOH A O   1 
HETATM 888 O O   . HOH C 3 .   ? 4.897   5.656   7.756   1.00 46.48 ? 317 HOH A O   1 
HETATM 889 O O   . HOH C 3 .   ? 7.199   -2.731  -11.488 1.00 27.04 ? 318 HOH A O   1 
HETATM 890 O O   . HOH C 3 .   ? 2.482   0.810   -15.494 1.00 19.88 ? 319 HOH A O   1 
HETATM 891 O O   . HOH C 3 .   ? 3.063   3.371   -15.446 1.00 28.81 ? 320 HOH A O   1 
HETATM 892 O O   . HOH C 3 .   ? -1.023  1.802   15.634  1.00 28.55 ? 321 HOH A O   1 
HETATM 893 O O   . HOH C 3 .   ? -9.801  2.547   -9.573  1.00 36.84 ? 322 HOH A O   1 
HETATM 894 O O   . HOH C 3 .   ? -12.090 1.614   -8.302  1.00 42.83 ? 323 HOH A O   1 
HETATM 895 O O   . HOH C 3 .   ? 14.223  -5.975  -3.576  1.00 52.86 ? 324 HOH A O   1 
HETATM 896 O O   . HOH C 3 .   ? 3.568   12.182  5.216   1.00 55.59 ? 325 HOH A O   1 
HETATM 897 O O   . HOH C 3 .   ? -2.147  6.770   -15.647 1.00 23.39 ? 326 HOH A O   1 
HETATM 898 O O   . HOH C 3 .   ? 5.568   10.636  -7.544  1.00 22.98 ? 327 HOH A O   1 
HETATM 899 O O   . HOH C 3 .   ? 6.589   10.006  -11.688 1.00 30.27 ? 328 HOH A O   1 
HETATM 900 O O   . HOH C 3 .   ? -2.548  7.216   9.591   1.00 37.54 ? 329 HOH A O   1 
HETATM 901 O O   . HOH C 3 .   ? -7.294  11.259  0.527   1.00 47.31 ? 330 HOH A O   1 
HETATM 902 O O   . HOH C 3 .   ? -8.659  0.286   17.551  1.00 66.49 ? 331 HOH A O   1 
HETATM 903 O O   . HOH C 3 .   ? 10.113  -5.883  -5.534  1.00 24.78 ? 332 HOH A O   1 
HETATM 904 O O   . HOH C 3 .   ? 1.826   13.001  -1.562  1.00 35.53 ? 333 HOH A O   1 
HETATM 905 O O   . HOH C 3 .   ? 13.541  -0.322  6.889   1.00 32.60 ? 334 HOH A O   1 
HETATM 906 O O   . HOH C 3 .   ? 3.613   -5.736  -9.633  1.00 66.44 ? 335 HOH A O   1 
HETATM 907 O O   . HOH C 3 .   ? 9.790   12.968  -5.836  1.00 46.74 ? 336 HOH A O   1 
HETATM 908 O O   . HOH C 3 .   ? -1.173  5.139   10.502  1.00 40.26 ? 337 HOH A O   1 
HETATM 909 O O   . HOH C 3 .   ? 5.880   10.604  4.592   1.00 27.79 ? 338 HOH A O   1 
HETATM 910 O O   . HOH C 3 .   ? 12.607  9.178   -12.305 1.00 35.55 ? 339 HOH A O   1 
HETATM 911 O O   . HOH C 3 .   ? 8.029   -5.729  -9.202  1.00 36.74 ? 340 HOH A O   1 
HETATM 912 O O   . HOH C 3 .   ? 2.070   13.634  3.252   1.00 48.92 ? 341 HOH A O   1 
HETATM 913 O O   . HOH C 3 .   ? -1.245  13.126  -0.695  1.00 40.92 ? 342 HOH A O   1 
HETATM 914 O O   . HOH C 3 .   ? -0.304  -18.793 5.415   1.00 45.90 ? 343 HOH A O   1 
HETATM 915 O O   . HOH C 3 .   ? 14.556  2.636   5.536   1.00 55.95 ? 344 HOH A O   1 
HETATM 916 O O   . HOH C 3 .   ? 5.401   12.888  0.896   1.00 48.11 ? 345 HOH A O   1 
HETATM 917 O O   . HOH C 3 .   ? 1.456   -21.250 9.256   1.00 57.08 ? 346 HOH A O   1 
HETATM 918 O O   . HOH C 3 .   ? 2.888   -10.607 1.106   1.00 60.59 ? 347 HOH A O   1 
HETATM 919 O O   . HOH C 3 .   ? -9.716  1.890   15.633  1.00 35.59 ? 348 HOH A O   1 
HETATM 920 O O   . HOH C 3 .   ? -6.409  -17.236 9.637   1.00 63.09 ? 349 HOH A O   1 
HETATM 921 O O   . HOH C 3 .   ? -8.357  10.980  -2.253  1.00 46.90 ? 350 HOH A O   1 
HETATM 922 O O   . HOH C 3 .   ? 15.081  -3.005  3.677   1.00 27.93 ? 351 HOH A O   1 
HETATM 923 O O   . HOH C 3 .   ? 2.751   -9.009  -5.056  1.00 46.12 ? 352 HOH A O   1 
HETATM 924 O O   . HOH C 3 .   ? -9.934  8.737   -10.988 1.00 66.26 ? 353 HOH A O   1 
HETATM 925 O O   . HOH C 3 .   ? 9.126   9.721   -13.719 1.00 99.54 ? 354 HOH A O   1 
HETATM 926 O O   . HOH C 3 .   ? 2.071   -11.388 3.442   1.00 29.71 ? 355 HOH A O   1 
HETATM 927 O O   . HOH C 3 .   ? -6.369  -14.343 13.253  1.00 51.36 ? 356 HOH A O   1 
HETATM 928 O O   . HOH C 3 .   ? -2.959  -14.364 14.789  1.00 45.00 ? 357 HOH A O   1 
HETATM 929 O O   . HOH C 3 .   ? -13.132 1.018   13.421  1.00 78.83 ? 358 HOH A O   1 
HETATM 930 O O   . HOH C 3 .   ? 8.150   10.863  -6.937  1.00 35.82 ? 359 HOH A O   1 
HETATM 931 O O   . HOH C 3 .   ? -3.322  11.181  -9.210  1.00 39.34 ? 360 HOH A O   1 
HETATM 932 O O   . HOH C 3 .   ? -15.177 2.846   -7.511  1.00 40.25 ? 361 HOH A O   1 
HETATM 933 O O   . HOH C 3 .   ? -0.173  6.797   -17.330 1.00 31.47 ? 362 HOH A O   1 
HETATM 934 O O   . HOH C 3 .   ? -14.907 6.148   -5.968  1.00 54.46 ? 363 HOH A O   1 
HETATM 935 O O   . HOH C 3 .   ? -15.491 2.150   -3.123  1.00 62.89 ? 364 HOH A O   1 
HETATM 936 O O   . HOH C 3 .   ? 4.582   -10.450 -3.359  1.00 47.03 ? 365 HOH A O   1 
HETATM 937 O O   . HOH C 3 .   ? -4.660  -10.956 13.725  1.00 16.75 ? 366 HOH A O   1 
HETATM 938 O O   . HOH C 3 .   ? 5.247   -9.973  -6.336  1.00 73.09 ? 367 HOH A O   1 
HETATM 939 O O   . HOH C 3 .   ? 6.606   -8.809  -1.980  1.00 21.58 ? 368 HOH A O   1 
HETATM 940 O O   . HOH C 3 .   ? 8.819   -9.019  11.412  1.00 54.01 ? 369 HOH A O   1 
HETATM 941 O O   . HOH C 3 .   ? 15.545  5.412   -6.979  1.00 27.14 ? 370 HOH A O   1 
HETATM 942 O O   . HOH C 3 .   ? 9.797   10.271  -2.467  1.00 36.71 ? 371 HOH A O   1 
HETATM 943 O O   . HOH C 3 .   ? 5.037   10.611  -15.514 1.00 35.74 ? 372 HOH A O   1 
HETATM 944 O O   . HOH C 3 .   ? -2.129  -9.296  -1.865  1.00 32.68 ? 373 HOH A O   1 
HETATM 945 O O   . HOH C 3 .   ? 16.278  -0.247  2.290   1.00 26.38 ? 374 HOH A O   1 
HETATM 946 O O   . HOH C 3 .   ? -11.492 8.665   -4.464  1.00 47.64 ? 375 HOH A O   1 
HETATM 947 O O   . HOH C 3 .   ? -12.044 6.220   -2.513  1.00 44.36 ? 376 HOH A O   1 
HETATM 948 O O   . HOH C 3 .   ? -12.586 7.844   -12.313 1.00 38.18 ? 377 HOH A O   1 
HETATM 949 O O   . HOH C 3 .   ? -4.470  -5.104  15.659  1.00 15.26 ? 378 HOH A O   1 
HETATM 950 O O   . HOH C 3 .   ? 5.428   11.771  -10.163 1.00 42.13 ? 379 HOH A O   1 
HETATM 951 O O   . HOH C 3 .   ? 14.620  10.968  -2.172  1.00 24.02 ? 380 HOH A O   1 
HETATM 952 O O   . HOH C 3 .   ? 13.210  -4.832  -6.114  1.00 54.60 ? 381 HOH A O   1 
HETATM 953 O O   . HOH C 3 .   ? 2.585   -17.626 4.550   1.00 47.26 ? 382 HOH A O   1 
HETATM 954 O O   . HOH C 3 .   ? 2.511   -6.989  -7.400  1.00 20.56 ? 383 HOH A O   1 
HETATM 955 O O   . HOH C 3 .   ? -2.189  -8.368  7.364   1.00 8.16  ? 384 HOH A O   1 
HETATM 956 O O   . HOH C 3 .   ? -9.919  2.636   8.723   1.00 26.03 ? 385 HOH A O   1 
HETATM 957 O O   . HOH C 3 .   ? -3.518  1.584   17.871  1.00 64.84 ? 386 HOH A O   1 
HETATM 958 O O   . HOH C 3 .   ? 9.281   -9.650  2.898   1.00 12.48 ? 387 HOH A O   1 
HETATM 959 O O   . HOH C 3 .   ? -15.768 1.149   1.944   1.00 75.58 ? 388 HOH A O   1 
HETATM 960 O O   . HOH C 3 .   ? -5.320  10.938  -6.405  1.00 39.80 ? 389 HOH A O   1 
HETATM 961 O O   . HOH C 3 .   ? -9.006  10.263  -7.340  1.00 55.12 ? 390 HOH A O   1 
HETATM 962 O O   . HOH C 3 .   ? 2.938   5.841   -16.974 1.00 53.51 ? 391 HOH A O   1 
HETATM 963 O O   . HOH C 3 .   ? 15.986  14.882  -8.359  1.00 67.26 ? 392 HOH A O   1 
HETATM 964 O O   . HOH C 3 .   ? -12.453 -6.923  1.562   1.00 35.82 ? 393 HOH A O   1 
HETATM 965 O O   . HOH C 3 .   ? 11.580  -4.494  -12.839 1.00 42.55 ? 394 HOH A O   1 
HETATM 966 O O   . HOH C 3 .   ? -6.291  -10.067 -5.431  1.00 73.24 ? 395 HOH A O   1 
HETATM 967 O O   . HOH C 3 .   ? -6.043  -3.041  15.697  1.00 23.70 ? 396 HOH A O   1 
HETATM 968 O O   . HOH C 3 .   ? 18.247  -1.819  3.291   1.00 53.09 ? 397 HOH A O   1 
HETATM 969 O O   . HOH C 3 .   ? 14.440  -3.685  0.031   1.00 29.33 ? 398 HOH A O   1 
HETATM 970 O O   . HOH C 3 .   ? 16.766  -1.395  6.271   1.00 50.41 ? 399 HOH A O   1 
HETATM 971 O O   . HOH C 3 .   ? 9.425   -10.724 13.440  1.00 38.44 ? 400 HOH A O   1 
HETATM 972 O O   . HOH C 3 .   ? 7.762   -5.414  -11.970 1.00 55.44 ? 401 HOH A O   1 
HETATM 973 O O   . HOH C 3 .   ? -12.833 10.914  -11.092 1.00 41.47 ? 402 HOH A O   1 
HETATM 974 O O   . HOH C 3 .   ? 10.367  2.809   -14.898 1.00 86.90 ? 403 HOH A O   1 
HETATM 975 O O   . HOH C 3 .   ? -3.764  12.366  -1.584  1.00 56.19 ? 404 HOH A O   1 
HETATM 976 O O   . HOH C 3 .   ? -8.324  10.547  -11.905 1.00 47.88 ? 405 HOH A O   1 
HETATM 977 O O   . HOH C 3 .   ? -0.456  -19.069 12.149  1.00 75.60 ? 406 HOH A O   1 
HETATM 978 O O   . HOH C 3 .   ? 0.288   13.474  -9.961  1.00 56.67 ? 407 HOH A O   1 
HETATM 979 O O   . HOH C 3 .   ? -15.872 0.129   -7.048  1.00 74.48 ? 408 HOH A O   1 
HETATM 980 O O   . HOH C 3 .   ? 5.564   3.591   -15.899 1.00 55.55 ? 409 HOH A O   1 
HETATM 981 O O   . HOH C 3 .   ? 6.057   0.522   -16.052 1.00 80.85 ? 410 HOH A O   1 
HETATM 982 O O   . HOH C 3 .   ? 0.235   9.944   -17.640 1.00 46.53 ? 411 HOH A O   1 
HETATM 983 O O   . HOH C 3 .   ? 13.156  -9.194  -14.017 1.00 81.94 ? 412 HOH A O   1 
HETATM 984 O O   . HOH C 3 .   ? -11.994 1.984   10.795  1.00 51.92 ? 413 HOH A O   1 
HETATM 985 O O   . HOH C 3 .   ? -6.796  4.057   14.161  1.00 46.50 ? 414 HOH A O   1 
HETATM 986 O O   . HOH C 3 .   ? -17.819 -10.691 6.811   1.00 45.00 ? 415 HOH A O   1 
HETATM 987 O O   . HOH C 3 .   ? 3.102   -10.038 5.454   1.00 19.28 ? 416 HOH A O   1 
HETATM 988 O O   . HOH C 3 .   ? 4.194   -10.570 -9.700  1.00 55.08 ? 417 HOH A O   1 
HETATM 989 O O   . HOH C 3 .   ? 3.196   13.535  -11.410 1.00 47.38 ? 418 HOH A O   1 
# 
